data_2X5K
#
_entry.id   2X5K
#
_cell.length_a   134.810
_cell.length_b   134.810
_cell.length_c   246.110
_cell.angle_alpha   90.00
_cell.angle_beta   90.00
_cell.angle_gamma   90.00
#
_symmetry.space_group_name_H-M   'P 41 21 2'
#
loop_
_entity.id
_entity.type
_entity.pdbx_description
1 polymer 'D-ERYTHROSE-4-PHOSPHATE DEHYDROGENASE'
2 non-polymer GLYCEROL
3 non-polymer 1,2-ETHANEDIOL
4 non-polymer 'TETRAETHYLENE GLYCOL'
5 non-polymer 'CHLORIDE ION'
6 non-polymer 'TRIETHYLENE GLYCOL'
7 non-polymer DI(HYDROXYETHYL)ETHER
8 water water
#
_entity_poly.entity_id   1
_entity_poly.type   'polypeptide(L)'
_entity_poly.pdbx_seq_one_letter_code
;MTVRVAINGFGRIGRNVVRALYESGRRAEITVVAINELADAAGMAHLLKYDTSHGRFAWEVRQERDQLFVGDDAIRVLHE
RSLQSLPWRELGVDVVLDCTGVYGSREHGEAHIAAGAKKVLFSHPGSNDLDATVVYGVNQDQLRAEHRIVSNASATTNSI
IPVIKLLDDAYGIESGTVTTIHSAMHDQQVIDAYHPDLRRTRAASQSIIPVDTKLAAGITRFFPQFNDRFEAIAVRVPTI
NVTAIDLSVTVKKPVKANEVNLLLQKAAQGAFHGIVDYTELPLVSVDFNHDPHSAIVDGTQTRVSGAHLIKTLVWCDNEW
GFANRMLDTTLAMATVAFR
;
_entity_poly.pdbx_strand_id   O,P,Q,R
#
loop_
_chem_comp.id
_chem_comp.type
_chem_comp.name
_chem_comp.formula
CL non-polymer 'CHLORIDE ION' 'Cl -1'
EDO non-polymer 1,2-ETHANEDIOL 'C2 H6 O2'
GOL non-polymer GLYCEROL 'C3 H8 O3'
PEG non-polymer DI(HYDROXYETHYL)ETHER 'C4 H10 O3'
PG4 non-polymer 'TETRAETHYLENE GLYCOL' 'C8 H18 O5'
PGE non-polymer 'TRIETHYLENE GLYCOL' 'C6 H14 O4'
#
# COMPACT_ATOMS: atom_id res chain seq x y z
N THR A 2 10.22 40.97 14.39
CA THR A 2 9.81 39.54 14.36
C THR A 2 10.52 38.83 15.52
N VAL A 3 9.91 37.76 16.00
CA VAL A 3 10.57 36.76 16.82
C VAL A 3 11.68 36.10 15.97
N ARG A 4 12.92 36.16 16.42
CA ARG A 4 13.97 35.45 15.70
C ARG A 4 14.11 33.99 16.19
N VAL A 5 13.90 32.98 15.32
CA VAL A 5 13.98 31.60 15.75
C VAL A 5 15.11 30.83 15.05
N ALA A 6 15.67 29.86 15.72
CA ALA A 6 16.57 28.94 15.02
C ALA A 6 15.95 27.55 15.15
N ILE A 7 16.15 26.72 14.14
CA ILE A 7 15.70 25.35 14.19
C ILE A 7 16.86 24.39 14.34
N ASN A 8 16.83 23.57 15.39
CA ASN A 8 17.84 22.55 15.53
C ASN A 8 17.23 21.27 15.09
N GLY A 9 17.72 20.72 13.98
CA GLY A 9 17.18 19.49 13.41
C GLY A 9 16.35 19.79 12.17
N PHE A 10 16.65 19.19 11.02
CA PHE A 10 15.93 19.47 9.81
C PHE A 10 15.40 18.17 9.22
N GLY A 11 14.85 17.31 10.08
CA GLY A 11 14.10 16.18 9.50
C GLY A 11 12.68 16.61 9.23
N ARG A 12 11.76 15.66 9.21
CA ARG A 12 10.38 15.97 8.76
C ARG A 12 9.83 17.15 9.53
N ILE A 13 9.95 17.13 10.87
CA ILE A 13 9.33 18.16 11.75
C ILE A 13 9.91 19.55 11.51
N GLY A 14 11.23 19.65 11.50
CA GLY A 14 11.86 20.90 11.28
C GLY A 14 11.54 21.42 9.90
N ARG A 15 11.52 20.58 8.89
CA ARG A 15 11.16 21.05 7.49
C ARG A 15 9.68 21.49 7.40
N ASN A 16 8.80 20.71 8.01
CA ASN A 16 7.41 21.12 8.08
C ASN A 16 7.21 22.39 8.87
N VAL A 17 8.01 22.63 9.91
CA VAL A 17 7.84 23.88 10.67
C VAL A 17 8.10 25.06 9.73
N VAL A 18 9.19 24.95 8.98
CA VAL A 18 9.53 25.95 8.00
C VAL A 18 8.48 26.16 6.90
N ARG A 19 7.95 25.07 6.34
CA ARG A 19 6.83 25.15 5.40
C ARG A 19 5.63 25.83 6.08
N ALA A 20 5.28 25.41 7.31
CA ALA A 20 4.08 25.96 7.93
C ALA A 20 4.26 27.47 8.18
N LEU A 21 5.50 27.91 8.50
CA LEU A 21 5.81 29.35 8.72
C LEU A 21 5.43 30.20 7.52
N TYR A 22 5.82 29.77 6.30
CA TYR A 22 5.46 30.53 5.07
C TYR A 22 3.98 30.37 4.66
N GLU A 23 3.49 29.13 4.65
CA GLU A 23 2.15 28.88 4.17
C GLU A 23 1.08 29.55 5.03
N SER A 24 1.34 29.73 6.33
CA SER A 24 0.34 30.17 7.29
C SER A 24 0.35 31.71 7.47
N GLY A 25 1.33 32.38 6.87
CA GLY A 25 1.51 33.81 7.08
C GLY A 25 2.18 34.18 8.42
N ARG A 26 2.53 33.22 9.27
CA ARG A 26 3.28 33.53 10.51
C ARG A 26 4.67 34.20 10.23
N ARG A 27 5.09 34.16 8.99
CA ARG A 27 6.29 34.84 8.57
C ARG A 27 6.18 36.33 8.84
N ALA A 28 4.96 36.84 8.99
CA ALA A 28 4.84 38.24 9.38
C ALA A 28 5.29 38.46 10.86
N GLU A 29 5.29 37.40 11.69
CA GLU A 29 5.64 37.54 13.13
C GLU A 29 6.96 36.88 13.46
N ILE A 30 7.35 35.90 12.66
CA ILE A 30 8.46 35.06 12.95
C ILE A 30 9.37 35.00 11.73
N THR A 31 10.68 35.10 11.99
CA THR A 31 11.80 34.90 11.05
C THR A 31 12.67 33.68 11.51
N VAL A 32 12.86 32.72 10.60
CA VAL A 32 13.85 31.65 10.89
C VAL A 32 15.23 32.22 10.49
N VAL A 33 16.15 32.38 11.46
CA VAL A 33 17.48 32.98 11.14
C VAL A 33 18.58 31.94 10.84
N ALA A 34 18.38 30.70 11.35
CA ALA A 34 19.33 29.64 11.14
C ALA A 34 18.70 28.25 11.30
N ILE A 35 19.28 27.28 10.58
CA ILE A 35 18.89 25.91 10.73
C ILE A 35 20.17 25.08 10.96
N ASN A 36 20.16 24.23 11.99
CA ASN A 36 21.29 23.34 12.22
C ASN A 36 20.95 21.89 11.95
N GLU A 37 21.78 21.22 11.13
CA GLU A 37 21.58 19.80 10.77
C GLU A 37 22.93 19.28 10.30
N LEU A 38 23.23 18.03 10.68
CA LEU A 38 24.42 17.34 10.23
C LEU A 38 24.21 16.57 8.90
N ALA A 39 24.13 17.32 7.80
CA ALA A 39 23.88 16.79 6.50
C ALA A 39 24.20 17.87 5.52
N ASP A 40 24.26 17.49 4.24
CA ASP A 40 24.60 18.44 3.18
C ASP A 40 23.50 19.52 2.99
N ALA A 41 23.90 20.77 2.92
CA ALA A 41 22.92 21.84 2.71
C ALA A 41 22.11 21.66 1.42
N ALA A 42 22.73 21.19 0.31
CA ALA A 42 22.00 20.95 -0.93
C ALA A 42 20.87 19.91 -0.67
N GLY A 43 21.15 18.90 0.15
CA GLY A 43 20.23 17.84 0.47
C GLY A 43 19.10 18.39 1.29
N MET A 44 19.42 19.32 2.19
CA MET A 44 18.41 20.01 2.97
C MET A 44 17.47 20.86 2.11
N ALA A 45 18.03 21.62 1.16
CA ALA A 45 17.22 22.40 0.27
C ALA A 45 16.34 21.48 -0.57
N HIS A 46 16.92 20.40 -1.05
CA HIS A 46 16.13 19.44 -1.87
C HIS A 46 14.91 18.83 -1.15
N LEU A 47 15.13 18.24 0.05
CA LEU A 47 14.02 17.72 0.85
C LEU A 47 13.01 18.81 1.36
N LEU A 48 13.45 20.05 1.60
CA LEU A 48 12.55 21.17 1.89
C LEU A 48 11.56 21.37 0.72
N LYS A 49 12.08 21.29 -0.50
CA LYS A 49 11.30 21.52 -1.70
C LYS A 49 10.37 20.33 -2.07
N TYR A 50 10.86 19.10 -2.03
CA TYR A 50 10.06 17.94 -2.43
C TYR A 50 9.59 17.05 -1.28
N ASP A 51 8.30 16.68 -1.30
CA ASP A 51 7.81 15.88 -0.18
C ASP A 51 6.69 14.92 -0.59
N THR A 52 6.72 13.67 -0.13
CA THR A 52 5.63 12.75 -0.44
C THR A 52 4.29 13.24 0.13
N SER A 53 4.26 13.51 1.42
CA SER A 53 3.00 13.86 2.07
C SER A 53 2.54 15.23 1.70
N HIS A 54 3.49 16.19 1.60
CA HIS A 54 3.07 17.56 1.55
C HIS A 54 3.26 18.27 0.23
N GLY A 55 3.58 17.55 -0.84
CA GLY A 55 3.62 18.18 -2.18
C GLY A 55 4.89 18.97 -2.39
N ARG A 56 5.04 19.65 -3.55
CA ARG A 56 6.17 20.56 -3.79
C ARG A 56 5.86 21.80 -3.00
N PHE A 57 6.85 22.31 -2.32
CA PHE A 57 6.75 23.54 -1.59
C PHE A 57 6.64 24.71 -2.61
N ALA A 58 5.71 25.63 -2.36
CA ALA A 58 5.42 26.63 -3.39
C ALA A 58 6.40 27.78 -3.50
N TRP A 59 7.12 28.08 -2.43
CA TRP A 59 8.16 29.09 -2.41
C TRP A 59 9.38 28.60 -3.15
N GLU A 60 10.08 29.51 -3.79
N GLU A 60 10.08 29.49 -3.84
CA GLU A 60 11.36 29.23 -4.46
CA GLU A 60 11.28 29.06 -4.57
C GLU A 60 12.37 28.74 -3.40
C GLU A 60 12.44 28.81 -3.59
N VAL A 61 13.04 27.62 -3.68
CA VAL A 61 14.07 27.17 -2.75
C VAL A 61 15.46 27.18 -3.42
N ARG A 62 16.43 27.89 -2.85
CA ARG A 62 17.78 27.87 -3.44
C ARG A 62 18.72 27.70 -2.31
N GLN A 63 19.92 27.24 -2.62
CA GLN A 63 20.94 27.01 -1.63
C GLN A 63 22.29 27.37 -2.21
N GLU A 64 23.10 28.12 -1.49
CA GLU A 64 24.47 28.46 -1.90
C GLU A 64 25.32 28.63 -0.67
N ARG A 65 26.46 27.95 -0.71
CA ARG A 65 27.45 27.98 0.35
C ARG A 65 26.80 27.55 1.64
N ASP A 66 26.70 28.51 2.57
CA ASP A 66 26.16 28.23 3.92
C ASP A 66 24.79 28.90 4.15
N GLN A 67 24.09 29.23 3.06
CA GLN A 67 22.75 29.79 3.08
C GLN A 67 21.71 28.91 2.41
N LEU A 68 20.52 28.91 2.98
CA LEU A 68 19.35 28.32 2.32
C LEU A 68 18.45 29.50 2.01
N PHE A 69 17.91 29.58 0.81
CA PHE A 69 17.00 30.65 0.55
C PHE A 69 15.59 30.13 0.34
N VAL A 70 14.64 30.74 1.05
CA VAL A 70 13.22 30.54 0.81
C VAL A 70 12.66 31.89 0.33
N GLY A 71 12.21 31.96 -0.93
CA GLY A 71 11.92 33.29 -1.54
C GLY A 71 13.14 34.21 -1.46
N ASP A 72 13.00 35.44 -0.96
CA ASP A 72 14.19 36.33 -0.82
C ASP A 72 14.90 36.25 0.54
N ASP A 73 14.34 35.45 1.46
CA ASP A 73 14.87 35.21 2.78
C ASP A 73 16.09 34.32 2.77
N ALA A 74 17.18 34.82 3.35
CA ALA A 74 18.39 34.04 3.52
C ALA A 74 18.45 33.45 4.94
N ILE A 75 18.61 32.12 5.06
CA ILE A 75 18.67 31.43 6.35
C ILE A 75 20.05 30.81 6.45
N ARG A 76 20.78 31.11 7.52
CA ARG A 76 22.12 30.54 7.68
C ARG A 76 22.02 29.03 7.94
N VAL A 77 22.89 28.25 7.29
CA VAL A 77 22.91 26.82 7.52
C VAL A 77 24.11 26.44 8.37
N LEU A 78 23.87 25.80 9.50
CA LEU A 78 24.91 25.36 10.41
C LEU A 78 25.00 23.84 10.36
N HIS A 79 26.17 23.32 10.73
CA HIS A 79 26.40 21.86 10.87
C HIS A 79 27.16 21.55 12.21
N GLU A 80 26.58 21.92 13.35
CA GLU A 80 27.33 21.74 14.61
C GLU A 80 26.96 20.46 15.30
N ARG A 81 27.93 19.63 15.66
CA ARG A 81 27.64 18.32 16.33
C ARG A 81 27.27 18.49 17.78
N SER A 82 27.79 19.49 18.45
CA SER A 82 27.46 19.58 19.83
C SER A 82 26.77 20.94 20.16
N LEU A 83 25.88 20.91 21.12
CA LEU A 83 25.10 22.10 21.40
C LEU A 83 26.00 23.24 21.90
N GLN A 84 27.04 22.92 22.64
N GLN A 84 27.03 22.91 22.65
CA GLN A 84 27.92 23.95 23.21
CA GLN A 84 27.98 23.89 23.20
C GLN A 84 28.47 24.96 22.17
C GLN A 84 28.49 24.93 22.18
N SER A 85 28.64 24.54 20.93
CA SER A 85 29.26 25.46 19.96
C SER A 85 28.29 26.10 18.98
N LEU A 86 27.01 26.11 19.35
CA LEU A 86 26.00 26.67 18.48
C LEU A 86 26.06 28.19 18.59
N PRO A 87 26.02 28.92 17.44
CA PRO A 87 26.32 30.34 17.60
C PRO A 87 25.09 31.15 17.82
N TRP A 88 24.38 30.87 18.91
CA TRP A 88 23.09 31.51 19.06
C TRP A 88 23.17 32.99 19.56
N ARG A 89 24.25 33.41 20.24
CA ARG A 89 24.34 34.83 20.61
C ARG A 89 24.47 35.69 19.32
N GLU A 90 25.39 35.28 18.44
N GLU A 90 25.44 35.31 18.45
CA GLU A 90 25.68 35.96 17.19
CA GLU A 90 25.65 35.84 17.09
C GLU A 90 24.44 36.10 16.26
C GLU A 90 24.30 36.16 16.49
N LEU A 91 23.56 35.09 16.25
CA LEU A 91 22.26 35.12 15.57
C LEU A 91 21.11 35.79 16.35
N GLY A 92 21.32 36.13 17.62
CA GLY A 92 20.21 36.76 18.37
C GLY A 92 18.93 35.94 18.51
N VAL A 93 19.07 34.62 18.71
CA VAL A 93 17.97 33.71 18.78
C VAL A 93 17.00 33.95 19.95
N ASP A 94 15.75 34.30 19.66
CA ASP A 94 14.74 34.39 20.71
C ASP A 94 14.18 32.99 21.16
N VAL A 95 13.93 32.06 20.23
CA VAL A 95 13.51 30.74 20.63
C VAL A 95 14.26 29.76 19.74
N VAL A 96 14.85 28.73 20.34
CA VAL A 96 15.32 27.65 19.49
C VAL A 96 14.26 26.54 19.51
N LEU A 97 13.85 26.10 18.30
CA LEU A 97 12.86 25.02 18.15
C LEU A 97 13.74 23.81 17.87
N ASP A 98 13.85 22.97 18.90
CA ASP A 98 14.66 21.81 18.75
C ASP A 98 13.82 20.64 18.23
N CYS A 99 14.04 20.31 16.97
CA CYS A 99 13.21 19.33 16.26
C CYS A 99 14.04 18.05 16.04
N THR A 100 15.14 17.88 16.76
CA THR A 100 15.99 16.71 16.51
C THR A 100 15.28 15.40 16.93
N GLY A 101 14.42 15.47 17.94
CA GLY A 101 14.01 14.24 18.56
C GLY A 101 15.11 13.51 19.32
N VAL A 102 16.33 14.03 19.40
CA VAL A 102 17.31 13.38 20.25
C VAL A 102 17.61 14.20 21.49
N TYR A 103 17.65 15.52 21.35
CA TYR A 103 17.80 16.36 22.50
C TYR A 103 16.43 16.51 23.09
N GLY A 104 16.35 16.56 24.41
CA GLY A 104 15.05 16.74 25.07
C GLY A 104 15.11 16.84 26.58
N SER A 105 16.31 16.83 27.17
CA SER A 105 16.37 17.05 28.62
C SER A 105 16.50 18.51 29.04
N ARG A 106 16.42 18.71 30.36
CA ARG A 106 16.68 19.98 30.99
C ARG A 106 18.12 20.38 30.71
N GLU A 107 19.04 19.44 30.79
CA GLU A 107 20.42 19.75 30.53
C GLU A 107 20.60 20.23 29.09
N HIS A 108 19.89 19.61 28.14
CA HIS A 108 19.95 20.01 26.73
C HIS A 108 19.40 21.39 26.53
N GLY A 109 18.22 21.69 27.11
CA GLY A 109 17.68 23.00 27.04
C GLY A 109 18.65 24.03 27.63
N GLU A 110 19.30 23.69 28.74
CA GLU A 110 20.26 24.65 29.37
C GLU A 110 21.53 24.84 28.53
N ALA A 111 21.88 23.81 27.75
CA ALA A 111 23.00 23.92 26.80
C ALA A 111 22.63 24.88 25.69
N HIS A 112 21.39 24.81 25.20
CA HIS A 112 20.95 25.74 24.15
C HIS A 112 21.01 27.19 24.70
N ILE A 113 20.58 27.35 25.96
CA ILE A 113 20.52 28.67 26.55
C ILE A 113 21.95 29.16 26.82
N ALA A 114 22.81 28.25 27.27
CA ALA A 114 24.16 28.65 27.51
C ALA A 114 24.85 29.07 26.19
N ALA A 115 24.32 28.63 25.04
CA ALA A 115 24.88 28.94 23.72
C ALA A 115 24.33 30.26 23.18
N GLY A 116 23.30 30.78 23.88
CA GLY A 116 22.75 32.09 23.67
C GLY A 116 21.32 32.14 23.23
N ALA A 117 20.61 31.02 23.18
CA ALA A 117 19.18 31.10 22.78
C ALA A 117 18.43 31.63 23.99
N LYS A 118 17.46 32.52 23.84
CA LYS A 118 16.74 32.92 25.09
C LYS A 118 15.83 31.83 25.67
N LYS A 119 15.23 31.06 24.80
CA LYS A 119 14.20 30.12 25.21
CA LYS A 119 14.19 30.11 25.19
C LYS A 119 14.31 28.89 24.29
N VAL A 120 13.85 27.71 24.74
CA VAL A 120 13.93 26.47 23.93
C VAL A 120 12.53 25.87 23.84
N LEU A 121 12.12 25.40 22.66
CA LEU A 121 10.91 24.64 22.54
C LEU A 121 11.24 23.31 21.89
N PHE A 122 11.01 22.20 22.59
CA PHE A 122 11.24 20.82 22.08
C PHE A 122 10.00 20.30 21.39
N SER A 123 10.20 19.68 20.24
CA SER A 123 9.11 19.14 19.41
C SER A 123 8.66 17.76 19.93
N HIS A 124 8.81 17.52 21.22
CA HIS A 124 8.34 16.26 21.72
C HIS A 124 8.27 16.40 23.23
N PRO A 125 7.77 15.32 23.91
CA PRO A 125 7.54 15.42 25.36
C PRO A 125 8.81 15.64 26.19
N GLY A 126 9.96 15.14 25.78
CA GLY A 126 11.14 15.36 26.58
C GLY A 126 11.08 14.72 27.96
N SER A 127 12.11 15.01 28.74
CA SER A 127 12.25 14.53 30.11
C SER A 127 11.22 15.26 31.00
N ASN A 128 11.07 14.82 32.25
CA ASN A 128 9.97 15.31 33.05
C ASN A 128 10.40 16.40 34.04
N ASP A 129 11.56 16.98 33.79
CA ASP A 129 11.89 18.15 34.49
C ASP A 129 12.07 19.38 33.56
N LEU A 130 11.31 19.52 32.46
CA LEU A 130 11.29 20.79 31.70
C LEU A 130 10.46 21.81 32.48
N ASP A 131 10.39 23.03 31.99
CA ASP A 131 9.67 24.06 32.76
C ASP A 131 8.13 24.01 32.63
N ALA A 132 7.65 23.58 31.45
CA ALA A 132 6.23 23.63 31.06
C ALA A 132 6.11 22.70 29.85
N THR A 133 4.91 22.13 29.71
CA THR A 133 4.44 21.47 28.52
C THR A 133 3.20 22.19 28.06
N VAL A 134 3.16 22.62 26.80
CA VAL A 134 2.09 23.38 26.29
C VAL A 134 1.28 22.54 25.30
N VAL A 135 -0.03 22.45 25.53
CA VAL A 135 -0.91 21.97 24.48
C VAL A 135 -1.72 23.19 24.06
N TYR A 136 -1.32 23.78 22.93
CA TYR A 136 -1.94 25.06 22.58
C TYR A 136 -3.44 24.91 22.48
N GLY A 137 -4.15 25.88 23.04
CA GLY A 137 -5.62 25.83 23.10
C GLY A 137 -6.09 25.38 24.46
N VAL A 138 -5.26 24.65 25.17
CA VAL A 138 -5.67 24.22 26.49
C VAL A 138 -4.94 24.98 27.60
N ASN A 139 -3.60 25.00 27.55
CA ASN A 139 -2.88 25.59 28.66
C ASN A 139 -1.83 26.62 28.30
N GLN A 140 -1.85 27.19 27.10
CA GLN A 140 -0.78 28.16 26.75
C GLN A 140 -0.78 29.40 27.65
N ASP A 141 -1.93 29.73 28.23
CA ASP A 141 -2.04 30.87 29.13
C ASP A 141 -1.43 30.55 30.51
N GLN A 142 -0.95 29.33 30.74
CA GLN A 142 -0.20 29.12 31.96
C GLN A 142 1.29 29.45 31.75
N LEU A 143 1.72 29.82 30.52
CA LEU A 143 3.13 30.10 30.30
C LEU A 143 3.59 31.33 31.10
N ARG A 144 4.73 31.23 31.75
N ARG A 144 4.77 31.23 31.68
CA ARG A 144 5.27 32.45 32.38
CA ARG A 144 5.33 32.34 32.43
C ARG A 144 6.65 32.72 31.79
C ARG A 144 6.67 32.71 31.79
N ALA A 145 7.16 33.92 32.01
CA ALA A 145 8.44 34.33 31.45
C ALA A 145 9.64 33.47 31.90
N GLU A 146 9.58 32.95 33.12
CA GLU A 146 10.62 32.04 33.57
C GLU A 146 10.51 30.62 32.99
N HIS A 147 9.47 30.31 32.21
CA HIS A 147 9.44 29.02 31.52
C HIS A 147 10.35 29.07 30.31
N ARG A 148 11.64 28.81 30.48
CA ARG A 148 12.63 29.04 29.41
C ARG A 148 12.85 27.77 28.53
N ILE A 149 12.59 26.59 29.11
CA ILE A 149 12.69 25.29 28.42
C ILE A 149 11.33 24.59 28.44
N VAL A 150 10.71 24.51 27.27
CA VAL A 150 9.34 24.09 27.18
C VAL A 150 9.22 22.92 26.23
N SER A 151 8.36 22.00 26.58
CA SER A 151 7.95 20.94 25.64
C SER A 151 6.63 21.31 24.96
N ASN A 152 6.52 21.01 23.69
CA ASN A 152 5.23 21.14 22.96
C ASN A 152 4.33 19.86 22.95
N ALA A 153 4.64 18.91 23.84
CA ALA A 153 3.97 17.60 23.89
C ALA A 153 4.22 16.78 22.59
N SER A 154 3.21 16.13 22.01
CA SER A 154 3.41 15.37 20.79
C SER A 154 2.20 15.62 19.89
N ALA A 155 2.26 15.15 18.66
CA ALA A 155 1.12 15.32 17.79
C ALA A 155 -0.10 14.59 18.38
N THR A 156 0.05 13.41 18.92
CA THR A 156 -1.14 12.70 19.25
C THR A 156 -1.76 13.25 20.56
N THR A 157 -0.92 13.72 21.51
CA THR A 157 -1.37 14.34 22.73
C THR A 157 -1.97 15.68 22.44
N ASN A 158 -1.36 16.49 21.56
CA ASN A 158 -2.07 17.72 21.10
C ASN A 158 -3.42 17.44 20.48
N SER A 159 -3.55 16.27 19.88
CA SER A 159 -4.74 15.99 19.17
C SER A 159 -5.87 15.64 20.16
N ILE A 160 -5.62 14.79 21.17
CA ILE A 160 -6.66 14.24 21.99
C ILE A 160 -6.87 14.93 23.35
N ILE A 161 -5.83 15.56 23.90
CA ILE A 161 -5.96 16.31 25.15
C ILE A 161 -7.06 17.41 25.09
N PRO A 162 -7.15 18.16 24.00
CA PRO A 162 -8.22 19.17 24.05
C PRO A 162 -9.63 18.50 24.12
N VAL A 163 -9.84 17.35 23.45
CA VAL A 163 -11.12 16.62 23.46
C VAL A 163 -11.32 16.02 24.87
N ILE A 164 -10.27 15.42 25.46
CA ILE A 164 -10.40 14.92 26.84
C ILE A 164 -10.81 16.09 27.76
N LYS A 165 -10.16 17.24 27.62
CA LYS A 165 -10.50 18.38 28.42
C LYS A 165 -11.99 18.77 28.26
N LEU A 166 -12.47 18.81 27.02
CA LEU A 166 -13.85 19.23 26.80
C LEU A 166 -14.87 18.31 27.51
N LEU A 167 -14.66 17.00 27.38
CA LEU A 167 -15.60 16.06 27.88
C LEU A 167 -15.44 15.96 29.38
N ASP A 168 -14.23 16.09 29.89
CA ASP A 168 -14.11 16.10 31.37
C ASP A 168 -14.86 17.29 31.97
N ASP A 169 -14.66 18.49 31.44
CA ASP A 169 -15.30 19.68 32.00
C ASP A 169 -16.81 19.57 31.90
N ALA A 170 -17.30 18.96 30.84
CA ALA A 170 -18.70 18.89 30.68
C ALA A 170 -19.30 17.72 31.48
N TYR A 171 -18.63 16.57 31.49
CA TYR A 171 -19.32 15.35 31.95
C TYR A 171 -18.67 14.65 33.10
N GLY A 172 -17.40 14.96 33.39
CA GLY A 172 -16.65 14.30 34.47
C GLY A 172 -16.17 12.90 34.09
N ILE A 173 -14.91 12.83 33.62
CA ILE A 173 -14.41 11.55 33.16
C ILE A 173 -14.02 10.69 34.38
N GLU A 174 -14.44 9.43 34.42
CA GLU A 174 -13.96 8.52 35.44
C GLU A 174 -12.81 7.73 34.94
N SER A 175 -12.93 7.09 33.77
CA SER A 175 -11.78 6.41 33.17
C SER A 175 -11.79 6.53 31.65
N GLY A 176 -10.66 6.29 31.03
CA GLY A 176 -10.61 6.32 29.57
C GLY A 176 -9.60 5.36 28.96
N THR A 177 -9.81 5.02 27.69
CA THR A 177 -8.90 4.11 27.04
C THR A 177 -8.83 4.60 25.60
N VAL A 178 -7.66 4.48 24.98
CA VAL A 178 -7.48 5.08 23.67
C VAL A 178 -6.78 4.12 22.72
N THR A 179 -7.17 4.13 21.45
CA THR A 179 -6.44 3.46 20.42
C THR A 179 -6.00 4.49 19.35
N THR A 180 -4.71 4.51 18.97
CA THR A 180 -4.29 5.36 17.85
C THR A 180 -4.08 4.49 16.64
N ILE A 181 -4.66 4.86 15.49
CA ILE A 181 -4.37 4.27 14.20
C ILE A 181 -3.40 5.22 13.45
N HIS A 182 -2.12 4.91 13.51
CA HIS A 182 -1.06 5.71 12.91
C HIS A 182 -0.87 5.32 11.43
N SER A 183 -0.48 6.29 10.61
CA SER A 183 0.02 6.04 9.28
C SER A 183 1.40 5.43 9.41
N ALA A 184 1.68 4.45 8.58
CA ALA A 184 2.91 3.66 8.63
C ALA A 184 4.21 4.42 8.35
N MET A 185 4.13 5.46 7.54
CA MET A 185 5.29 6.25 7.15
C MET A 185 6.02 6.92 8.31
N HIS A 186 5.26 7.41 9.29
CA HIS A 186 5.84 8.23 10.35
C HIS A 186 6.90 7.59 11.24
N ASP A 187 8.00 8.33 11.46
CA ASP A 187 9.21 7.82 12.07
C ASP A 187 9.29 7.32 13.52
N GLN A 188 8.74 8.03 14.50
CA GLN A 188 8.83 7.51 15.85
C GLN A 188 8.06 8.28 16.91
N GLN A 189 6.76 8.01 17.00
CA GLN A 189 5.87 8.61 17.98
C GLN A 189 6.23 8.20 19.40
N VAL A 190 6.64 6.96 19.57
CA VAL A 190 7.07 6.46 20.87
C VAL A 190 7.92 5.21 20.74
N ILE A 191 8.62 4.85 21.80
CA ILE A 191 9.43 3.63 21.81
C ILE A 191 8.96 2.72 22.92
N ASP A 197 12.55 -3.89 18.93
CA ASP A 197 11.20 -4.47 18.74
C ASP A 197 11.14 -5.44 17.56
N LEU A 198 10.73 -6.68 17.88
CA LEU A 198 10.71 -7.76 16.89
C LEU A 198 9.64 -7.59 15.82
N ARG A 199 8.69 -6.66 16.00
CA ARG A 199 7.77 -6.32 14.94
C ARG A 199 8.41 -5.42 13.87
N ARG A 200 9.38 -4.59 14.26
CA ARG A 200 9.96 -3.57 13.33
C ARG A 200 10.79 -4.15 12.21
N THR A 201 11.38 -5.29 12.47
CA THR A 201 12.28 -5.95 11.55
C THR A 201 11.59 -6.87 10.55
N ARG A 202 10.28 -6.71 10.37
CA ARG A 202 9.48 -7.76 9.70
C ARG A 202 9.52 -7.60 8.16
N ALA A 203 9.14 -8.66 7.41
CA ALA A 203 8.94 -8.51 5.93
C ALA A 203 7.89 -7.41 5.56
N ALA A 204 7.87 -7.08 4.25
CA ALA A 204 6.79 -6.22 3.72
C ALA A 204 5.63 -7.22 3.56
N SER A 205 4.58 -6.95 4.34
CA SER A 205 3.37 -7.76 4.25
C SER A 205 2.14 -6.85 4.19
N GLN A 206 2.32 -5.52 4.37
CA GLN A 206 1.23 -4.60 4.44
C GLN A 206 0.37 -5.09 5.61
N SER A 207 0.98 -5.24 6.77
CA SER A 207 0.23 -5.59 7.97
C SER A 207 -0.25 -4.44 8.77
N ILE A 208 -1.19 -4.72 9.64
CA ILE A 208 -1.49 -3.82 10.73
C ILE A 208 -0.49 -4.24 11.81
N ILE A 209 0.23 -3.26 12.36
CA ILE A 209 1.38 -3.56 13.19
C ILE A 209 1.22 -2.88 14.54
N PRO A 210 0.98 -3.68 15.60
CA PRO A 210 0.95 -3.10 16.93
C PRO A 210 2.27 -2.34 17.25
N VAL A 211 2.12 -1.16 17.82
CA VAL A 211 3.23 -0.37 18.18
C VAL A 211 3.04 0.21 19.60
N ASP A 212 4.13 0.39 20.33
CA ASP A 212 4.17 0.98 21.66
C ASP A 212 3.86 2.45 21.69
N THR A 213 2.94 2.79 22.53
CA THR A 213 2.48 4.15 22.49
C THR A 213 2.86 4.82 23.79
N LYS A 214 3.29 6.08 23.73
CA LYS A 214 3.41 6.86 24.96
C LYS A 214 2.25 7.77 25.25
N LEU A 215 1.09 7.48 24.66
CA LEU A 215 -0.01 8.40 24.67
C LEU A 215 -0.63 8.50 26.08
N ALA A 216 -0.71 7.36 26.77
CA ALA A 216 -1.31 7.36 28.12
C ALA A 216 -0.43 8.06 29.11
N ALA A 217 0.88 7.84 29.02
CA ALA A 217 1.84 8.60 29.84
C ALA A 217 1.68 10.09 29.63
N GLY A 218 1.45 10.52 28.38
CA GLY A 218 1.36 11.96 28.12
C GLY A 218 0.02 12.45 28.63
N ILE A 219 -1.02 11.61 28.57
CA ILE A 219 -2.29 12.07 29.05
C ILE A 219 -2.19 12.29 30.57
N THR A 220 -1.56 11.33 31.23
CA THR A 220 -1.55 11.30 32.71
C THR A 220 -0.50 12.26 33.25
N ARG A 221 0.53 12.57 32.47
CA ARG A 221 1.41 13.71 32.82
C ARG A 221 0.62 15.02 32.77
N PHE A 222 -0.16 15.23 31.72
CA PHE A 222 -0.97 16.44 31.60
C PHE A 222 -2.08 16.51 32.65
N PHE A 223 -2.74 15.37 32.92
CA PHE A 223 -3.87 15.29 33.86
C PHE A 223 -3.59 14.25 34.95
N PRO A 224 -2.76 14.63 35.94
CA PRO A 224 -2.40 13.58 36.91
C PRO A 224 -3.60 13.08 37.71
N GLN A 225 -4.72 13.80 37.75
CA GLN A 225 -5.91 13.16 38.31
C GLN A 225 -6.32 11.91 37.50
N PHE A 226 -5.75 11.69 36.29
CA PHE A 226 -6.03 10.45 35.54
C PHE A 226 -5.03 9.31 35.70
N ASN A 227 -4.01 9.44 36.52
CA ASN A 227 -3.29 8.18 36.90
C ASN A 227 -4.13 6.99 37.27
N ASP A 228 -3.82 5.80 36.74
CA ASP A 228 -4.55 4.59 37.16
C ASP A 228 -5.91 4.62 36.54
N ARG A 229 -6.14 5.57 35.63
CA ARG A 229 -7.47 5.70 34.99
C ARG A 229 -7.48 5.75 33.48
N PHE A 230 -6.30 5.59 32.88
CA PHE A 230 -6.12 5.76 31.48
C PHE A 230 -5.08 4.80 30.89
N GLU A 231 -5.39 4.24 29.72
CA GLU A 231 -4.49 3.33 29.03
C GLU A 231 -4.58 3.58 27.55
N ALA A 232 -3.60 3.12 26.79
CA ALA A 232 -3.58 3.36 25.38
C ALA A 232 -2.86 2.20 24.66
N ILE A 233 -3.33 1.88 23.47
CA ILE A 233 -2.61 0.99 22.55
C ILE A 233 -2.57 1.73 21.22
N ALA A 234 -1.83 1.17 20.28
CA ALA A 234 -1.63 1.85 18.98
C ALA A 234 -1.27 0.80 17.96
N VAL A 235 -1.63 1.07 16.70
CA VAL A 235 -1.23 0.22 15.56
C VAL A 235 -0.74 1.17 14.44
N ARG A 236 0.11 0.63 13.56
CA ARG A 236 0.50 1.31 12.34
C ARG A 236 -0.15 0.57 11.20
N VAL A 237 -0.80 1.34 10.34
CA VAL A 237 -1.35 0.78 9.07
C VAL A 237 -0.69 1.44 7.86
N PRO A 238 -0.61 0.73 6.74
CA PRO A 238 0.11 1.31 5.58
C PRO A 238 -0.60 2.48 4.82
N THR A 239 -1.21 3.43 5.53
CA THR A 239 -1.83 4.66 4.94
C THR A 239 -1.00 5.91 4.80
N ILE A 240 -1.73 6.84 4.20
CA ILE A 240 -1.24 8.14 3.62
C ILE A 240 -1.46 9.41 4.56
N ASN A 241 -0.85 9.28 5.72
CA ASN A 241 -0.41 10.43 6.51
C ASN A 241 -1.42 11.02 7.46
N VAL A 242 -2.62 10.52 7.46
CA VAL A 242 -3.51 11.01 8.54
C VAL A 242 -3.67 9.95 9.66
N THR A 243 -3.78 10.39 10.90
CA THR A 243 -3.94 9.50 12.02
C THR A 243 -5.43 9.52 12.52
N ALA A 244 -5.89 8.38 13.02
CA ALA A 244 -7.16 8.40 13.75
C ALA A 244 -6.92 8.04 15.20
N ILE A 245 -7.58 8.76 16.09
CA ILE A 245 -7.59 8.43 17.50
C ILE A 245 -8.99 8.13 17.96
N ASP A 246 -9.13 6.96 18.59
CA ASP A 246 -10.40 6.40 18.95
C ASP A 246 -10.41 6.39 20.49
N LEU A 247 -11.13 7.39 21.06
CA LEU A 247 -11.21 7.66 22.47
C LEU A 247 -12.52 7.10 22.99
N SER A 248 -12.39 6.25 24.01
CA SER A 248 -13.49 5.75 24.76
C SER A 248 -13.33 6.21 26.24
N VAL A 249 -14.30 6.95 26.78
CA VAL A 249 -14.23 7.39 28.18
C VAL A 249 -15.56 7.15 28.88
N THR A 250 -15.48 6.73 30.15
CA THR A 250 -16.67 6.71 30.98
C THR A 250 -16.84 8.07 31.63
N VAL A 251 -18.09 8.53 31.79
CA VAL A 251 -18.35 9.85 32.40
C VAL A 251 -19.45 9.80 33.49
N LYS A 252 -19.38 10.74 34.47
CA LYS A 252 -20.33 10.77 35.60
CA LYS A 252 -20.34 10.74 35.58
C LYS A 252 -21.74 11.21 35.16
N LYS A 253 -21.80 12.27 34.38
CA LYS A 253 -23.02 12.92 33.92
C LYS A 253 -23.60 12.10 32.75
N PRO A 254 -24.90 11.80 32.75
CA PRO A 254 -25.49 11.07 31.63
C PRO A 254 -25.62 11.92 30.37
N VAL A 255 -25.32 11.33 29.21
CA VAL A 255 -25.29 12.04 27.94
C VAL A 255 -25.75 11.20 26.77
N LYS A 256 -26.12 11.86 25.68
CA LYS A 256 -26.50 11.22 24.44
C LYS A 256 -25.54 11.69 23.38
N ALA A 257 -25.38 10.94 22.30
CA ALA A 257 -24.42 11.30 21.28
C ALA A 257 -24.64 12.69 20.72
N ASN A 258 -25.91 13.03 20.49
N ASN A 258 -25.91 13.05 20.52
CA ASN A 258 -26.25 14.30 19.86
CA ASN A 258 -26.23 14.35 19.92
C ASN A 258 -25.78 15.47 20.75
C ASN A 258 -25.66 15.46 20.77
N GLU A 259 -25.78 15.32 22.08
CA GLU A 259 -25.34 16.36 22.98
C GLU A 259 -23.81 16.50 22.97
N VAL A 260 -23.14 15.36 22.91
CA VAL A 260 -21.68 15.33 22.85
C VAL A 260 -21.22 16.01 21.58
N ASN A 261 -21.83 15.73 20.43
CA ASN A 261 -21.47 16.39 19.19
C ASN A 261 -21.70 17.89 19.21
N LEU A 262 -22.83 18.34 19.73
CA LEU A 262 -23.09 19.73 19.94
C LEU A 262 -22.02 20.41 20.78
N LEU A 263 -21.56 19.72 21.82
CA LEU A 263 -20.56 20.29 22.70
C LEU A 263 -19.25 20.47 21.91
N LEU A 264 -18.86 19.44 21.15
CA LEU A 264 -17.64 19.45 20.38
C LEU A 264 -17.77 20.42 19.20
N GLN A 265 -18.96 20.50 18.57
CA GLN A 265 -19.16 21.47 17.51
C GLN A 265 -19.05 22.94 18.03
N LYS A 266 -19.67 23.27 19.18
CA LYS A 266 -19.45 24.59 19.79
C LYS A 266 -17.99 24.94 20.09
N ALA A 267 -17.24 23.96 20.64
CA ALA A 267 -15.81 24.15 20.87
C ALA A 267 -15.08 24.49 19.54
N ALA A 268 -15.27 23.69 18.50
CA ALA A 268 -14.69 23.93 17.19
C ALA A 268 -15.01 25.34 16.63
N GLN A 269 -16.24 25.77 16.83
CA GLN A 269 -16.66 27.04 16.29
C GLN A 269 -16.34 28.18 17.25
N GLY A 270 -15.88 27.84 18.48
CA GLY A 270 -15.78 28.85 19.56
C GLY A 270 -14.45 28.80 20.29
N ALA A 271 -14.44 28.28 21.53
CA ALA A 271 -13.18 28.37 22.34
C ALA A 271 -11.98 27.64 21.75
N PHE A 272 -12.19 26.67 20.88
CA PHE A 272 -11.09 25.90 20.28
C PHE A 272 -10.95 26.12 18.77
N HIS A 273 -11.54 27.21 18.26
CA HIS A 273 -11.39 27.53 16.85
C HIS A 273 -9.88 27.58 16.42
N GLY A 274 -9.55 26.92 15.32
CA GLY A 274 -8.18 26.87 14.88
C GLY A 274 -7.44 25.70 15.48
N ILE A 275 -7.96 25.09 16.54
CA ILE A 275 -7.32 24.00 17.21
C ILE A 275 -8.13 22.71 17.06
N VAL A 276 -9.42 22.77 17.41
CA VAL A 276 -10.27 21.61 17.23
C VAL A 276 -11.25 21.95 16.13
N ASP A 277 -11.32 21.09 15.12
CA ASP A 277 -12.39 21.26 14.12
C ASP A 277 -13.46 20.19 14.27
N TYR A 278 -14.59 20.36 13.59
CA TYR A 278 -15.68 19.41 13.74
C TYR A 278 -16.38 19.22 12.41
N THR A 279 -16.67 18.00 12.03
CA THR A 279 -17.33 17.85 10.77
C THR A 279 -18.31 16.68 10.77
N GLU A 280 -19.28 16.75 9.88
CA GLU A 280 -20.21 15.66 9.66
C GLU A 280 -20.26 15.28 8.19
N LEU A 281 -19.27 15.70 7.41
CA LEU A 281 -19.23 15.44 5.97
C LEU A 281 -18.76 14.02 5.81
N PRO A 282 -19.14 13.38 4.72
CA PRO A 282 -18.67 12.01 4.48
C PRO A 282 -17.25 12.06 3.88
N LEU A 283 -16.25 12.16 4.72
CA LEU A 283 -14.84 12.31 4.37
C LEU A 283 -14.03 11.08 4.77
N VAL A 284 -12.80 10.98 4.25
CA VAL A 284 -11.93 9.87 4.53
C VAL A 284 -10.59 10.48 5.00
N SER A 285 -9.71 9.67 5.62
CA SER A 285 -8.50 10.23 6.26
C SER A 285 -7.72 11.24 5.35
N VAL A 286 -7.56 10.92 4.06
CA VAL A 286 -6.75 11.80 3.20
C VAL A 286 -7.29 13.22 3.09
N ASP A 287 -8.58 13.39 3.39
CA ASP A 287 -9.18 14.70 3.30
C ASP A 287 -8.63 15.65 4.39
N PHE A 288 -7.95 15.10 5.38
CA PHE A 288 -7.36 15.91 6.43
C PHE A 288 -5.88 16.06 6.23
N ASN A 289 -5.37 15.54 5.12
CA ASN A 289 -3.99 15.76 4.80
C ASN A 289 -3.73 17.26 4.72
N HIS A 290 -2.71 17.76 5.47
CA HIS A 290 -2.34 19.18 5.37
C HIS A 290 -3.33 20.15 5.96
N ASP A 291 -4.12 19.63 6.90
CA ASP A 291 -5.02 20.38 7.72
C ASP A 291 -4.31 20.83 8.99
N PRO A 292 -4.31 22.15 9.25
CA PRO A 292 -3.46 22.62 10.38
C PRO A 292 -4.06 22.43 11.79
N HIS A 293 -5.29 21.89 11.90
CA HIS A 293 -5.92 21.71 13.20
C HIS A 293 -5.14 20.62 14.02
N SER A 294 -5.12 20.71 15.36
CA SER A 294 -4.59 19.59 16.11
C SER A 294 -5.48 18.35 16.01
N ALA A 295 -6.79 18.56 15.87
CA ALA A 295 -7.84 17.52 15.93
C ALA A 295 -8.98 17.96 15.05
N ILE A 296 -9.54 16.99 14.31
CA ILE A 296 -10.83 17.17 13.69
C ILE A 296 -11.82 16.05 14.18
N VAL A 297 -12.83 16.45 14.95
CA VAL A 297 -13.73 15.46 15.49
C VAL A 297 -14.62 15.04 14.34
N ASP A 298 -14.72 13.73 14.11
CA ASP A 298 -15.64 13.17 13.08
C ASP A 298 -16.97 12.85 13.73
N GLY A 299 -17.87 13.78 13.63
CA GLY A 299 -19.09 13.61 14.39
C GLY A 299 -19.99 12.49 13.91
N THR A 300 -19.80 11.95 12.69
CA THR A 300 -20.65 10.84 12.26
C THR A 300 -20.23 9.64 13.09
N GLN A 301 -19.08 9.69 13.80
CA GLN A 301 -18.66 8.48 14.48
C GLN A 301 -18.89 8.52 15.97
N THR A 302 -19.40 9.61 16.49
CA THR A 302 -19.63 9.68 17.94
C THR A 302 -20.70 8.66 18.39
N ARG A 303 -20.47 8.01 19.54
CA ARG A 303 -21.36 7.04 20.10
C ARG A 303 -21.36 7.21 21.63
N VAL A 304 -22.53 6.98 22.25
CA VAL A 304 -22.61 6.82 23.68
C VAL A 304 -23.23 5.48 24.06
N SER A 305 -22.47 4.60 24.69
N SER A 305 -22.56 4.68 24.87
CA SER A 305 -23.00 3.24 24.91
CA SER A 305 -23.22 3.48 25.41
C SER A 305 -23.92 3.24 26.08
C SER A 305 -23.66 3.71 26.85
N GLY A 306 -25.21 3.29 25.80
N GLY A 306 -24.91 3.31 27.12
CA GLY A 306 -26.17 3.65 26.82
CA GLY A 306 -25.48 3.22 28.45
C GLY A 306 -26.07 5.15 26.97
C GLY A 306 -25.56 4.57 29.11
N ALA A 307 -25.65 5.56 28.16
N ALA A 307 -25.68 5.60 28.28
CA ALA A 307 -25.63 6.94 28.60
CA ALA A 307 -25.69 6.94 28.78
C ALA A 307 -24.30 7.42 29.23
C ALA A 307 -24.33 7.42 29.31
N HIS A 308 -23.35 6.52 29.45
CA HIS A 308 -22.09 6.89 30.18
C HIS A 308 -20.72 6.52 29.57
N LEU A 309 -20.71 5.73 28.49
CA LEU A 309 -19.47 5.35 27.80
C LEU A 309 -19.38 6.08 26.45
N ILE A 310 -18.64 7.17 26.40
CA ILE A 310 -18.54 7.96 25.16
C ILE A 310 -17.39 7.41 24.29
N LYS A 311 -17.64 7.22 23.00
CA LYS A 311 -16.65 6.93 21.98
C LYS A 311 -16.62 8.14 21.07
N THR A 312 -15.43 8.66 20.80
CA THR A 312 -15.30 9.63 19.77
C THR A 312 -14.08 9.38 18.89
N LEU A 313 -14.21 9.61 17.57
CA LEU A 313 -13.13 9.35 16.63
C LEU A 313 -12.56 10.67 16.10
N VAL A 314 -11.24 10.87 16.24
CA VAL A 314 -10.68 12.13 15.84
C VAL A 314 -9.52 11.97 14.88
N TRP A 315 -9.53 12.81 13.84
CA TRP A 315 -8.55 12.80 12.79
C TRP A 315 -7.45 13.82 13.09
N CYS A 316 -6.24 13.53 12.69
CA CYS A 316 -5.22 14.57 12.56
C CYS A 316 -4.17 14.24 11.55
N ASP A 317 -3.81 15.27 10.80
CA ASP A 317 -2.55 15.20 10.04
C ASP A 317 -1.52 15.23 11.18
N ASN A 318 -0.86 14.13 11.43
CA ASN A 318 0.10 14.02 12.50
CA ASN A 318 0.07 14.11 12.52
C ASN A 318 1.35 14.89 12.24
N GLU A 319 1.46 15.53 11.07
CA GLU A 319 2.67 16.37 10.95
C GLU A 319 2.35 17.82 10.92
N TRP A 320 1.33 18.14 10.15
CA TRP A 320 1.04 19.52 9.81
C TRP A 320 0.43 20.29 10.98
N GLY A 321 -0.49 19.62 11.72
CA GLY A 321 -1.13 20.20 12.92
C GLY A 321 -0.07 20.55 13.96
N PHE A 322 0.80 19.58 14.24
CA PHE A 322 1.83 19.75 15.25
C PHE A 322 2.85 20.82 14.82
N ALA A 323 3.24 20.82 13.53
CA ALA A 323 4.13 21.81 13.01
C ALA A 323 3.55 23.23 13.18
N ASN A 324 2.26 23.40 12.93
CA ASN A 324 1.67 24.73 13.16
C ASN A 324 1.60 25.04 14.69
N ARG A 325 1.42 24.06 15.57
CA ARG A 325 1.35 24.32 16.99
C ARG A 325 2.69 24.76 17.49
N MET A 326 3.77 24.22 16.93
CA MET A 326 5.09 24.61 17.34
C MET A 326 5.17 26.13 17.12
N LEU A 327 4.65 26.64 16.03
CA LEU A 327 4.75 28.07 15.80
C LEU A 327 3.80 28.85 16.72
N ASP A 328 2.63 28.30 17.06
CA ASP A 328 1.68 29.00 17.94
C ASP A 328 2.30 29.14 19.33
N THR A 329 2.92 28.04 19.83
CA THR A 329 3.52 28.01 21.13
C THR A 329 4.74 28.98 21.24
N THR A 330 5.58 28.94 20.22
CA THR A 330 6.71 29.84 20.01
C THR A 330 6.27 31.29 20.23
N LEU A 331 5.23 31.70 19.51
CA LEU A 331 4.73 33.02 19.62
C LEU A 331 4.19 33.30 21.01
N ALA A 332 3.58 32.31 21.69
CA ALA A 332 3.03 32.59 23.00
C ALA A 332 4.18 32.81 23.99
N MET A 333 5.31 32.09 23.80
CA MET A 333 6.55 32.26 24.59
C MET A 333 7.21 33.59 24.35
N ALA A 334 7.37 33.97 23.08
CA ALA A 334 7.95 35.29 22.72
C ALA A 334 7.08 36.37 23.28
N THR A 335 5.77 36.19 23.27
CA THR A 335 4.87 37.19 23.80
C THR A 335 4.98 37.34 25.32
N VAL A 336 5.09 36.20 26.04
CA VAL A 336 5.11 36.29 27.52
C VAL A 336 6.47 36.87 27.94
N ALA A 337 7.48 36.67 27.12
CA ALA A 337 8.76 37.21 27.38
C ALA A 337 8.72 38.74 27.46
N PHE A 338 7.84 39.34 26.69
CA PHE A 338 7.76 40.77 26.61
C PHE A 338 6.69 41.32 27.53
N ARG A 339 5.97 40.47 28.22
CA ARG A 339 4.92 41.01 29.06
C ARG A 339 5.49 42.02 30.10
N THR B 2 -21.20 -39.61 4.27
CA THR B 2 -20.87 -38.16 4.43
C THR B 2 -22.15 -37.33 4.28
N VAL B 3 -22.09 -36.11 4.77
CA VAL B 3 -23.06 -35.08 4.50
C VAL B 3 -22.82 -34.61 3.07
N ARG B 4 -23.84 -34.70 2.23
CA ARG B 4 -23.69 -34.17 0.88
C ARG B 4 -24.05 -32.70 0.87
N VAL B 5 -23.12 -31.83 0.51
CA VAL B 5 -23.41 -30.42 0.49
C VAL B 5 -23.20 -29.85 -0.93
N ALA B 6 -23.92 -28.75 -1.23
CA ALA B 6 -23.75 -27.98 -2.45
C ALA B 6 -23.45 -26.53 -2.06
N ILE B 7 -22.56 -25.88 -2.83
CA ILE B 7 -22.23 -24.49 -2.63
C ILE B 7 -22.99 -23.65 -3.71
N ASN B 8 -23.83 -22.74 -3.25
CA ASN B 8 -24.34 -21.74 -4.20
C ASN B 8 -23.50 -20.51 -4.10
N GLY B 9 -22.80 -20.22 -5.17
CA GLY B 9 -22.01 -18.99 -5.20
C GLY B 9 -20.55 -19.38 -5.07
N PHE B 10 -19.68 -18.90 -5.96
CA PHE B 10 -18.24 -19.31 -5.93
C PHE B 10 -17.26 -18.12 -5.96
N GLY B 11 -17.67 -17.09 -5.24
CA GLY B 11 -16.80 -16.03 -4.89
C GLY B 11 -15.81 -16.46 -3.82
N ARG B 12 -15.15 -15.49 -3.21
CA ARG B 12 -14.10 -15.82 -2.27
C ARG B 12 -14.60 -16.75 -1.16
N ILE B 13 -15.82 -16.55 -0.65
CA ILE B 13 -16.28 -17.33 0.51
C ILE B 13 -16.54 -18.78 0.06
N GLY B 14 -17.20 -18.91 -1.06
CA GLY B 14 -17.45 -20.24 -1.60
C GLY B 14 -16.17 -20.98 -1.91
N ARG B 15 -15.22 -20.31 -2.53
CA ARG B 15 -13.92 -20.90 -2.79
C ARG B 15 -13.17 -21.27 -1.52
N ASN B 16 -13.20 -20.41 -0.52
CA ASN B 16 -12.48 -20.71 0.71
C ASN B 16 -13.08 -21.84 1.49
N VAL B 17 -14.41 -21.97 1.40
CA VAL B 17 -15.07 -23.04 2.04
C VAL B 17 -14.55 -24.39 1.44
N VAL B 18 -14.45 -24.51 0.11
CA VAL B 18 -13.94 -25.73 -0.54
C VAL B 18 -12.47 -25.97 -0.10
N ARG B 19 -11.67 -24.92 -0.06
CA ARG B 19 -10.27 -25.16 0.33
C ARG B 19 -10.26 -25.63 1.77
N ALA B 20 -11.10 -25.01 2.60
CA ALA B 20 -11.09 -25.32 4.04
C ALA B 20 -11.60 -26.77 4.30
N LEU B 21 -12.60 -27.22 3.54
CA LEU B 21 -12.98 -28.63 3.51
C LEU B 21 -11.76 -29.56 3.35
N TYR B 22 -10.89 -29.28 2.40
CA TYR B 22 -9.75 -30.15 2.14
C TYR B 22 -8.64 -29.93 3.13
N GLU B 23 -8.30 -28.68 3.44
CA GLU B 23 -7.21 -28.46 4.39
C GLU B 23 -7.53 -28.94 5.85
N SER B 24 -8.80 -28.92 6.25
CA SER B 24 -9.14 -29.12 7.66
C SER B 24 -9.29 -30.62 7.97
N GLY B 25 -9.36 -31.44 6.93
CA GLY B 25 -9.71 -32.83 7.09
C GLY B 25 -11.23 -33.09 7.25
N ARG B 26 -12.10 -32.08 7.12
N ARG B 26 -12.08 -32.08 7.08
CA ARG B 26 -13.57 -32.29 7.19
CA ARG B 26 -13.54 -32.26 7.15
C ARG B 26 -14.15 -33.08 5.96
C ARG B 26 -14.13 -33.06 5.96
N ARG B 27 -13.29 -33.39 4.99
CA ARG B 27 -13.67 -34.24 3.86
C ARG B 27 -13.94 -35.65 4.33
N ALA B 28 -13.47 -35.97 5.51
CA ALA B 28 -13.90 -37.22 6.15
C ALA B 28 -15.42 -37.23 6.50
N GLU B 29 -16.05 -36.07 6.64
CA GLU B 29 -17.45 -36.07 6.99
C GLU B 29 -18.38 -35.40 6.01
N ILE B 30 -17.81 -34.64 5.07
CA ILE B 30 -18.53 -33.79 4.18
C ILE B 30 -18.03 -33.96 2.76
N THR B 31 -18.98 -34.13 1.86
CA THR B 31 -18.75 -34.20 0.43
C THR B 31 -19.42 -33.02 -0.30
N VAL B 32 -18.63 -32.27 -1.07
CA VAL B 32 -19.23 -31.23 -1.92
C VAL B 32 -19.59 -31.80 -3.24
N VAL B 33 -20.89 -31.91 -3.54
CA VAL B 33 -21.33 -32.62 -4.73
C VAL B 33 -21.62 -31.68 -5.86
N ALA B 34 -21.72 -30.38 -5.59
CA ALA B 34 -21.99 -29.40 -6.68
C ALA B 34 -21.68 -27.98 -6.24
N ILE B 35 -21.36 -27.14 -7.22
CA ILE B 35 -21.11 -25.75 -7.02
C ILE B 35 -21.82 -25.01 -8.16
N ASN B 36 -22.59 -24.00 -7.81
CA ASN B 36 -23.34 -23.22 -8.78
C ASN B 36 -22.78 -21.84 -8.77
N GLU B 37 -22.52 -21.30 -9.96
CA GLU B 37 -22.05 -19.91 -10.08
C GLU B 37 -22.19 -19.56 -11.53
N LEU B 38 -22.52 -18.31 -11.81
CA LEU B 38 -22.56 -17.85 -13.18
C LEU B 38 -21.18 -17.38 -13.57
N ALA B 39 -20.35 -18.30 -14.02
CA ALA B 39 -18.98 -17.98 -14.32
C ALA B 39 -18.50 -19.06 -15.23
N ASP B 40 -17.46 -18.78 -15.98
CA ASP B 40 -16.79 -19.78 -16.74
C ASP B 40 -16.24 -20.84 -15.74
N ALA B 41 -16.50 -22.12 -16.00
CA ALA B 41 -15.95 -23.23 -15.20
C ALA B 41 -14.44 -23.28 -15.17
N ALA B 42 -13.77 -22.96 -16.28
CA ALA B 42 -12.31 -22.87 -16.29
C ALA B 42 -11.80 -21.76 -15.36
N GLY B 43 -12.51 -20.62 -15.34
CA GLY B 43 -12.22 -19.53 -14.39
C GLY B 43 -12.45 -19.86 -12.91
N MET B 44 -13.54 -20.56 -12.59
CA MET B 44 -13.76 -21.13 -11.25
C MET B 44 -12.56 -22.01 -10.85
N ALA B 45 -12.10 -22.89 -11.74
CA ALA B 45 -10.94 -23.71 -11.44
C ALA B 45 -9.72 -22.84 -11.24
N HIS B 46 -9.58 -21.79 -12.04
CA HIS B 46 -8.42 -20.97 -11.97
C HIS B 46 -8.32 -20.27 -10.60
N LEU B 47 -9.41 -19.61 -10.21
CA LEU B 47 -9.45 -18.89 -8.93
C LEU B 47 -9.42 -19.79 -7.73
N LEU B 48 -9.92 -21.01 -7.86
CA LEU B 48 -9.80 -21.94 -6.75
C LEU B 48 -8.28 -22.28 -6.56
N LYS B 49 -7.59 -22.39 -7.68
CA LYS B 49 -6.21 -22.72 -7.64
C LYS B 49 -5.32 -21.57 -7.12
N TYR B 50 -5.52 -20.35 -7.64
CA TYR B 50 -4.67 -19.19 -7.33
C TYR B 50 -5.39 -18.08 -6.53
N ASP B 51 -4.76 -17.61 -5.47
CA ASP B 51 -5.34 -16.61 -4.57
C ASP B 51 -4.22 -15.76 -3.93
N THR B 52 -4.45 -14.48 -3.77
CA THR B 52 -3.54 -13.58 -3.20
C THR B 52 -3.40 -13.73 -1.70
N SER B 53 -4.45 -14.07 -0.99
CA SER B 53 -4.39 -14.07 0.45
C SER B 53 -4.01 -15.48 0.87
N HIS B 54 -4.54 -16.50 0.17
CA HIS B 54 -4.32 -17.89 0.60
C HIS B 54 -3.29 -18.68 -0.15
N GLY B 55 -2.59 -18.06 -1.10
CA GLY B 55 -1.60 -18.82 -1.92
C GLY B 55 -2.13 -19.85 -2.90
N ARG B 56 -1.23 -20.62 -3.51
CA ARG B 56 -1.59 -21.74 -4.36
C ARG B 56 -2.25 -22.85 -3.55
N PHE B 57 -3.40 -23.32 -4.00
CA PHE B 57 -4.08 -24.43 -3.34
C PHE B 57 -3.19 -25.68 -3.53
N ALA B 58 -2.98 -26.44 -2.45
CA ALA B 58 -2.12 -27.63 -2.51
C ALA B 58 -2.69 -28.84 -3.27
N TRP B 59 -4.01 -28.97 -3.38
CA TRP B 59 -4.60 -30.04 -4.15
C TRP B 59 -4.52 -29.79 -5.63
N GLU B 60 -4.47 -30.85 -6.43
CA GLU B 60 -4.51 -30.72 -7.87
C GLU B 60 -5.94 -30.26 -8.27
N VAL B 61 -6.06 -29.20 -9.06
CA VAL B 61 -7.37 -28.81 -9.54
C VAL B 61 -7.39 -29.04 -11.05
N ARG B 62 -8.39 -29.75 -11.56
CA ARG B 62 -8.59 -29.87 -13.01
C ARG B 62 -10.03 -29.53 -13.30
N GLN B 63 -10.35 -29.40 -14.58
CA GLN B 63 -11.68 -28.99 -14.96
C GLN B 63 -12.02 -29.56 -16.33
N GLU B 64 -13.13 -30.27 -16.48
CA GLU B 64 -13.49 -30.95 -17.77
C GLU B 64 -14.98 -31.08 -17.90
N ARG B 65 -15.54 -30.74 -19.05
CA ARG B 65 -16.96 -30.89 -19.28
C ARG B 65 -17.60 -30.01 -18.23
N ASP B 66 -18.49 -30.60 -17.46
CA ASP B 66 -19.18 -29.91 -16.36
C ASP B 66 -18.70 -30.36 -14.97
N GLN B 67 -17.44 -30.75 -14.84
CA GLN B 67 -16.87 -31.24 -13.61
C GLN B 67 -15.65 -30.41 -13.19
N LEU B 68 -15.52 -30.22 -11.89
CA LEU B 68 -14.35 -29.59 -11.30
C LEU B 68 -13.75 -30.69 -10.45
N PHE B 69 -12.47 -31.02 -10.63
CA PHE B 69 -11.94 -32.09 -9.84
C PHE B 69 -10.97 -31.49 -8.81
N VAL B 70 -11.07 -31.91 -7.56
CA VAL B 70 -10.13 -31.51 -6.59
C VAL B 70 -9.47 -32.83 -6.17
N GLY B 71 -8.19 -33.02 -6.49
CA GLY B 71 -7.57 -34.35 -6.34
C GLY B 71 -8.39 -35.29 -7.21
N ASP B 72 -8.89 -36.40 -6.65
CA ASP B 72 -9.77 -37.27 -7.44
C ASP B 72 -11.25 -37.03 -7.23
N ASP B 73 -11.65 -36.07 -6.40
CA ASP B 73 -13.05 -35.75 -6.32
C ASP B 73 -13.54 -35.00 -7.57
N ALA B 74 -14.70 -35.43 -8.05
CA ALA B 74 -15.42 -34.81 -9.15
C ALA B 74 -16.52 -34.01 -8.52
N ILE B 75 -16.64 -32.71 -8.81
CA ILE B 75 -17.71 -31.89 -8.29
C ILE B 75 -18.55 -31.34 -9.48
N ARG B 76 -19.87 -31.55 -9.50
CA ARG B 76 -20.62 -30.98 -10.57
C ARG B 76 -20.61 -29.42 -10.58
N VAL B 77 -20.47 -28.82 -11.76
CA VAL B 77 -20.45 -27.39 -11.85
C VAL B 77 -21.74 -26.93 -12.48
N LEU B 78 -22.43 -25.98 -11.88
CA LEU B 78 -23.74 -25.58 -12.39
C LEU B 78 -23.72 -24.11 -12.71
N HIS B 79 -24.53 -23.66 -13.68
CA HIS B 79 -24.58 -22.23 -13.94
C HIS B 79 -26.00 -21.80 -14.07
N GLU B 80 -26.74 -21.94 -12.98
CA GLU B 80 -28.19 -21.66 -13.00
C GLU B 80 -28.48 -20.32 -12.39
N ARG B 81 -29.15 -19.49 -13.16
CA ARG B 81 -29.60 -18.20 -12.68
C ARG B 81 -30.71 -18.20 -11.63
N SER B 82 -31.64 -19.13 -11.74
CA SER B 82 -32.77 -19.14 -10.82
C SER B 82 -32.65 -20.27 -9.75
N LEU B 83 -32.92 -19.97 -8.48
CA LEU B 83 -32.89 -20.98 -7.44
C LEU B 83 -33.81 -22.15 -7.77
N GLN B 84 -34.96 -21.89 -8.35
CA GLN B 84 -35.90 -22.97 -8.73
C GLN B 84 -35.37 -24.01 -9.67
N SER B 85 -34.34 -23.71 -10.44
CA SER B 85 -33.78 -24.65 -11.39
C SER B 85 -32.67 -25.49 -10.76
N LEU B 86 -32.25 -25.21 -9.52
CA LEU B 86 -31.19 -25.99 -8.93
C LEU B 86 -31.57 -27.47 -8.71
N PRO B 87 -30.74 -28.40 -9.16
CA PRO B 87 -31.13 -29.81 -9.19
C PRO B 87 -30.80 -30.44 -7.84
N TRP B 88 -31.24 -29.82 -6.75
CA TRP B 88 -30.79 -30.28 -5.44
C TRP B 88 -31.41 -31.65 -5.04
N ARG B 89 -32.67 -31.87 -5.41
CA ARG B 89 -33.35 -33.08 -5.08
C ARG B 89 -32.65 -34.26 -5.79
N GLU B 90 -32.39 -34.07 -7.07
CA GLU B 90 -31.66 -35.05 -7.85
C GLU B 90 -30.30 -35.39 -7.25
N LEU B 91 -29.54 -34.39 -6.79
CA LEU B 91 -28.27 -34.61 -6.10
C LEU B 91 -28.37 -35.11 -4.64
N GLY B 92 -29.57 -35.08 -4.06
CA GLY B 92 -29.67 -35.50 -2.65
C GLY B 92 -28.94 -34.60 -1.65
N VAL B 93 -29.01 -33.27 -1.83
CA VAL B 93 -28.25 -32.34 -1.04
C VAL B 93 -28.73 -32.30 0.40
N ASP B 94 -27.83 -32.53 1.36
CA ASP B 94 -28.23 -32.38 2.77
C ASP B 94 -28.23 -30.93 3.26
N VAL B 95 -27.23 -30.15 2.87
CA VAL B 95 -27.16 -28.76 3.27
C VAL B 95 -26.69 -27.97 2.06
N VAL B 96 -27.39 -26.90 1.63
CA VAL B 96 -26.81 -25.94 0.65
C VAL B 96 -26.15 -24.81 1.42
N LEU B 97 -24.83 -24.59 1.16
CA LEU B 97 -24.14 -23.45 1.73
C LEU B 97 -24.30 -22.29 0.72
N ASP B 98 -25.22 -21.38 0.98
CA ASP B 98 -25.38 -20.25 0.09
C ASP B 98 -24.38 -19.16 0.43
N CYS B 99 -23.43 -18.96 -0.46
CA CYS B 99 -22.30 -18.13 -0.24
C CYS B 99 -22.33 -16.97 -1.27
N THR B 100 -23.52 -16.71 -1.87
CA THR B 100 -23.59 -15.65 -2.90
C THR B 100 -23.47 -14.24 -2.29
N GLY B 101 -23.77 -14.08 -1.00
CA GLY B 101 -23.92 -12.73 -0.39
C GLY B 101 -25.18 -11.99 -0.94
N VAL B 102 -25.75 -12.45 -2.06
CA VAL B 102 -26.92 -11.85 -2.65
C VAL B 102 -28.26 -12.51 -2.16
N TYR B 103 -28.29 -13.82 -2.03
CA TYR B 103 -29.48 -14.45 -1.51
C TYR B 103 -29.30 -14.53 0.00
N GLY B 104 -30.40 -14.40 0.73
CA GLY B 104 -30.31 -14.26 2.19
C GLY B 104 -31.63 -14.19 2.91
N SER B 105 -32.77 -14.24 2.22
CA SER B 105 -34.04 -14.22 2.93
C SER B 105 -34.61 -15.62 3.23
N ARG B 106 -35.61 -15.64 4.09
CA ARG B 106 -36.33 -16.85 4.36
C ARG B 106 -36.87 -17.42 3.04
N GLU B 107 -37.38 -16.56 2.17
CA GLU B 107 -38.02 -17.01 0.94
C GLU B 107 -36.95 -17.60 0.03
N HIS B 108 -35.74 -17.01 0.07
CA HIS B 108 -34.59 -17.62 -0.66
C HIS B 108 -34.28 -18.99 -0.09
N GLY B 109 -34.27 -19.08 1.24
CA GLY B 109 -34.00 -20.38 1.81
C GLY B 109 -35.06 -21.36 1.39
N GLU B 110 -36.33 -20.91 1.42
CA GLU B 110 -37.43 -21.81 1.00
C GLU B 110 -37.32 -22.25 -0.44
N ALA B 111 -36.73 -21.44 -1.28
CA ALA B 111 -36.61 -21.80 -2.69
C ALA B 111 -35.56 -22.90 -2.80
N HIS B 112 -34.50 -22.77 -2.05
CA HIS B 112 -33.49 -23.85 -2.02
C HIS B 112 -34.11 -25.15 -1.52
N ILE B 113 -34.93 -25.03 -0.47
CA ILE B 113 -35.51 -26.24 0.10
C ILE B 113 -36.52 -26.79 -0.89
N ALA B 114 -37.33 -25.95 -1.54
CA ALA B 114 -38.32 -26.48 -2.54
C ALA B 114 -37.57 -27.19 -3.71
N ALA B 115 -36.33 -26.77 -3.97
CA ALA B 115 -35.58 -27.35 -5.08
C ALA B 115 -34.91 -28.62 -4.62
N GLY B 116 -34.95 -28.91 -3.33
CA GLY B 116 -34.61 -30.25 -2.88
C GLY B 116 -33.54 -30.31 -1.79
N ALA B 117 -32.94 -29.19 -1.38
CA ALA B 117 -31.98 -29.14 -0.22
C ALA B 117 -32.69 -29.41 1.09
N LYS B 118 -32.17 -30.28 1.93
CA LYS B 118 -32.83 -30.48 3.19
C LYS B 118 -32.69 -29.21 4.08
N LYS B 119 -31.59 -28.48 4.00
CA LYS B 119 -31.34 -27.39 4.93
C LYS B 119 -30.46 -26.41 4.19
N VAL B 120 -30.37 -25.18 4.68
CA VAL B 120 -29.68 -24.13 4.04
C VAL B 120 -28.88 -23.36 5.08
N LEU B 121 -27.63 -23.05 4.76
CA LEU B 121 -26.80 -22.20 5.60
C LEU B 121 -26.31 -21.00 4.79
N PHE B 122 -26.76 -19.80 5.18
CA PHE B 122 -26.28 -18.55 4.58
C PHE B 122 -25.01 -18.04 5.19
N SER B 123 -24.13 -17.49 4.35
CA SER B 123 -22.76 -17.07 4.72
C SER B 123 -22.74 -15.60 5.16
N HIS B 124 -23.85 -15.09 5.62
CA HIS B 124 -23.85 -13.74 6.12
C HIS B 124 -25.09 -13.64 7.01
N PRO B 125 -25.31 -12.50 7.70
CA PRO B 125 -26.33 -12.51 8.78
C PRO B 125 -27.72 -12.65 8.23
N GLY B 126 -27.94 -12.33 6.97
CA GLY B 126 -29.25 -12.55 6.44
C GLY B 126 -30.07 -11.29 6.21
N SER B 127 -30.89 -11.41 5.14
CA SER B 127 -31.77 -10.36 4.54
C SER B 127 -33.04 -10.21 5.34
N ASN B 128 -33.34 -11.22 6.17
CA ASN B 128 -34.41 -11.01 7.10
C ASN B 128 -34.19 -11.89 8.31
N ASP B 129 -35.30 -12.44 8.85
CA ASP B 129 -35.25 -13.31 10.01
C ASP B 129 -35.50 -14.77 9.68
N LEU B 130 -34.48 -15.55 10.00
CA LEU B 130 -34.31 -16.94 9.59
C LEU B 130 -34.66 -17.77 10.77
N ASP B 131 -34.51 -19.10 10.66
CA ASP B 131 -34.77 -19.99 11.80
C ASP B 131 -33.78 -19.82 12.96
N ALA B 132 -32.52 -19.49 12.66
CA ALA B 132 -31.53 -19.37 13.68
C ALA B 132 -30.25 -18.72 13.14
N THR B 133 -29.41 -18.15 14.02
CA THR B 133 -28.15 -17.56 13.67
C THR B 133 -27.13 -18.17 14.59
N VAL B 134 -26.10 -18.78 14.01
CA VAL B 134 -25.21 -19.58 14.84
C VAL B 134 -23.83 -18.98 14.87
N VAL B 135 -23.30 -18.75 16.06
CA VAL B 135 -21.90 -18.46 16.25
C VAL B 135 -21.37 -19.72 16.81
N TYR B 136 -20.62 -20.40 15.97
CA TYR B 136 -20.16 -21.70 16.38
C TYR B 136 -19.17 -21.66 17.53
N GLY B 137 -19.39 -22.50 18.53
CA GLY B 137 -18.62 -22.47 19.77
C GLY B 137 -19.38 -21.77 20.89
N VAL B 138 -20.48 -21.09 20.53
CA VAL B 138 -21.31 -20.37 21.49
C VAL B 138 -22.78 -20.92 21.53
N ASN B 139 -23.46 -21.09 20.39
CA ASN B 139 -24.88 -21.52 20.47
C ASN B 139 -25.29 -22.62 19.48
N GLN B 140 -24.33 -23.33 18.89
CA GLN B 140 -24.67 -24.41 18.00
C GLN B 140 -25.50 -25.50 18.73
N ASP B 141 -25.41 -25.56 20.06
CA ASP B 141 -26.16 -26.56 20.85
C ASP B 141 -27.63 -26.22 20.91
N GLN B 142 -27.97 -25.02 20.42
CA GLN B 142 -29.36 -24.62 20.35
C GLN B 142 -30.05 -25.05 19.04
N LEU B 143 -29.30 -25.62 18.09
CA LEU B 143 -29.89 -26.06 16.84
C LEU B 143 -30.78 -27.28 17.12
N ARG B 144 -31.94 -27.32 16.46
CA ARG B 144 -32.83 -28.46 16.51
C ARG B 144 -33.16 -28.76 15.06
N ALA B 145 -33.71 -29.95 14.84
CA ALA B 145 -34.03 -30.46 13.50
C ALA B 145 -34.87 -29.50 12.65
N GLU B 146 -35.73 -28.71 13.32
CA GLU B 146 -36.69 -27.84 12.65
C GLU B 146 -36.04 -26.53 12.17
N HIS B 147 -34.79 -26.31 12.59
CA HIS B 147 -34.10 -25.13 12.12
C HIS B 147 -33.50 -25.44 10.76
N ARG B 148 -34.20 -25.10 9.68
CA ARG B 148 -33.74 -25.47 8.35
C ARG B 148 -33.18 -24.35 7.52
N ILE B 149 -33.45 -23.10 7.90
CA ILE B 149 -32.83 -21.97 7.21
C ILE B 149 -32.03 -21.18 8.21
N VAL B 150 -30.70 -21.25 8.09
CA VAL B 150 -29.85 -20.80 9.16
C VAL B 150 -28.83 -19.83 8.61
N SER B 151 -28.47 -18.81 9.41
CA SER B 151 -27.40 -17.90 9.11
C SER B 151 -26.18 -18.23 9.97
N ASN B 152 -24.98 -18.26 9.41
CA ASN B 152 -23.72 -18.44 10.18
C ASN B 152 -23.13 -17.12 10.69
N ALA B 153 -23.94 -16.08 10.76
CA ALA B 153 -23.48 -14.76 11.19
C ALA B 153 -22.41 -14.18 10.27
N SER B 154 -21.32 -13.68 10.83
CA SER B 154 -20.25 -13.09 10.02
C SER B 154 -18.87 -13.30 10.62
N ALA B 155 -17.84 -13.12 9.81
CA ALA B 155 -16.44 -13.23 10.29
C ALA B 155 -16.30 -12.36 11.57
N THR B 156 -16.75 -11.12 11.53
CA THR B 156 -16.66 -10.20 12.68
C THR B 156 -17.44 -10.55 13.94
N THR B 157 -18.73 -10.85 13.81
CA THR B 157 -19.50 -11.27 14.99
C THR B 157 -19.00 -12.61 15.47
N ASN B 158 -18.50 -13.48 14.58
CA ASN B 158 -18.01 -14.82 15.04
C ASN B 158 -16.77 -14.64 15.92
N SER B 159 -16.04 -13.56 15.67
CA SER B 159 -14.84 -13.26 16.37
C SER B 159 -15.09 -12.64 17.75
N ILE B 160 -15.95 -11.64 17.80
CA ILE B 160 -16.06 -10.89 19.02
C ILE B 160 -17.08 -11.50 20.01
N ILE B 161 -18.12 -12.19 19.51
CA ILE B 161 -19.20 -12.68 20.40
C ILE B 161 -18.64 -13.70 21.45
N PRO B 162 -17.75 -14.61 21.06
CA PRO B 162 -17.17 -15.50 22.11
C PRO B 162 -16.35 -14.74 23.17
N VAL B 163 -15.65 -13.68 22.79
CA VAL B 163 -14.87 -12.90 23.74
C VAL B 163 -15.78 -12.16 24.69
N ILE B 164 -16.85 -11.57 24.16
CA ILE B 164 -17.83 -10.85 24.98
C ILE B 164 -18.43 -11.84 25.95
N LYS B 165 -18.83 -13.02 25.49
CA LYS B 165 -19.27 -14.14 26.38
C LYS B 165 -18.22 -14.46 27.50
N LEU B 166 -16.94 -14.64 27.15
CA LEU B 166 -15.96 -15.00 28.17
C LEU B 166 -15.88 -13.93 29.24
N LEU B 167 -15.83 -12.66 28.82
CA LEU B 167 -15.70 -11.53 29.74
C LEU B 167 -17.00 -11.31 30.52
N ASP B 168 -18.13 -11.44 29.86
CA ASP B 168 -19.35 -11.19 30.56
C ASP B 168 -19.59 -12.26 31.64
N ASP B 169 -19.29 -13.53 31.32
CA ASP B 169 -19.57 -14.63 32.25
C ASP B 169 -18.70 -14.45 33.44
N ALA B 170 -17.46 -13.94 33.24
CA ALA B 170 -16.49 -13.84 34.35
C ALA B 170 -16.70 -12.57 35.15
N TYR B 171 -16.95 -11.47 34.47
CA TYR B 171 -16.90 -10.18 35.16
C TYR B 171 -18.21 -9.38 35.21
N GLY B 172 -19.24 -9.76 34.42
CA GLY B 172 -20.49 -8.99 34.27
C GLY B 172 -20.27 -7.68 33.50
N ILE B 173 -20.52 -7.71 32.18
CA ILE B 173 -20.38 -6.55 31.35
C ILE B 173 -21.59 -5.70 31.57
N GLU B 174 -21.34 -4.43 31.77
CA GLU B 174 -22.32 -3.43 32.04
C GLU B 174 -22.58 -2.58 30.80
N SER B 175 -21.53 -2.14 30.11
CA SER B 175 -21.73 -1.54 28.81
C SER B 175 -20.51 -1.82 27.96
N GLY B 176 -20.63 -1.60 26.65
CA GLY B 176 -19.47 -1.72 25.78
C GLY B 176 -19.53 -0.90 24.51
N THR B 177 -18.37 -0.78 23.87
CA THR B 177 -18.25 -0.06 22.64
C THR B 177 -17.14 -0.77 21.83
N VAL B 178 -17.28 -0.91 20.52
CA VAL B 178 -16.34 -1.70 19.67
C VAL B 178 -15.96 -0.82 18.46
N THR B 179 -14.71 -0.89 18.05
CA THR B 179 -14.25 -0.39 16.72
C THR B 179 -13.65 -1.55 15.95
N THR B 180 -14.09 -1.76 14.72
CA THR B 180 -13.50 -2.77 13.86
C THR B 180 -12.58 -2.14 12.84
N ILE B 181 -11.37 -2.62 12.73
CA ILE B 181 -10.49 -2.15 11.68
C ILE B 181 -10.51 -3.25 10.63
N HIS B 182 -11.31 -3.03 9.58
CA HIS B 182 -11.44 -3.97 8.46
C HIS B 182 -10.37 -3.79 7.45
N SER B 183 -10.04 -4.88 6.80
CA SER B 183 -9.12 -4.89 5.72
C SER B 183 -9.86 -4.58 4.46
N ALA B 184 -9.28 -3.72 3.63
CA ALA B 184 -9.87 -3.30 2.36
C ALA B 184 -9.30 -4.14 1.20
N MET B 185 -8.46 -5.11 1.52
CA MET B 185 -7.72 -5.87 0.47
C MET B 185 -8.54 -6.28 -0.83
N HIS B 186 -9.77 -6.74 -0.61
CA HIS B 186 -10.54 -7.37 -1.69
C HIS B 186 -11.63 -6.53 -2.24
N ASP B 187 -11.68 -5.28 -1.79
CA ASP B 187 -12.48 -4.24 -2.37
C ASP B 187 -11.72 -3.60 -3.50
N GLN B 188 -12.42 -2.82 -4.35
N GLN B 188 -12.42 -2.80 -4.32
CA GLN B 188 -11.78 -1.92 -5.34
CA GLN B 188 -11.83 -1.86 -5.25
C GLN B 188 -10.80 -0.91 -4.68
C GLN B 188 -10.74 -1.00 -4.56
N GLN B 189 -9.55 -0.92 -5.17
CA GLN B 189 -8.41 -0.19 -4.53
C GLN B 189 -8.49 1.34 -4.80
N VAL B 190 -8.91 1.63 -6.05
CA VAL B 190 -9.31 2.94 -6.55
C VAL B 190 -10.63 2.69 -7.30
N ILE B 191 -11.32 3.80 -7.61
CA ILE B 191 -12.72 3.78 -8.14
C ILE B 191 -13.07 5.08 -8.89
N ASP B 192 -13.68 4.94 -10.06
CA ASP B 192 -14.15 6.11 -10.79
C ASP B 192 -15.63 5.94 -11.05
N ALA B 193 -16.44 6.11 -10.00
CA ALA B 193 -17.93 5.95 -10.10
C ALA B 193 -18.62 6.69 -8.94
N TYR B 194 -19.85 7.14 -9.16
CA TYR B 194 -20.56 7.73 -8.03
C TYR B 194 -21.23 6.62 -7.27
N HIS B 195 -21.45 6.86 -5.98
CA HIS B 195 -22.17 5.89 -5.13
C HIS B 195 -22.93 6.71 -4.09
N PRO B 196 -24.10 6.24 -3.62
CA PRO B 196 -24.81 7.12 -2.70
C PRO B 196 -24.04 7.42 -1.43
N ASP B 197 -23.24 6.45 -1.00
CA ASP B 197 -22.33 6.69 0.11
C ASP B 197 -21.00 7.27 -0.43
N LEU B 198 -20.80 8.57 -0.21
CA LEU B 198 -19.70 9.27 -0.78
C LEU B 198 -18.31 8.78 -0.30
N ARG B 199 -18.25 8.05 0.81
CA ARG B 199 -17.03 7.39 1.29
C ARG B 199 -16.58 6.27 0.36
N ARG B 200 -17.56 5.55 -0.17
CA ARG B 200 -17.34 4.46 -1.09
C ARG B 200 -16.81 4.82 -2.47
N THR B 201 -16.94 6.09 -2.89
CA THR B 201 -16.35 6.54 -4.14
C THR B 201 -14.81 6.88 -3.99
N ARG B 202 -14.19 6.62 -2.84
CA ARG B 202 -12.82 7.18 -2.59
C ARG B 202 -11.78 6.09 -2.52
N ALA B 203 -10.55 6.41 -2.89
CA ALA B 203 -9.56 5.39 -3.09
C ALA B 203 -9.24 4.65 -1.78
N ALA B 204 -9.58 3.37 -1.71
CA ALA B 204 -9.43 2.60 -0.48
C ALA B 204 -7.98 2.34 -0.14
N SER B 205 -7.15 2.35 -1.15
CA SER B 205 -5.77 2.01 -0.94
C SER B 205 -5.02 3.13 -0.19
N GLN B 206 -5.63 4.31 -0.09
CA GLN B 206 -4.92 5.45 0.45
C GLN B 206 -5.41 5.87 1.87
N SER B 207 -6.58 5.45 2.32
CA SER B 207 -7.14 6.10 3.47
C SER B 207 -7.65 5.11 4.47
N ILE B 208 -7.62 5.51 5.74
CA ILE B 208 -8.57 4.99 6.71
C ILE B 208 -9.94 5.53 6.30
N ILE B 209 -10.87 4.66 6.00
CA ILE B 209 -12.23 5.05 5.56
C ILE B 209 -13.29 4.54 6.55
N PRO B 210 -14.13 5.41 7.14
CA PRO B 210 -15.24 4.91 8.01
C PRO B 210 -16.28 4.14 7.19
N VAL B 211 -16.84 3.04 7.73
CA VAL B 211 -17.88 2.30 7.03
C VAL B 211 -19.05 2.08 7.95
N ASP B 212 -20.25 1.84 7.40
CA ASP B 212 -21.46 1.58 8.24
C ASP B 212 -21.37 0.25 8.96
N THR B 213 -21.73 0.21 10.22
CA THR B 213 -21.63 -1.08 10.90
C THR B 213 -22.90 -1.34 11.71
N LYS B 214 -23.27 -2.60 11.77
CA LYS B 214 -24.40 -2.99 12.60
C LYS B 214 -23.94 -3.93 13.68
N LEU B 215 -22.61 -4.02 13.88
CA LEU B 215 -22.03 -5.04 14.79
C LEU B 215 -22.70 -4.95 16.16
N ALA B 216 -23.05 -3.73 16.53
CA ALA B 216 -23.67 -3.43 17.81
C ALA B 216 -25.08 -4.06 17.95
N ALA B 217 -25.87 -4.04 16.89
CA ALA B 217 -27.14 -4.75 16.90
C ALA B 217 -26.94 -6.31 16.93
N GLY B 218 -26.07 -6.86 16.07
CA GLY B 218 -25.69 -8.27 16.15
C GLY B 218 -25.42 -8.63 17.62
N ILE B 219 -24.61 -7.77 18.26
CA ILE B 219 -24.15 -8.04 19.58
C ILE B 219 -25.32 -8.00 20.49
N THR B 220 -26.14 -6.95 20.42
CA THR B 220 -27.26 -6.88 21.38
C THR B 220 -28.34 -7.98 21.21
N ARG B 221 -28.48 -8.54 20.00
CA ARG B 221 -29.39 -9.67 19.77
C ARG B 221 -28.99 -10.84 20.65
N PHE B 222 -27.70 -11.15 20.60
CA PHE B 222 -27.01 -12.13 21.42
C PHE B 222 -26.92 -11.78 22.89
N PHE B 223 -26.88 -10.53 23.27
CA PHE B 223 -26.77 -10.27 24.70
C PHE B 223 -27.78 -9.22 25.12
N PRO B 224 -29.06 -9.60 25.08
CA PRO B 224 -30.19 -8.81 25.47
C PRO B 224 -29.93 -8.05 26.73
N GLN B 225 -29.17 -8.64 27.67
CA GLN B 225 -28.85 -7.93 28.90
C GLN B 225 -28.12 -6.60 28.59
N PHE B 226 -27.49 -6.51 27.42
CA PHE B 226 -26.78 -5.23 27.08
C PHE B 226 -27.74 -4.18 26.53
N ASN B 227 -29.01 -4.37 26.92
CA ASN B 227 -30.10 -3.40 26.81
C ASN B 227 -29.75 -2.55 25.62
N ASP B 228 -29.74 -1.25 25.83
CA ASP B 228 -28.96 -0.42 24.94
C ASP B 228 -27.73 0.15 25.69
N ARG B 229 -26.70 -0.70 25.69
CA ARG B 229 -25.50 -0.46 26.44
C ARG B 229 -24.31 -0.87 25.56
N PHE B 230 -24.55 -1.06 24.27
CA PHE B 230 -23.56 -1.34 23.26
C PHE B 230 -23.59 -0.50 21.98
N GLU B 231 -22.45 0.06 21.57
CA GLU B 231 -22.37 0.76 20.30
C GLU B 231 -21.17 0.21 19.54
N ALA B 232 -21.07 0.57 18.25
CA ALA B 232 -19.98 0.11 17.44
C ALA B 232 -19.72 1.08 16.31
N ILE B 233 -18.44 1.25 15.91
CA ILE B 233 -18.05 1.93 14.69
C ILE B 233 -17.02 1.07 13.95
N ALA B 234 -16.60 1.53 12.78
CA ALA B 234 -15.73 0.72 11.94
C ALA B 234 -15.10 1.54 10.87
N VAL B 235 -13.89 1.14 10.47
CA VAL B 235 -13.12 1.77 9.39
C VAL B 235 -12.50 0.64 8.51
N ARG B 236 -12.10 0.93 7.25
CA ARG B 236 -11.45 -0.02 6.42
C ARG B 236 -10.15 0.64 6.15
N VAL B 237 -9.09 -0.17 6.09
CA VAL B 237 -7.76 0.31 5.88
C VAL B 237 -7.10 -0.56 4.80
N PRO B 238 -6.08 -0.04 4.09
CA PRO B 238 -5.44 -0.79 3.05
C PRO B 238 -4.48 -1.77 3.68
N THR B 239 -4.84 -3.04 3.83
CA THR B 239 -3.97 -3.95 4.52
C THR B 239 -4.36 -5.32 4.03
N ILE B 240 -3.67 -6.36 4.46
CA ILE B 240 -4.03 -7.72 4.07
C ILE B 240 -5.27 -8.21 4.81
N ASN B 241 -5.77 -9.38 4.46
CA ASN B 241 -7.07 -9.80 4.96
C ASN B 241 -7.11 -10.30 6.39
N VAL B 242 -6.60 -9.50 7.31
CA VAL B 242 -6.72 -9.77 8.72
C VAL B 242 -7.35 -8.55 9.35
N THR B 243 -8.35 -8.78 10.16
CA THR B 243 -9.14 -7.70 10.71
C THR B 243 -8.82 -7.55 12.22
N ALA B 244 -8.89 -6.33 12.75
CA ALA B 244 -8.67 -6.17 14.21
C ALA B 244 -9.95 -5.63 14.77
N ILE B 245 -10.33 -6.13 15.94
CA ILE B 245 -11.50 -5.62 16.61
C ILE B 245 -11.02 -5.14 17.95
N ASP B 246 -11.38 -3.93 18.29
CA ASP B 246 -10.82 -3.26 19.43
C ASP B 246 -12.03 -3.03 20.37
N LEU B 247 -12.14 -3.83 21.41
CA LEU B 247 -13.36 -3.95 22.18
C LEU B 247 -13.14 -3.28 23.51
N SER B 248 -14.02 -2.37 23.91
CA SER B 248 -13.93 -1.73 25.23
C SER B 248 -15.19 -1.98 26.05
N VAL B 249 -15.10 -2.64 27.20
CA VAL B 249 -16.28 -2.85 28.02
C VAL B 249 -16.05 -2.45 29.49
N THR B 250 -17.12 -1.93 30.14
CA THR B 250 -17.07 -1.64 31.54
C THR B 250 -17.60 -2.90 32.19
N VAL B 251 -16.97 -3.34 33.28
CA VAL B 251 -17.37 -4.55 34.03
C VAL B 251 -17.66 -4.35 35.53
N LYS B 252 -18.46 -5.26 36.11
CA LYS B 252 -18.80 -5.09 37.52
C LYS B 252 -17.74 -5.55 38.46
N LYS B 253 -17.21 -6.74 38.22
CA LYS B 253 -16.12 -7.22 39.06
C LYS B 253 -14.82 -6.38 38.85
N PRO B 254 -14.14 -5.87 39.91
CA PRO B 254 -12.88 -5.23 39.58
C PRO B 254 -11.84 -6.21 39.01
N VAL B 255 -10.98 -5.76 38.13
CA VAL B 255 -10.13 -6.67 37.41
C VAL B 255 -8.79 -6.00 37.01
N LYS B 256 -7.74 -6.79 36.88
CA LYS B 256 -6.49 -6.36 36.30
C LYS B 256 -6.25 -7.01 34.92
N ALA B 257 -5.45 -6.37 34.08
CA ALA B 257 -5.12 -6.89 32.75
C ALA B 257 -4.58 -8.31 32.77
N ASN B 258 -3.71 -8.66 33.71
CA ASN B 258 -3.12 -9.96 33.63
C ASN B 258 -4.15 -11.05 34.01
N GLU B 259 -5.14 -10.71 34.83
CA GLU B 259 -6.25 -11.63 35.09
C GLU B 259 -7.10 -11.83 33.85
N VAL B 260 -7.37 -10.76 33.10
CA VAL B 260 -8.19 -10.91 31.92
C VAL B 260 -7.48 -11.85 30.95
N ASN B 261 -6.18 -11.65 30.74
CA ASN B 261 -5.39 -12.45 29.83
C ASN B 261 -5.36 -13.94 30.26
N LEU B 262 -5.28 -14.19 31.55
CA LEU B 262 -5.35 -15.56 32.05
C LEU B 262 -6.74 -16.21 31.79
N LEU B 263 -7.82 -15.44 31.98
CA LEU B 263 -9.12 -15.93 31.68
C LEU B 263 -9.19 -16.36 30.21
N LEU B 264 -8.77 -15.48 29.30
CA LEU B 264 -8.84 -15.76 27.88
C LEU B 264 -7.89 -16.84 27.44
N GLN B 265 -6.66 -16.83 27.98
CA GLN B 265 -5.71 -17.89 27.68
C GLN B 265 -6.23 -19.29 28.06
N LYS B 266 -6.84 -19.42 29.25
CA LYS B 266 -7.45 -20.70 29.67
C LYS B 266 -8.69 -21.06 28.84
N ALA B 267 -9.55 -20.08 28.51
CA ALA B 267 -10.70 -20.39 27.64
C ALA B 267 -10.20 -20.93 26.25
N ALA B 268 -9.02 -20.47 25.82
CA ALA B 268 -8.45 -20.96 24.55
C ALA B 268 -7.95 -22.41 24.62
N GLN B 269 -7.56 -22.87 25.82
CA GLN B 269 -7.06 -24.22 26.04
C GLN B 269 -8.22 -25.14 26.37
N GLY B 270 -9.35 -24.57 26.77
CA GLY B 270 -10.44 -25.35 27.29
C GLY B 270 -11.65 -25.23 26.41
N ALA B 271 -12.75 -24.70 26.97
CA ALA B 271 -14.02 -24.60 26.29
C ALA B 271 -14.08 -23.91 24.90
N PHE B 272 -13.15 -23.01 24.57
CA PHE B 272 -13.14 -22.41 23.20
C PHE B 272 -11.96 -22.85 22.36
N HIS B 273 -11.37 -23.99 22.75
CA HIS B 273 -10.28 -24.55 21.97
C HIS B 273 -10.69 -24.71 20.51
N GLY B 274 -9.79 -24.36 19.60
CA GLY B 274 -10.01 -24.31 18.16
C GLY B 274 -10.96 -23.21 17.71
N ILE B 275 -11.61 -22.48 18.62
CA ILE B 275 -12.47 -21.36 18.23
C ILE B 275 -11.82 -20.01 18.55
N VAL B 276 -11.46 -19.82 19.84
CA VAL B 276 -10.74 -18.65 20.33
C VAL B 276 -9.33 -19.15 20.61
N ASP B 277 -8.32 -18.42 20.11
CA ASP B 277 -6.91 -18.67 20.45
C ASP B 277 -6.36 -17.47 21.23
N TYR B 278 -5.14 -17.61 21.77
CA TYR B 278 -4.56 -16.56 22.60
C TYR B 278 -3.08 -16.50 22.33
N THR B 279 -2.60 -15.29 22.15
CA THR B 279 -1.21 -15.12 21.99
C THR B 279 -0.66 -13.97 22.82
N GLU B 280 0.60 -14.11 23.17
CA GLU B 280 1.31 -13.10 23.90
C GLU B 280 2.66 -12.79 23.21
N LEU B 281 2.79 -13.07 21.94
CA LEU B 281 4.06 -12.90 21.27
C LEU B 281 4.03 -11.59 20.53
N PRO B 282 5.19 -11.05 20.17
CA PRO B 282 5.10 -9.83 19.36
C PRO B 282 4.86 -10.12 17.88
N LEU B 283 3.59 -10.11 17.46
CA LEU B 283 3.19 -10.49 16.14
C LEU B 283 2.61 -9.29 15.40
N VAL B 284 2.44 -9.42 14.07
CA VAL B 284 1.80 -8.41 13.23
C VAL B 284 0.65 -9.09 12.52
N SER B 285 -0.19 -8.34 11.84
CA SER B 285 -1.49 -8.96 11.42
C SER B 285 -1.35 -10.17 10.48
N VAL B 286 -0.34 -10.17 9.60
CA VAL B 286 -0.25 -11.25 8.58
C VAL B 286 0.10 -12.59 9.30
N ASP B 287 0.61 -12.49 10.52
CA ASP B 287 0.86 -13.69 11.33
C ASP B 287 -0.43 -14.48 11.56
N PHE B 288 -1.58 -13.85 11.42
CA PHE B 288 -2.85 -14.54 11.60
C PHE B 288 -3.52 -14.92 10.30
N ASN B 289 -2.80 -14.73 9.19
CA ASN B 289 -3.37 -15.00 7.90
C ASN B 289 -3.49 -16.51 7.82
N HIS B 290 -4.64 -17.00 7.35
CA HIS B 290 -4.88 -18.42 7.21
C HIS B 290 -4.97 -19.13 8.59
N ASP B 291 -5.30 -18.40 9.64
CA ASP B 291 -5.54 -19.06 10.89
C ASP B 291 -7.05 -19.44 10.99
N PRO B 292 -7.34 -20.68 11.40
CA PRO B 292 -8.74 -21.17 11.38
C PRO B 292 -9.59 -20.81 12.62
N HIS B 293 -9.01 -20.15 13.61
CA HIS B 293 -9.82 -19.71 14.75
C HIS B 293 -10.74 -18.59 14.32
N SER B 294 -11.85 -18.45 15.03
CA SER B 294 -12.72 -17.34 14.86
C SER B 294 -12.11 -16.01 15.43
N ALA B 295 -11.35 -16.12 16.53
CA ALA B 295 -10.83 -14.95 17.23
C ALA B 295 -9.45 -15.31 17.76
N ILE B 296 -8.50 -14.39 17.63
CA ILE B 296 -7.24 -14.56 18.35
C ILE B 296 -7.01 -13.31 19.24
N VAL B 297 -7.11 -13.52 20.56
CA VAL B 297 -6.93 -12.47 21.54
C VAL B 297 -5.42 -12.17 21.60
N ASP B 298 -5.04 -10.91 21.39
CA ASP B 298 -3.64 -10.50 21.45
C ASP B 298 -3.43 -9.92 22.85
N GLY B 299 -2.89 -10.73 23.73
CA GLY B 299 -2.79 -10.33 25.12
C GLY B 299 -1.74 -9.28 25.37
N THR B 300 -0.87 -8.99 24.39
CA THR B 300 0.09 -7.94 24.60
C THR B 300 -0.64 -6.63 24.51
N GLN B 301 -1.86 -6.63 24.00
CA GLN B 301 -2.65 -5.41 23.78
C GLN B 301 -3.75 -5.20 24.84
N THR B 302 -3.92 -6.10 25.76
CA THR B 302 -4.95 -5.96 26.76
C THR B 302 -4.66 -4.85 27.79
N ARG B 303 -5.68 -4.08 28.17
CA ARG B 303 -5.48 -2.99 29.09
C ARG B 303 -6.71 -2.94 29.94
N VAL B 304 -6.53 -2.59 31.22
CA VAL B 304 -7.64 -2.23 32.16
C VAL B 304 -7.40 -0.83 32.69
N SER B 305 -8.33 0.08 32.38
CA SER B 305 -8.24 1.44 32.89
C SER B 305 -9.02 1.51 34.23
N GLY B 306 -8.33 1.88 35.31
CA GLY B 306 -8.97 1.73 36.63
C GLY B 306 -9.10 0.22 36.80
N ALA B 307 -10.16 -0.24 37.45
CA ALA B 307 -10.35 -1.68 37.65
C ALA B 307 -11.55 -2.22 36.89
N HIS B 308 -12.18 -1.36 36.11
CA HIS B 308 -13.44 -1.67 35.45
C HIS B 308 -13.60 -1.46 33.93
N LEU B 309 -12.64 -0.83 33.24
CA LEU B 309 -12.78 -0.56 31.77
C LEU B 309 -11.72 -1.37 31.00
N ILE B 310 -12.13 -2.48 30.41
CA ILE B 310 -11.24 -3.40 29.78
C ILE B 310 -11.19 -3.11 28.29
N LYS B 311 -9.97 -3.06 27.77
CA LYS B 311 -9.75 -2.98 26.30
C LYS B 311 -9.09 -4.31 25.92
N THR B 312 -9.59 -4.91 24.84
CA THR B 312 -8.97 -6.10 24.28
C THR B 312 -8.88 -5.94 22.76
N LEU B 313 -7.72 -6.27 22.18
CA LEU B 313 -7.59 -6.30 20.70
C LEU B 313 -7.68 -7.77 20.20
N VAL B 314 -8.59 -8.03 19.25
CA VAL B 314 -8.84 -9.41 18.80
C VAL B 314 -8.56 -9.55 17.32
N TRP B 315 -7.79 -10.54 16.92
CA TRP B 315 -7.49 -10.65 15.47
C TRP B 315 -8.36 -11.73 14.85
N CYS B 316 -8.61 -11.61 13.56
CA CYS B 316 -9.07 -12.80 12.81
C CYS B 316 -8.76 -12.58 11.34
N ASP B 317 -8.39 -13.68 10.68
CA ASP B 317 -8.38 -13.71 9.23
C ASP B 317 -9.87 -13.53 8.88
N ASN B 318 -10.24 -12.53 8.07
CA ASN B 318 -11.68 -12.34 7.88
C ASN B 318 -12.32 -13.29 6.91
N GLU B 319 -11.58 -14.23 6.35
CA GLU B 319 -12.19 -15.23 5.47
C GLU B 319 -12.00 -16.64 6.06
N TRP B 320 -10.80 -16.94 6.57
CA TRP B 320 -10.39 -18.33 6.94
C TRP B 320 -11.11 -18.93 8.16
N GLY B 321 -11.21 -18.20 9.27
CA GLY B 321 -11.95 -18.72 10.42
C GLY B 321 -13.42 -18.91 10.00
N PHE B 322 -13.96 -17.89 9.35
CA PHE B 322 -15.35 -17.96 8.91
C PHE B 322 -15.67 -19.20 8.00
N ALA B 323 -14.77 -19.51 7.06
CA ALA B 323 -15.03 -20.56 6.11
C ALA B 323 -15.01 -21.90 6.85
N ASN B 324 -14.11 -22.01 7.81
CA ASN B 324 -14.08 -23.20 8.71
C ASN B 324 -15.32 -23.29 9.61
N ARG B 325 -15.84 -22.16 10.05
CA ARG B 325 -17.06 -22.14 10.87
C ARG B 325 -18.27 -22.59 10.01
N MET B 326 -18.29 -22.22 8.74
CA MET B 326 -19.39 -22.71 7.82
C MET B 326 -19.49 -24.24 7.82
N LEU B 327 -18.34 -24.91 7.76
CA LEU B 327 -18.27 -26.36 7.76
C LEU B 327 -18.68 -26.92 9.11
N ASP B 328 -18.25 -26.26 10.21
CA ASP B 328 -18.65 -26.68 11.54
C ASP B 328 -20.13 -26.58 11.76
N THR B 329 -20.71 -25.40 11.51
CA THR B 329 -22.16 -25.30 11.54
C THR B 329 -22.90 -26.33 10.63
N THR B 330 -22.48 -26.50 9.39
CA THR B 330 -23.04 -27.51 8.47
C THR B 330 -23.15 -28.87 9.15
N LEU B 331 -22.06 -29.25 9.76
CA LEU B 331 -21.95 -30.51 10.39
C LEU B 331 -22.87 -30.56 11.60
N ALA B 332 -22.99 -29.46 12.34
CA ALA B 332 -23.89 -29.48 13.49
C ALA B 332 -25.37 -29.51 12.97
N MET B 333 -25.71 -28.86 11.85
CA MET B 333 -27.07 -28.96 11.28
C MET B 333 -27.42 -30.36 10.72
N ALA B 334 -26.47 -31.02 10.08
CA ALA B 334 -26.70 -32.26 9.37
C ALA B 334 -26.84 -33.40 10.39
N THR B 335 -26.28 -33.24 11.60
CA THR B 335 -26.24 -34.22 12.68
C THR B 335 -27.44 -34.14 13.64
N VAL B 336 -27.90 -32.92 13.93
CA VAL B 336 -29.12 -32.75 14.69
C VAL B 336 -30.39 -33.08 13.83
N ALA B 337 -30.23 -33.14 12.49
CA ALA B 337 -31.26 -33.65 11.58
C ALA B 337 -31.74 -35.08 11.95
N PHE B 338 -30.88 -35.82 12.63
CA PHE B 338 -31.22 -37.13 13.16
C PHE B 338 -31.47 -36.97 14.66
N ARG B 339 -31.32 -35.75 15.14
CA ARG B 339 -31.50 -35.41 16.54
C ARG B 339 -30.85 -36.42 17.47
N THR C 2 -15.44 34.13 -25.54
CA THR C 2 -15.24 32.90 -24.77
C THR C 2 -15.66 31.64 -25.56
N VAL C 3 -14.80 30.61 -25.60
CA VAL C 3 -15.18 29.32 -26.12
C VAL C 3 -16.15 28.69 -25.12
N ARG C 4 -17.36 28.41 -25.57
CA ARG C 4 -18.38 27.84 -24.70
C ARG C 4 -18.28 26.32 -24.77
N VAL C 5 -17.99 25.64 -23.67
CA VAL C 5 -17.84 24.18 -23.71
C VAL C 5 -18.76 23.46 -22.72
N ALA C 6 -19.15 22.20 -23.05
CA ALA C 6 -19.92 21.31 -22.20
C ALA C 6 -19.08 20.11 -21.91
N ILE C 7 -19.16 19.62 -20.66
CA ILE C 7 -18.46 18.40 -20.28
C ILE C 7 -19.51 17.30 -20.24
N ASN C 8 -19.34 16.28 -21.08
CA ASN C 8 -20.11 15.06 -20.95
C ASN C 8 -19.34 13.98 -20.15
N GLY C 9 -19.78 13.68 -18.92
CA GLY C 9 -19.07 12.75 -18.04
C GLY C 9 -18.32 13.54 -16.96
N PHE C 10 -18.58 13.25 -15.68
CA PHE C 10 -17.89 13.92 -14.59
C PHE C 10 -17.30 12.94 -13.61
N GLY C 11 -16.61 11.97 -14.18
CA GLY C 11 -15.72 11.15 -13.39
C GLY C 11 -14.43 11.91 -13.24
N ARG C 12 -13.35 11.16 -12.98
CA ARG C 12 -12.04 11.77 -12.65
C ARG C 12 -11.50 12.73 -13.75
N ILE C 13 -11.52 12.29 -15.04
CA ILE C 13 -11.08 13.16 -16.14
C ILE C 13 -11.94 14.44 -16.26
N GLY C 14 -13.29 14.31 -16.27
CA GLY C 14 -14.15 15.49 -16.35
C GLY C 14 -13.95 16.48 -15.21
N ARG C 15 -13.83 16.00 -13.99
CA ARG C 15 -13.55 16.86 -12.84
C ARG C 15 -12.13 17.45 -12.95
N ASN C 16 -11.14 16.63 -13.34
CA ASN C 16 -9.82 17.21 -13.52
C ASN C 16 -9.78 18.25 -14.62
N VAL C 17 -10.59 18.12 -15.69
CA VAL C 17 -10.63 19.10 -16.73
C VAL C 17 -11.20 20.38 -16.16
N VAL C 18 -12.27 20.30 -15.32
CA VAL C 18 -12.75 21.49 -14.65
C VAL C 18 -11.73 22.13 -13.68
N ARG C 19 -11.12 21.34 -12.82
CA ARG C 19 -10.06 21.88 -12.00
C ARG C 19 -8.96 22.56 -12.84
N ALA C 20 -8.47 21.87 -13.89
CA ALA C 20 -7.38 22.47 -14.68
C ALA C 20 -7.77 23.82 -15.33
N LEU C 21 -9.02 23.95 -15.78
CA LEU C 21 -9.56 25.18 -16.33
C LEU C 21 -9.31 26.33 -15.36
N TYR C 22 -9.68 26.13 -14.11
CA TYR C 22 -9.52 27.17 -13.09
C TYR C 22 -8.08 27.34 -12.69
N GLU C 23 -7.37 26.25 -12.42
CA GLU C 23 -6.02 26.40 -11.92
C GLU C 23 -5.04 26.97 -12.94
N SER C 24 -5.27 26.68 -14.23
CA SER C 24 -4.30 27.04 -15.29
C SER C 24 -4.53 28.46 -15.87
N GLY C 25 -5.63 29.11 -15.49
CA GLY C 25 -5.95 30.41 -16.03
C GLY C 25 -6.71 30.34 -17.34
N ARG C 26 -6.87 29.13 -17.90
CA ARG C 26 -7.53 28.97 -19.17
C ARG C 26 -8.99 29.40 -19.08
N ARG C 27 -9.44 29.70 -17.87
CA ARG C 27 -10.77 30.27 -17.68
C ARG C 27 -10.93 31.65 -18.39
N ALA C 28 -9.83 32.24 -18.80
CA ALA C 28 -9.88 33.51 -19.51
C ALA C 28 -10.33 33.33 -20.96
N GLU C 29 -10.27 32.09 -21.48
CA GLU C 29 -10.71 31.82 -22.86
C GLU C 29 -11.83 30.78 -23.02
N ILE C 30 -12.09 30.03 -21.96
CA ILE C 30 -13.06 28.96 -22.06
C ILE C 30 -13.97 29.07 -20.88
N THR C 31 -15.26 28.91 -21.13
CA THR C 31 -16.30 28.85 -20.11
C THR C 31 -16.98 27.51 -20.19
N VAL C 32 -17.04 26.79 -19.06
CA VAL C 32 -17.87 25.61 -18.96
C VAL C 32 -19.36 26.01 -18.77
N VAL C 33 -20.25 25.62 -19.67
CA VAL C 33 -21.62 26.05 -19.56
C VAL C 33 -22.53 24.98 -18.96
N ALA C 34 -22.17 23.70 -19.13
CA ALA C 34 -22.97 22.58 -18.63
C ALA C 34 -22.05 21.39 -18.38
N ILE C 35 -22.43 20.56 -17.42
CA ILE C 35 -21.83 19.25 -17.18
C ILE C 35 -23.00 18.24 -17.15
N ASN C 36 -22.87 17.16 -17.92
CA ASN C 36 -23.87 16.08 -17.91
C ASN C 36 -23.31 14.84 -17.23
N GLU C 37 -24.08 14.28 -16.27
CA GLU C 37 -23.62 13.11 -15.49
C GLU C 37 -24.82 12.36 -14.87
N LEU C 38 -24.75 11.04 -14.88
CA LEU C 38 -25.81 10.26 -14.30
C LEU C 38 -25.45 10.01 -12.84
N ALA C 39 -25.60 11.04 -12.02
CA ALA C 39 -25.21 11.02 -10.60
C ALA C 39 -25.83 12.28 -9.97
N ASP C 40 -25.98 12.26 -8.66
CA ASP C 40 -26.56 13.35 -7.90
C ASP C 40 -25.73 14.63 -8.02
N ALA C 41 -26.37 15.77 -8.21
CA ALA C 41 -25.60 17.06 -8.29
C ALA C 41 -24.72 17.33 -7.05
N ALA C 42 -25.24 17.05 -5.86
CA ALA C 42 -24.49 17.24 -4.58
C ALA C 42 -23.23 16.36 -4.50
N GLY C 43 -23.27 15.19 -5.14
CA GLY C 43 -22.16 14.25 -5.14
C GLY C 43 -21.14 14.73 -6.11
N MET C 44 -21.64 15.33 -7.19
CA MET C 44 -20.71 15.88 -8.18
C MET C 44 -19.93 17.03 -7.52
N ALA C 45 -20.64 17.93 -6.83
CA ALA C 45 -19.99 19.03 -6.07
C ALA C 45 -18.97 18.50 -5.05
N HIS C 46 -19.35 17.49 -4.25
CA HIS C 46 -18.46 16.95 -3.23
C HIS C 46 -17.16 16.40 -3.83
N LEU C 47 -17.29 15.64 -4.90
CA LEU C 47 -16.10 15.03 -5.49
C LEU C 47 -15.22 16.03 -6.25
N LEU C 48 -15.81 17.14 -6.74
CA LEU C 48 -15.00 18.21 -7.38
C LEU C 48 -14.13 18.85 -6.28
N LYS C 49 -14.66 18.96 -5.08
CA LYS C 49 -14.01 19.63 -3.97
C LYS C 49 -12.95 18.76 -3.27
N TYR C 50 -13.25 17.49 -2.98
CA TYR C 50 -12.37 16.60 -2.28
C TYR C 50 -11.81 15.52 -3.20
N ASP C 51 -10.50 15.34 -3.17
CA ASP C 51 -9.91 14.33 -4.01
C ASP C 51 -8.76 13.67 -3.24
N THR C 52 -8.51 12.42 -3.55
CA THR C 52 -7.36 11.74 -3.03
C THR C 52 -5.99 12.24 -3.63
N SER C 53 -5.73 12.13 -4.95
CA SER C 53 -4.45 12.50 -5.53
C SER C 53 -4.25 14.00 -5.59
N HIS C 54 -5.33 14.77 -5.82
CA HIS C 54 -5.19 16.21 -6.07
C HIS C 54 -5.61 17.10 -4.91
N GLY C 55 -5.95 16.51 -3.77
CA GLY C 55 -6.27 17.28 -2.55
C GLY C 55 -7.53 18.11 -2.74
N ARG C 56 -7.70 19.09 -1.86
CA ARG C 56 -8.85 19.94 -1.89
C ARG C 56 -8.73 21.00 -2.98
N PHE C 57 -9.80 21.14 -3.76
CA PHE C 57 -9.90 22.18 -4.76
C PHE C 57 -9.90 23.52 -4.02
N ALA C 58 -9.06 24.46 -4.48
CA ALA C 58 -8.88 25.77 -3.82
C ALA C 58 -10.01 26.76 -4.03
N TRP C 59 -10.74 26.61 -5.14
CA TRP C 59 -11.97 27.35 -5.42
C TRP C 59 -13.13 26.92 -4.52
N GLU C 60 -14.01 27.85 -4.21
CA GLU C 60 -15.23 27.57 -3.48
C GLU C 60 -16.26 26.83 -4.40
N VAL C 61 -16.77 25.70 -3.91
CA VAL C 61 -17.73 24.90 -4.65
C VAL C 61 -19.07 24.87 -3.97
N ARG C 62 -20.12 25.27 -4.68
CA ARG C 62 -21.48 25.21 -4.16
C ARG C 62 -22.39 24.53 -5.15
N GLN C 63 -23.58 24.19 -4.68
CA GLN C 63 -24.49 23.39 -5.46
C GLN C 63 -25.87 23.70 -4.99
N GLU C 64 -26.77 24.02 -5.89
CA GLU C 64 -28.16 24.40 -5.54
C GLU C 64 -29.03 24.13 -6.77
N ARG C 65 -29.98 23.20 -6.61
CA ARG C 65 -30.88 22.74 -7.69
C ARG C 65 -30.10 22.15 -8.86
N ASP C 66 -30.20 22.78 -10.03
CA ASP C 66 -29.56 22.19 -11.19
C ASP C 66 -28.30 23.00 -11.57
N GLN C 67 -27.77 23.77 -10.63
CA GLN C 67 -26.56 24.52 -10.85
C GLN C 67 -25.39 23.99 -9.97
N LEU C 68 -24.19 24.09 -10.52
CA LEU C 68 -23.00 23.81 -9.78
C LEU C 68 -22.23 25.09 -9.87
N PHE C 69 -21.77 25.60 -8.75
CA PHE C 69 -21.02 26.86 -8.70
C PHE C 69 -19.52 26.66 -8.38
N VAL C 70 -18.64 27.20 -9.22
CA VAL C 70 -17.21 27.29 -8.98
C VAL C 70 -16.86 28.79 -8.89
N GLY C 71 -16.56 29.27 -7.67
CA GLY C 71 -16.45 30.72 -7.46
C GLY C 71 -17.79 31.38 -7.77
N ASP C 72 -17.79 32.39 -8.64
CA ASP C 72 -19.07 32.96 -9.04
C ASP C 72 -19.66 32.34 -10.30
N ASP C 73 -18.98 31.38 -10.91
CA ASP C 73 -19.51 30.77 -12.11
C ASP C 73 -20.63 29.74 -11.82
N ALA C 74 -21.73 29.87 -12.54
CA ALA C 74 -22.83 28.94 -12.47
C ALA C 74 -22.66 28.02 -13.66
N ILE C 75 -22.62 26.72 -13.39
CA ILE C 75 -22.54 25.74 -14.42
C ILE C 75 -23.81 24.86 -14.32
N ARG C 76 -24.54 24.75 -15.44
CA ARG C 76 -25.75 23.93 -15.49
C ARG C 76 -25.46 22.44 -15.37
N VAL C 77 -26.19 21.75 -14.50
CA VAL C 77 -26.01 20.33 -14.29
C VAL C 77 -27.12 19.55 -15.01
N LEU C 78 -26.71 18.62 -15.87
CA LEU C 78 -27.63 17.85 -16.68
C LEU C 78 -27.57 16.37 -16.28
N HIS C 79 -28.68 15.64 -16.44
CA HIS C 79 -28.60 14.19 -16.16
C HIS C 79 -29.26 13.35 -17.29
N GLU C 80 -28.68 13.34 -18.49
CA GLU C 80 -29.31 12.75 -19.70
C GLU C 80 -28.68 11.46 -20.03
N ARG C 81 -29.49 10.40 -20.16
CA ARG C 81 -29.01 9.08 -20.52
C ARG C 81 -28.76 9.04 -22.00
N SER C 82 -29.33 9.96 -22.74
CA SER C 82 -29.38 9.72 -24.16
C SER C 82 -28.72 10.93 -24.87
N LEU C 83 -27.64 10.71 -25.62
CA LEU C 83 -26.89 11.82 -26.27
C LEU C 83 -27.77 12.76 -27.09
N GLN C 84 -28.76 12.18 -27.79
CA GLN C 84 -29.51 13.02 -28.72
C GLN C 84 -30.53 13.94 -28.02
N SER C 85 -30.72 13.69 -26.72
CA SER C 85 -31.52 14.52 -25.82
C SER C 85 -30.78 15.69 -25.12
N LEU C 86 -29.46 15.78 -25.31
CA LEU C 86 -28.62 16.83 -24.69
C LEU C 86 -28.89 18.22 -25.25
N PRO C 87 -29.07 19.26 -24.42
CA PRO C 87 -29.52 20.56 -24.95
C PRO C 87 -28.39 21.45 -25.44
N TRP C 88 -27.55 20.86 -26.29
CA TRP C 88 -26.37 21.58 -26.73
C TRP C 88 -26.74 22.77 -27.65
N ARG C 89 -27.76 22.65 -28.48
CA ARG C 89 -28.18 23.79 -29.30
C ARG C 89 -28.65 24.98 -28.45
N GLU C 90 -29.57 24.72 -27.53
CA GLU C 90 -30.07 25.72 -26.61
C GLU C 90 -28.93 26.44 -25.82
N LEU C 91 -27.93 25.68 -25.37
CA LEU C 91 -26.79 26.24 -24.65
C LEU C 91 -25.73 26.85 -25.54
N GLY C 92 -25.85 26.67 -26.84
CA GLY C 92 -24.85 27.19 -27.81
C GLY C 92 -23.45 26.64 -27.65
N VAL C 93 -23.31 25.31 -27.55
CA VAL C 93 -22.04 24.65 -27.27
C VAL C 93 -21.03 24.62 -28.47
N ASP C 94 -19.85 25.18 -28.23
CA ASP C 94 -18.82 25.24 -29.24
C ASP C 94 -18.07 23.94 -29.36
N VAL C 95 -17.66 23.40 -28.21
CA VAL C 95 -17.02 22.14 -28.13
C VAL C 95 -17.58 21.36 -26.93
N VAL C 96 -17.88 20.07 -27.16
CA VAL C 96 -18.21 19.11 -26.10
C VAL C 96 -16.98 18.25 -25.84
N LEU C 97 -16.50 18.28 -24.60
CA LEU C 97 -15.47 17.40 -24.12
C LEU C 97 -16.20 16.15 -23.57
N ASP C 98 -16.12 15.06 -24.32
CA ASP C 98 -16.77 13.87 -23.83
C ASP C 98 -15.73 13.08 -23.04
N CYS C 99 -15.98 13.04 -21.74
CA CYS C 99 -15.05 12.45 -20.84
C CYS C 99 -15.69 11.24 -20.22
N THR C 100 -16.70 10.67 -20.87
CA THR C 100 -17.32 9.52 -20.26
C THR C 100 -16.43 8.28 -20.29
N GLY C 101 -15.52 8.20 -21.25
CA GLY C 101 -14.84 6.93 -21.42
C GLY C 101 -15.77 5.85 -21.99
N VAL C 102 -17.01 6.17 -22.33
CA VAL C 102 -17.98 5.17 -22.74
C VAL C 102 -18.30 5.46 -24.23
N TYR C 103 -18.54 6.72 -24.57
CA TYR C 103 -18.78 7.11 -25.94
C TYR C 103 -17.46 7.35 -26.56
N GLY C 104 -17.35 7.13 -27.86
CA GLY C 104 -16.08 7.36 -28.58
C GLY C 104 -16.09 6.98 -30.05
N SER C 105 -17.25 6.64 -30.62
CA SER C 105 -17.30 6.23 -32.03
C SER C 105 -17.57 7.54 -32.82
N ARG C 106 -17.25 7.53 -34.10
CA ARG C 106 -17.63 8.64 -34.96
C ARG C 106 -19.12 8.95 -34.81
N GLU C 107 -19.94 7.90 -34.67
CA GLU C 107 -21.41 8.08 -34.71
C GLU C 107 -21.83 8.74 -33.40
N HIS C 108 -21.06 8.46 -32.34
CA HIS C 108 -21.31 9.06 -31.04
C HIS C 108 -21.02 10.53 -31.12
N GLY C 109 -19.92 10.87 -31.79
CA GLY C 109 -19.61 12.27 -31.99
C GLY C 109 -20.70 12.97 -32.81
N GLU C 110 -21.20 12.31 -33.85
CA GLU C 110 -22.30 12.90 -34.67
C GLU C 110 -23.59 13.05 -33.89
N ALA C 111 -23.80 12.15 -32.91
CA ALA C 111 -24.94 12.35 -31.98
C ALA C 111 -24.79 13.66 -31.18
N HIS C 112 -23.62 13.91 -30.58
CA HIS C 112 -23.42 15.20 -29.90
C HIS C 112 -23.63 16.34 -30.91
N ILE C 113 -23.14 16.19 -32.13
CA ILE C 113 -23.31 17.30 -33.07
C ILE C 113 -24.82 17.51 -33.47
N ALA C 114 -25.54 16.41 -33.65
CA ALA C 114 -26.95 16.49 -34.08
C ALA C 114 -27.72 17.14 -32.93
N ALA C 115 -27.20 17.01 -31.71
CA ALA C 115 -27.87 17.64 -30.58
C ALA C 115 -27.52 19.12 -30.49
N GLY C 116 -26.54 19.58 -31.27
CA GLY C 116 -26.23 21.00 -31.30
C GLY C 116 -24.80 21.42 -30.99
N ALA C 117 -23.89 20.49 -30.70
CA ALA C 117 -22.55 20.94 -30.40
C ALA C 117 -21.89 21.21 -31.70
N LYS C 118 -20.99 22.18 -31.78
CA LYS C 118 -20.36 22.42 -33.09
C LYS C 118 -19.28 21.39 -33.39
N LYS C 119 -18.55 20.98 -32.33
CA LYS C 119 -17.45 20.06 -32.42
C LYS C 119 -17.42 19.24 -31.15
N VAL C 120 -16.81 18.07 -31.27
CA VAL C 120 -16.70 17.15 -30.16
C VAL C 120 -15.23 16.83 -29.96
N LEU C 121 -14.76 16.81 -28.73
CA LEU C 121 -13.41 16.26 -28.43
C LEU C 121 -13.54 15.07 -27.47
N PHE C 122 -12.96 13.92 -27.85
CA PHE C 122 -12.99 12.72 -26.99
C PHE C 122 -11.79 12.61 -26.10
N SER C 123 -12.04 12.29 -24.82
CA SER C 123 -10.98 12.11 -23.86
C SER C 123 -10.17 10.74 -23.94
N HIS C 124 -10.17 10.08 -25.10
CA HIS C 124 -9.46 8.82 -25.31
C HIS C 124 -9.33 8.63 -26.84
N PRO C 125 -8.65 7.55 -27.29
CA PRO C 125 -8.37 7.38 -28.75
C PRO C 125 -9.59 7.20 -29.66
N GLY C 126 -10.73 6.77 -29.10
CA GLY C 126 -11.95 6.51 -29.87
C GLY C 126 -11.72 5.47 -30.95
N SER C 127 -12.63 5.43 -31.92
CA SER C 127 -12.46 4.55 -33.08
C SER C 127 -11.39 5.10 -34.06
N ASN C 128 -11.04 4.31 -35.08
CA ASN C 128 -9.94 4.63 -36.06
C ASN C 128 -10.48 5.60 -37.15
N ASP C 129 -11.66 6.09 -36.80
CA ASP C 129 -12.64 6.70 -37.65
C ASP C 129 -12.75 8.20 -37.55
N LEU C 130 -12.16 8.77 -36.52
CA LEU C 130 -12.31 10.18 -36.26
C LEU C 130 -11.56 11.08 -37.22
N ASP C 131 -11.94 12.35 -37.26
CA ASP C 131 -11.34 13.34 -38.13
C ASP C 131 -9.89 13.65 -37.81
N ALA C 132 -9.51 13.53 -36.55
CA ALA C 132 -8.15 13.86 -36.13
C ALA C 132 -7.87 13.34 -34.73
N THR C 133 -6.63 12.97 -34.51
CA THR C 133 -6.19 12.65 -33.19
C THR C 133 -5.06 13.65 -32.94
N VAL C 134 -5.21 14.46 -31.89
CA VAL C 134 -4.29 15.51 -31.62
C VAL C 134 -3.40 15.14 -30.44
N VAL C 135 -2.10 15.14 -30.65
CA VAL C 135 -1.18 15.15 -29.53
C VAL C 135 -0.64 16.57 -29.48
N TYR C 136 -1.22 17.38 -28.60
CA TYR C 136 -0.90 18.79 -28.54
C TYR C 136 0.59 19.00 -28.28
N GLY C 137 1.20 19.90 -29.06
CA GLY C 137 2.64 20.09 -29.02
C GLY C 137 3.21 19.43 -30.26
N VAL C 138 2.54 18.43 -30.83
CA VAL C 138 3.10 17.73 -32.01
C VAL C 138 2.32 18.02 -33.28
N ASN C 139 0.98 17.87 -33.30
CA ASN C 139 0.23 18.00 -34.56
C ASN C 139 -1.04 18.87 -34.46
N GLN C 140 -1.18 19.73 -33.44
CA GLN C 140 -2.37 20.56 -33.43
C GLN C 140 -2.46 21.43 -34.68
N ASP C 141 -1.33 21.77 -35.31
CA ASP C 141 -1.35 22.64 -36.51
CA ASP C 141 -1.43 22.67 -36.45
C ASP C 141 -1.95 21.95 -37.71
N GLN C 142 -2.11 20.63 -37.61
CA GLN C 142 -2.88 19.85 -38.62
C GLN C 142 -4.39 20.03 -38.50
N LEU C 143 -4.88 20.69 -37.46
CA LEU C 143 -6.32 20.91 -37.35
C LEU C 143 -6.81 21.90 -38.40
N ARG C 144 -8.04 21.67 -38.86
CA ARG C 144 -8.65 22.42 -39.94
C ARG C 144 -10.07 22.67 -39.46
N ALA C 145 -10.69 23.72 -39.97
CA ALA C 145 -12.13 24.05 -39.69
C ALA C 145 -13.12 22.89 -39.83
N GLU C 146 -12.83 21.97 -40.76
CA GLU C 146 -13.74 20.86 -41.02
C GLU C 146 -13.47 19.64 -40.11
N HIS C 147 -12.46 19.70 -39.26
CA HIS C 147 -12.34 18.65 -38.29
C HIS C 147 -13.39 18.86 -37.19
N ARG C 148 -14.45 18.08 -37.16
CA ARG C 148 -15.52 18.30 -36.19
C ARG C 148 -15.46 17.36 -34.97
N ILE C 149 -14.95 16.14 -35.22
CA ILE C 149 -14.95 15.05 -34.27
C ILE C 149 -13.52 14.61 -34.08
N VAL C 150 -12.95 14.95 -32.90
CA VAL C 150 -11.48 14.81 -32.64
C VAL C 150 -11.23 13.93 -31.46
N SER C 151 -10.15 13.14 -31.51
CA SER C 151 -9.70 12.47 -30.32
C SER C 151 -8.44 13.17 -29.77
N ASN C 152 -8.28 13.15 -28.44
CA ASN C 152 -7.12 13.77 -27.77
C ASN C 152 -6.11 12.70 -27.46
N ALA C 153 -6.23 11.52 -28.08
CA ALA C 153 -5.34 10.39 -27.76
C ALA C 153 -5.55 10.01 -26.26
N SER C 154 -4.49 9.79 -25.48
CA SER C 154 -4.59 9.25 -24.12
C SER C 154 -3.40 9.79 -23.31
N ALA C 155 -3.41 9.57 -22.00
CA ALA C 155 -2.37 10.22 -21.20
C ALA C 155 -1.01 9.61 -21.61
N THR C 156 -0.97 8.29 -21.89
CA THR C 156 0.29 7.68 -22.17
C THR C 156 0.75 7.94 -23.62
N THR C 157 -0.16 8.05 -24.58
CA THR C 157 0.28 8.42 -25.93
C THR C 157 0.72 9.87 -25.98
N ASN C 158 0.02 10.75 -25.28
CA ASN C 158 0.53 12.11 -25.16
C ASN C 158 1.92 12.20 -24.53
N SER C 159 2.24 11.24 -23.67
CA SER C 159 3.48 11.30 -23.00
C SER C 159 4.63 10.77 -23.86
N ILE C 160 4.41 9.68 -24.62
CA ILE C 160 5.51 9.07 -25.32
C ILE C 160 5.69 9.50 -26.79
N ILE C 161 4.64 9.94 -27.42
CA ILE C 161 4.71 10.36 -28.83
C ILE C 161 5.66 11.54 -29.04
N PRO C 162 5.61 12.57 -28.17
CA PRO C 162 6.61 13.67 -28.36
C PRO C 162 8.00 13.13 -28.23
N VAL C 163 8.23 12.24 -27.28
CA VAL C 163 9.60 11.73 -27.14
C VAL C 163 10.02 10.93 -28.39
N ILE C 164 9.16 9.98 -28.83
CA ILE C 164 9.41 9.19 -30.01
C ILE C 164 9.71 10.13 -31.20
N LYS C 165 8.88 11.17 -31.41
CA LYS C 165 9.18 12.12 -32.52
C LYS C 165 10.60 12.69 -32.43
N LEU C 166 11.02 13.04 -31.20
CA LEU C 166 12.23 13.77 -31.04
C LEU C 166 13.38 12.87 -31.28
N LEU C 167 13.28 11.61 -30.87
CA LEU C 167 14.40 10.71 -31.08
C LEU C 167 14.47 10.29 -32.53
N ASP C 168 13.30 10.16 -33.15
CA ASP C 168 13.24 9.76 -34.55
C ASP C 168 13.83 10.81 -35.47
N ASP C 169 13.44 12.09 -35.27
CA ASP C 169 13.97 13.20 -36.08
C ASP C 169 15.49 13.26 -35.91
N ALA C 170 16.00 12.95 -34.72
CA ALA C 170 17.43 13.19 -34.49
C ALA C 170 18.26 12.01 -34.95
N TYR C 171 17.78 10.80 -34.68
CA TYR C 171 18.58 9.59 -34.80
C TYR C 171 18.02 8.53 -35.76
N GLY C 172 16.76 8.72 -36.18
CA GLY C 172 16.01 7.75 -37.00
C GLY C 172 15.75 6.39 -36.40
N ILE C 173 14.53 6.20 -35.88
CA ILE C 173 14.14 4.98 -35.18
C ILE C 173 13.91 3.85 -36.19
N GLU C 174 14.42 2.68 -35.86
CA GLU C 174 14.28 1.50 -36.70
C GLU C 174 13.21 0.58 -36.12
N SER C 175 13.16 0.51 -34.79
CA SER C 175 12.33 -0.45 -34.05
C SER C 175 12.18 0.06 -32.68
N GLY C 176 11.08 -0.25 -32.04
CA GLY C 176 10.85 0.20 -30.70
C GLY C 176 9.98 -0.77 -29.91
N THR C 177 10.19 -0.75 -28.61
CA THR C 177 9.44 -1.55 -27.70
C THR C 177 9.24 -0.72 -26.44
N VAL C 178 8.05 -0.79 -25.86
CA VAL C 178 7.72 0.11 -24.75
C VAL C 178 6.99 -0.63 -23.59
N THR C 179 7.29 -0.31 -22.33
CA THR C 179 6.51 -0.78 -21.19
C THR C 179 5.98 0.36 -20.41
N THR C 180 4.69 0.29 -20.10
CA THR C 180 4.07 1.28 -19.23
C THR C 180 3.99 0.68 -17.85
N ILE C 181 4.48 1.40 -16.86
CA ILE C 181 4.25 1.08 -15.49
C ILE C 181 3.14 2.00 -14.98
N HIS C 182 1.89 1.53 -15.08
CA HIS C 182 0.71 2.32 -14.71
C HIS C 182 0.54 2.36 -13.18
N SER C 183 0.12 3.51 -12.65
CA SER C 183 -0.45 3.55 -11.30
C SER C 183 -1.86 2.93 -11.29
N ALA C 184 -2.50 2.89 -10.14
CA ALA C 184 -3.71 2.14 -9.97
C ALA C 184 -4.68 2.57 -11.08
N MET C 185 -5.34 1.60 -11.70
CA MET C 185 -6.14 1.93 -12.90
C MET C 185 -7.61 1.87 -12.57
N HIS C 186 -8.25 3.02 -12.67
CA HIS C 186 -9.69 3.19 -12.32
C HIS C 186 -10.62 2.41 -13.25
N ASP C 187 -10.24 2.34 -14.53
CA ASP C 187 -10.96 1.49 -15.51
C ASP C 187 -10.60 0.01 -15.50
N GLN C 188 -9.88 -0.47 -14.49
CA GLN C 188 -9.60 -1.91 -14.44
C GLN C 188 -10.35 -2.56 -13.30
N GLN C 189 -11.22 -1.78 -12.66
CA GLN C 189 -12.00 -2.27 -11.52
C GLN C 189 -13.09 -3.22 -11.97
N VAL C 190 -13.39 -4.18 -11.10
CA VAL C 190 -14.51 -5.12 -11.33
C VAL C 190 -15.48 -5.11 -10.13
N ILE C 191 -16.78 -5.18 -10.37
CA ILE C 191 -17.70 -5.28 -9.24
C ILE C 191 -18.13 -6.70 -8.84
N ASP C 192 -18.50 -7.53 -9.83
CA ASP C 192 -19.07 -8.87 -9.59
C ASP C 192 -18.28 -10.01 -8.92
N ALA C 193 -16.99 -10.13 -9.20
CA ALA C 193 -16.17 -11.20 -8.63
C ALA C 193 -15.64 -12.20 -9.65
N TYR C 194 -16.36 -12.48 -10.71
CA TYR C 194 -15.71 -13.04 -11.88
C TYR C 194 -15.66 -12.05 -13.07
N HIS C 195 -14.62 -12.20 -13.89
CA HIS C 195 -14.46 -11.38 -15.02
C HIS C 195 -13.80 -12.25 -16.09
N PRO C 196 -14.24 -12.12 -17.31
CA PRO C 196 -13.52 -12.92 -18.30
C PRO C 196 -12.00 -12.65 -18.25
N ASP C 197 -11.54 -11.46 -17.84
CA ASP C 197 -10.04 -11.26 -17.69
C ASP C 197 -9.69 -11.62 -16.24
N LEU C 198 -9.15 -12.79 -16.05
CA LEU C 198 -8.83 -13.29 -14.73
C LEU C 198 -7.79 -12.46 -13.94
N ARG C 199 -6.99 -11.62 -14.59
N ARG C 199 -7.00 -11.63 -14.62
CA ARG C 199 -6.10 -10.75 -13.78
CA ARG C 199 -6.09 -10.72 -13.90
C ARG C 199 -6.94 -9.70 -13.02
C ARG C 199 -6.90 -9.67 -13.09
N ARG C 200 -8.10 -9.35 -13.58
CA ARG C 200 -8.88 -8.26 -13.02
C ARG C 200 -9.60 -8.54 -11.75
N THR C 201 -9.64 -9.80 -11.36
CA THR C 201 -10.27 -10.23 -10.13
C THR C 201 -9.31 -10.22 -8.94
N ARG C 202 -8.01 -10.11 -9.22
CA ARG C 202 -6.98 -10.17 -8.20
C ARG C 202 -6.79 -8.89 -7.41
N ALA C 203 -6.43 -9.00 -6.14
CA ALA C 203 -6.26 -7.84 -5.28
C ALA C 203 -5.10 -7.01 -5.83
N ALA C 204 -5.33 -5.73 -6.07
CA ALA C 204 -4.32 -4.94 -6.85
C ALA C 204 -3.21 -4.35 -5.93
N SER C 205 -3.50 -4.20 -4.66
CA SER C 205 -2.52 -3.66 -3.80
C SER C 205 -1.32 -4.52 -3.52
N GLN C 206 -1.44 -5.83 -3.63
CA GLN C 206 -0.31 -6.64 -3.30
C GLN C 206 0.55 -7.01 -4.52
N SER C 207 0.15 -6.65 -5.77
CA SER C 207 0.84 -7.26 -6.91
C SER C 207 1.20 -6.31 -8.00
N ILE C 208 2.25 -6.67 -8.74
CA ILE C 208 2.46 -6.09 -10.07
C ILE C 208 1.53 -6.90 -10.98
N ILE C 209 0.65 -6.26 -11.70
CA ILE C 209 -0.32 -6.99 -12.52
C ILE C 209 -0.20 -6.60 -14.00
N PRO C 210 0.02 -7.57 -14.90
CA PRO C 210 0.05 -7.26 -16.35
C PRO C 210 -1.31 -6.82 -16.78
N VAL C 211 -1.35 -5.89 -17.70
CA VAL C 211 -2.58 -5.32 -18.11
C VAL C 211 -2.47 -5.06 -19.61
N ASP C 212 -3.57 -5.13 -20.34
CA ASP C 212 -3.52 -5.02 -21.80
C ASP C 212 -3.18 -3.60 -22.13
N THR C 213 -2.39 -3.34 -23.14
CA THR C 213 -2.07 -1.96 -23.42
C THR C 213 -2.38 -1.71 -24.90
N LYS C 214 -2.78 -0.47 -25.19
CA LYS C 214 -3.11 -0.04 -26.55
C LYS C 214 -2.01 0.85 -27.05
N LEU C 215 -0.93 0.98 -26.26
CA LEU C 215 0.07 2.00 -26.51
C LEU C 215 0.76 1.86 -27.87
N ALA C 216 1.12 0.66 -28.26
CA ALA C 216 1.86 0.49 -29.53
C ALA C 216 0.92 0.69 -30.73
N ALA C 217 -0.34 0.40 -30.55
CA ALA C 217 -1.36 0.74 -31.58
C ALA C 217 -1.55 2.27 -31.70
N GLY C 218 -1.54 3.00 -30.57
CA GLY C 218 -1.55 4.44 -30.56
C GLY C 218 -0.36 5.00 -31.34
N ILE C 219 0.84 4.47 -31.03
CA ILE C 219 2.06 4.87 -31.70
C ILE C 219 2.00 4.62 -33.23
N THR C 220 1.56 3.42 -33.62
CA THR C 220 1.50 3.11 -35.06
C THR C 220 0.38 3.89 -35.74
N ARG C 221 -0.73 4.17 -35.04
CA ARG C 221 -1.73 5.04 -35.68
C ARG C 221 -1.15 6.40 -35.97
N PHE C 222 -0.41 6.92 -35.01
CA PHE C 222 0.13 8.26 -35.10
C PHE C 222 1.29 8.30 -36.08
N PHE C 223 2.12 7.27 -36.12
CA PHE C 223 3.31 7.24 -37.02
C PHE C 223 3.22 5.96 -37.86
N PRO C 224 2.48 6.01 -38.99
CA PRO C 224 2.28 4.71 -39.66
C PRO C 224 3.56 4.10 -40.22
N GLN C 225 4.59 4.88 -40.42
CA GLN C 225 5.87 4.30 -40.85
C GLN C 225 6.36 3.27 -39.82
N PHE C 226 5.80 3.27 -38.61
CA PHE C 226 6.22 2.28 -37.61
C PHE C 226 5.43 0.94 -37.49
N ASN C 227 4.43 0.74 -38.34
CA ASN C 227 3.69 -0.52 -38.38
C ASN C 227 4.63 -1.66 -38.49
N ASP C 228 4.38 -2.74 -37.74
CA ASP C 228 5.32 -3.88 -37.65
C ASP C 228 6.70 -3.50 -37.20
N ARG C 229 6.86 -2.35 -36.54
CA ARG C 229 8.18 -2.01 -35.91
C ARG C 229 8.10 -1.61 -34.41
N PHE C 230 6.92 -1.68 -33.81
CA PHE C 230 6.67 -1.31 -32.43
C PHE C 230 5.80 -2.34 -31.69
N GLU C 231 6.09 -2.63 -30.42
CA GLU C 231 5.25 -3.46 -29.61
C GLU C 231 5.15 -2.80 -28.24
N ALA C 232 4.18 -3.21 -27.40
CA ALA C 232 4.04 -2.59 -26.06
C ALA C 232 3.50 -3.60 -25.08
N ILE C 233 3.95 -3.55 -23.82
CA ILE C 233 3.33 -4.33 -22.75
C ILE C 233 3.16 -3.34 -21.63
N ALA C 234 2.47 -3.73 -20.56
CA ALA C 234 2.22 -2.82 -19.49
C ALA C 234 1.86 -3.64 -18.28
N VAL C 235 2.09 -3.02 -17.12
CA VAL C 235 1.79 -3.56 -15.80
C VAL C 235 1.08 -2.51 -14.95
N ARG C 236 0.40 -2.95 -13.90
CA ARG C 236 -0.30 -2.11 -12.93
C ARG C 236 0.38 -2.27 -11.58
N VAL C 237 0.65 -1.17 -10.89
CA VAL C 237 1.29 -1.20 -9.57
C VAL C 237 0.45 -0.38 -8.62
N PRO C 238 0.52 -0.62 -7.32
CA PRO C 238 -0.46 0.01 -6.44
C PRO C 238 -0.34 1.55 -6.11
N THR C 239 0.49 2.36 -6.75
CA THR C 239 0.60 3.80 -6.43
C THR C 239 -0.60 4.56 -6.91
N ILE C 240 -0.92 5.71 -6.34
CA ILE C 240 -2.28 6.23 -6.53
C ILE C 240 -2.37 7.00 -7.84
N ASN C 241 -1.23 7.54 -8.29
CA ASN C 241 -1.22 8.39 -9.46
C ASN C 241 0.22 8.52 -9.87
N VAL C 242 0.43 8.90 -11.14
CA VAL C 242 1.76 9.09 -11.79
C VAL C 242 2.30 7.80 -12.37
N THR C 243 2.46 7.82 -13.68
CA THR C 243 2.81 6.69 -14.53
C THR C 243 4.22 6.86 -15.13
N ALA C 244 4.94 5.74 -15.21
CA ALA C 244 6.27 5.72 -15.87
C ALA C 244 6.18 4.96 -17.22
N ILE C 245 6.76 5.54 -18.24
CA ILE C 245 6.86 4.85 -19.52
C ILE C 245 8.29 4.57 -19.84
N ASP C 246 8.56 3.32 -20.15
CA ASP C 246 9.94 2.90 -20.27
C ASP C 246 10.18 2.57 -21.75
N LEU C 247 10.80 3.48 -22.52
CA LEU C 247 10.86 3.32 -23.94
C LEU C 247 12.21 2.84 -24.40
N SER C 248 12.22 1.83 -25.28
CA SER C 248 13.48 1.29 -25.81
C SER C 248 13.45 1.37 -27.29
N VAL C 249 14.40 2.06 -27.90
CA VAL C 249 14.31 2.11 -29.36
C VAL C 249 15.67 1.88 -29.91
N THR C 250 15.76 1.12 -31.02
CA THR C 250 17.01 1.01 -31.79
C THR C 250 17.03 2.11 -32.82
N VAL C 251 18.21 2.71 -33.06
CA VAL C 251 18.30 3.86 -33.97
C VAL C 251 19.41 3.69 -34.95
N LYS C 252 19.33 4.41 -36.07
CA LYS C 252 20.36 4.29 -37.13
C LYS C 252 21.69 5.01 -36.84
N LYS C 253 21.60 6.21 -36.28
CA LYS C 253 22.74 7.12 -36.01
C LYS C 253 23.43 6.72 -34.69
N PRO C 254 24.77 6.57 -34.68
CA PRO C 254 25.34 6.16 -33.40
C PRO C 254 25.18 7.27 -32.37
N VAL C 255 24.91 6.91 -31.11
CA VAL C 255 24.60 7.94 -30.14
C VAL C 255 25.09 7.61 -28.74
N LYS C 256 25.10 8.61 -27.85
CA LYS C 256 25.51 8.42 -26.47
C LYS C 256 24.48 9.05 -25.58
N ALA C 257 24.30 8.42 -24.41
CA ALA C 257 23.37 8.84 -23.36
C ALA C 257 23.41 10.35 -23.12
N ASN C 258 24.60 10.92 -23.04
CA ASN C 258 24.63 12.31 -22.68
C ASN C 258 24.09 13.17 -23.82
N GLU C 259 24.25 12.70 -25.07
CA GLU C 259 23.70 13.37 -26.24
C GLU C 259 22.18 13.26 -26.28
N VAL C 260 21.66 12.08 -26.04
CA VAL C 260 20.24 11.91 -26.07
C VAL C 260 19.64 12.83 -25.02
N ASN C 261 20.25 12.93 -23.83
CA ASN C 261 19.75 13.84 -22.76
C ASN C 261 19.79 15.33 -23.16
N LEU C 262 20.87 15.77 -23.79
CA LEU C 262 21.01 17.15 -24.22
C LEU C 262 19.93 17.51 -25.26
N LEU C 263 19.72 16.63 -26.24
CA LEU C 263 18.64 16.72 -27.22
C LEU C 263 17.27 16.93 -26.51
N LEU C 264 16.95 16.06 -25.54
CA LEU C 264 15.65 16.07 -24.93
C LEU C 264 15.53 17.25 -23.96
N GLN C 265 16.64 17.57 -23.31
CA GLN C 265 16.75 18.78 -22.50
C GLN C 265 16.53 20.05 -23.31
N LYS C 266 17.17 20.17 -24.48
CA LYS C 266 16.95 21.33 -25.33
C LYS C 266 15.51 21.41 -25.86
N ALA C 267 14.92 20.27 -26.21
CA ALA C 267 13.51 20.24 -26.64
C ALA C 267 12.61 20.78 -25.55
N ALA C 268 12.85 20.35 -24.31
CA ALA C 268 12.06 20.85 -23.16
C ALA C 268 12.18 22.38 -22.99
N GLN C 269 13.34 22.92 -23.29
CA GLN C 269 13.57 24.38 -23.26
C GLN C 269 13.08 25.14 -24.54
N GLY C 270 12.78 24.43 -25.62
CA GLY C 270 12.47 25.09 -26.93
C GLY C 270 11.12 24.67 -27.49
N ALA C 271 11.13 23.95 -28.62
CA ALA C 271 9.88 23.71 -29.33
C ALA C 271 8.84 23.01 -28.45
N PHE C 272 9.26 22.30 -27.42
CA PHE C 272 8.34 21.57 -26.53
C PHE C 272 8.13 22.15 -25.11
N HIS C 273 8.53 23.41 -24.89
CA HIS C 273 8.35 24.08 -23.63
C HIS C 273 6.91 23.96 -23.17
N GLY C 274 6.74 23.30 -22.04
CA GLY C 274 5.44 23.20 -21.36
C GLY C 274 4.64 21.99 -21.78
N ILE C 275 5.21 21.20 -22.69
CA ILE C 275 4.69 19.91 -23.11
C ILE C 275 5.59 18.78 -22.61
N VAL C 276 6.86 18.85 -22.97
CA VAL C 276 7.85 17.96 -22.49
C VAL C 276 8.77 18.68 -21.50
N ASP C 277 8.92 18.12 -20.30
CA ASP C 277 9.90 18.65 -19.39
C ASP C 277 11.08 17.70 -19.30
N TYR C 278 12.13 18.15 -18.60
CA TYR C 278 13.33 17.36 -18.45
C TYR C 278 13.94 17.56 -17.08
N THR C 279 14.31 16.47 -16.42
CA THR C 279 14.93 16.60 -15.09
C THR C 279 16.09 15.66 -14.91
N GLU C 280 17.06 16.08 -14.07
CA GLU C 280 18.20 15.25 -13.65
C GLU C 280 18.23 15.26 -12.14
N LEU C 281 17.21 15.78 -11.53
CA LEU C 281 17.06 15.75 -10.09
C LEU C 281 16.74 14.32 -9.59
N PRO C 282 17.13 13.97 -8.36
CA PRO C 282 16.72 12.67 -7.74
C PRO C 282 15.30 12.71 -7.19
N LEU C 283 14.34 12.45 -8.05
CA LEU C 283 12.91 12.54 -7.69
C LEU C 283 12.29 11.16 -7.72
N VAL C 284 11.10 11.02 -7.13
CA VAL C 284 10.34 9.76 -7.15
C VAL C 284 9.00 10.09 -7.81
N SER C 285 8.16 9.10 -8.13
CA SER C 285 6.99 9.39 -8.94
C SER C 285 6.10 10.45 -8.32
N VAL C 286 5.92 10.47 -7.01
CA VAL C 286 5.01 11.49 -6.40
C VAL C 286 5.40 12.99 -6.66
N ASP C 287 6.70 13.23 -6.89
CA ASP C 287 7.20 14.57 -7.21
C ASP C 287 6.63 15.13 -8.53
N PHE C 288 5.91 14.30 -9.30
CA PHE C 288 5.27 14.69 -10.62
C PHE C 288 3.76 14.78 -10.49
N ASN C 289 3.28 14.45 -9.31
CA ASN C 289 1.90 14.66 -9.06
C ASN C 289 1.49 16.10 -9.32
N HIS C 290 0.45 16.29 -10.14
CA HIS C 290 -0.12 17.61 -10.40
C HIS C 290 0.87 18.43 -11.21
N ASP C 291 1.76 17.76 -11.93
CA ASP C 291 2.59 18.49 -12.88
C ASP C 291 1.82 18.45 -14.22
N PRO C 292 1.59 19.62 -14.85
CA PRO C 292 0.81 19.73 -16.10
C PRO C 292 1.51 19.35 -17.44
N HIS C 293 2.78 18.96 -17.41
CA HIS C 293 3.42 18.55 -18.64
C HIS C 293 2.78 17.21 -19.12
N SER C 294 2.86 16.97 -20.43
CA SER C 294 2.45 15.68 -20.97
C SER C 294 3.47 14.61 -20.61
N ALA C 295 4.76 15.03 -20.53
CA ALA C 295 5.91 14.15 -20.33
C ALA C 295 6.96 14.88 -19.50
N ILE C 296 7.60 14.16 -18.59
CA ILE C 296 8.86 14.64 -18.00
C ILE C 296 9.90 13.56 -18.20
N VAL C 297 10.95 13.85 -18.97
CA VAL C 297 12.00 12.86 -19.24
C VAL C 297 12.91 12.82 -18.02
N ASP C 298 13.14 11.63 -17.46
CA ASP C 298 14.07 11.48 -16.33
C ASP C 298 15.47 11.23 -16.83
N GLY C 299 16.23 12.30 -16.98
CA GLY C 299 17.56 12.21 -17.49
C GLY C 299 18.46 11.26 -16.73
N THR C 300 18.21 11.04 -15.44
CA THR C 300 19.04 10.11 -14.65
C THR C 300 18.89 8.67 -15.13
N GLN C 301 17.81 8.34 -15.85
CA GLN C 301 17.57 6.97 -16.24
C GLN C 301 17.94 6.69 -17.70
N THR C 302 18.35 7.71 -18.45
CA THR C 302 18.69 7.51 -19.86
C THR C 302 19.89 6.58 -20.02
N ARG C 303 19.76 5.58 -20.90
CA ARG C 303 20.84 4.61 -21.19
C ARG C 303 20.94 4.43 -22.69
N VAL C 304 22.15 4.15 -23.19
CA VAL C 304 22.32 3.68 -24.54
C VAL C 304 23.14 2.43 -24.45
N SER C 305 22.65 1.34 -25.03
CA SER C 305 23.41 0.08 -25.09
C SER C 305 24.07 -0.07 -26.48
N GLY C 306 25.36 -0.38 -26.52
CA GLY C 306 25.98 -0.39 -27.83
C GLY C 306 25.93 1.08 -28.19
N ALA C 307 25.77 1.40 -29.46
CA ALA C 307 25.67 2.80 -29.78
C ALA C 307 24.25 3.06 -30.33
N HIS C 308 23.45 2.00 -30.35
CA HIS C 308 22.20 2.07 -31.06
C HIS C 308 20.87 1.84 -30.26
N LEU C 309 20.95 1.35 -29.03
CA LEU C 309 19.75 0.95 -28.30
C LEU C 309 19.44 1.93 -27.15
N ILE C 310 18.46 2.81 -27.35
CA ILE C 310 18.20 3.85 -26.36
C ILE C 310 17.07 3.42 -25.41
N LYS C 311 17.33 3.50 -24.11
CA LYS C 311 16.30 3.43 -23.13
C LYS C 311 16.06 4.80 -22.50
N THR C 312 14.78 5.19 -22.46
CA THR C 312 14.41 6.33 -21.71
C THR C 312 13.19 6.10 -20.78
N LEU C 313 13.26 6.60 -19.56
CA LEU C 313 12.15 6.52 -18.64
C LEU C 313 11.50 7.87 -18.65
N VAL C 314 10.18 7.92 -18.89
CA VAL C 314 9.46 9.17 -18.93
C VAL C 314 8.24 9.11 -17.97
N TRP C 315 8.14 10.09 -17.06
CA TRP C 315 7.00 10.26 -16.17
C TRP C 315 5.85 11.10 -16.75
N CYS C 316 4.65 10.89 -16.24
CA CYS C 316 3.61 11.92 -16.37
C CYS C 316 2.63 11.69 -15.23
N ASP C 317 2.08 12.79 -14.73
CA ASP C 317 0.81 12.69 -14.07
C ASP C 317 -0.23 12.36 -15.16
N ASN C 318 -0.65 11.11 -15.15
CA ASN C 318 -1.55 10.51 -16.14
C ASN C 318 -2.96 11.11 -16.09
N GLU C 319 -3.20 11.98 -15.13
CA GLU C 319 -4.49 12.65 -15.04
C GLU C 319 -4.33 14.13 -15.38
N TRP C 320 -3.34 14.78 -14.77
CA TRP C 320 -3.25 16.21 -14.82
C TRP C 320 -2.66 16.72 -16.13
N GLY C 321 -1.65 16.06 -16.68
CA GLY C 321 -1.13 16.54 -17.99
C GLY C 321 -2.24 16.46 -19.02
N PHE C 322 -2.93 15.33 -19.04
CA PHE C 322 -3.90 15.06 -20.06
C PHE C 322 -5.07 16.03 -19.96
N ALA C 323 -5.53 16.30 -18.75
CA ALA C 323 -6.62 17.27 -18.56
C ALA C 323 -6.26 18.68 -19.06
N ASN C 324 -5.02 19.11 -18.80
CA ASN C 324 -4.56 20.37 -19.32
C ASN C 324 -4.51 20.36 -20.86
N ARG C 325 -4.07 19.25 -21.47
CA ARG C 325 -4.10 19.10 -22.95
C ARG C 325 -5.52 19.10 -23.53
N MET C 326 -6.46 18.48 -22.84
CA MET C 326 -7.88 18.59 -23.30
C MET C 326 -8.25 20.05 -23.49
N LEU C 327 -7.80 20.93 -22.61
CA LEU C 327 -8.18 22.33 -22.77
C LEU C 327 -7.40 22.98 -23.93
N ASP C 328 -6.10 22.65 -24.04
CA ASP C 328 -5.30 23.17 -25.17
C ASP C 328 -5.89 22.80 -26.53
N THR C 329 -6.27 21.53 -26.68
CA THR C 329 -6.76 21.04 -27.94
C THR C 329 -8.14 21.66 -28.22
N THR C 330 -8.95 21.83 -27.17
CA THR C 330 -10.27 22.48 -27.30
C THR C 330 -10.11 23.90 -27.87
N LEU C 331 -9.20 24.64 -27.26
CA LEU C 331 -8.88 25.99 -27.73
C LEU C 331 -8.40 25.99 -29.19
N ALA C 332 -7.55 25.06 -29.59
CA ALA C 332 -7.05 25.03 -30.95
C ALA C 332 -8.22 24.67 -31.89
N MET C 333 -9.08 23.76 -31.45
CA MET C 333 -10.25 23.40 -32.26
C MET C 333 -11.17 24.59 -32.48
N ALA C 334 -11.47 25.36 -31.44
CA ALA C 334 -12.44 26.43 -31.57
C ALA C 334 -11.88 27.67 -32.28
N THR C 335 -10.57 27.66 -32.48
CA THR C 335 -9.84 28.82 -33.02
C THR C 335 -9.57 28.67 -34.48
N VAL C 336 -9.26 27.45 -34.93
CA VAL C 336 -9.03 27.21 -36.33
C VAL C 336 -10.35 27.48 -37.00
N ALA C 337 -11.43 27.06 -36.30
CA ALA C 337 -12.88 27.31 -36.67
C ALA C 337 -13.29 28.73 -37.16
N PHE C 338 -12.74 29.79 -36.53
CA PHE C 338 -13.27 31.16 -36.59
C PHE C 338 -12.30 32.16 -37.25
N THR D 2 26.48 -36.07 5.34
CA THR D 2 26.04 -34.74 4.85
C THR D 2 27.16 -33.72 4.69
N VAL D 3 26.87 -32.72 3.86
CA VAL D 3 27.67 -31.53 3.77
C VAL D 3 27.28 -30.65 4.98
N ARG D 4 28.28 -30.30 5.76
CA ARG D 4 28.13 -29.51 6.97
C ARG D 4 28.29 -28.05 6.60
N VAL D 5 27.23 -27.28 6.81
CA VAL D 5 27.35 -25.87 6.48
C VAL D 5 27.04 -24.96 7.65
N ALA D 6 27.58 -23.76 7.57
CA ALA D 6 27.36 -22.76 8.60
C ALA D 6 26.85 -21.57 7.86
N ILE D 7 26.03 -20.80 8.53
CA ILE D 7 25.53 -19.61 7.97
C ILE D 7 26.02 -18.42 8.78
N ASN D 8 26.56 -17.46 8.06
CA ASN D 8 27.01 -16.20 8.68
C ASN D 8 26.09 -15.07 8.24
N GLY D 9 25.38 -14.53 9.19
CA GLY D 9 24.37 -13.48 8.96
C GLY D 9 23.04 -14.17 8.84
N PHE D 10 22.14 -13.87 9.75
CA PHE D 10 20.78 -14.39 9.80
C PHE D 10 19.70 -13.33 9.52
N GLY D 11 19.96 -12.44 8.56
CA GLY D 11 18.87 -11.55 8.01
C GLY D 11 17.99 -12.37 7.09
N ARG D 12 17.32 -11.70 6.16
CA ARG D 12 16.29 -12.35 5.33
C ARG D 12 16.81 -13.53 4.59
N ILE D 13 17.93 -13.36 3.89
CA ILE D 13 18.45 -14.46 3.06
C ILE D 13 18.89 -15.65 3.94
N GLY D 14 19.66 -15.42 5.00
CA GLY D 14 20.09 -16.51 5.87
C GLY D 14 18.87 -17.24 6.46
N ARG D 15 17.82 -16.53 6.83
CA ARG D 15 16.64 -17.27 7.31
C ARG D 15 16.00 -18.04 6.17
N ASN D 16 15.96 -17.44 4.99
CA ASN D 16 15.38 -18.20 3.87
C ASN D 16 16.14 -19.49 3.50
N VAL D 17 17.49 -19.43 3.57
CA VAL D 17 18.30 -20.56 3.28
C VAL D 17 17.97 -21.73 4.24
N VAL D 18 17.71 -21.43 5.52
CA VAL D 18 17.34 -22.48 6.48
C VAL D 18 15.95 -23.06 6.13
N ARG D 19 14.97 -22.19 5.86
CA ARG D 19 13.63 -22.67 5.52
C ARG D 19 13.72 -23.55 4.26
N ALA D 20 14.35 -23.02 3.20
CA ALA D 20 14.53 -23.76 1.99
C ALA D 20 15.25 -25.11 2.21
N LEU D 21 16.22 -25.16 3.12
CA LEU D 21 16.90 -26.42 3.37
C LEU D 21 15.83 -27.45 3.72
N TYR D 22 14.98 -27.15 4.70
CA TYR D 22 13.96 -28.10 5.15
C TYR D 22 12.81 -28.35 4.16
N GLU D 23 12.33 -27.30 3.51
CA GLU D 23 11.16 -27.47 2.65
C GLU D 23 11.54 -28.17 1.34
N SER D 24 12.79 -28.02 0.87
CA SER D 24 13.12 -28.57 -0.44
C SER D 24 13.50 -30.02 -0.35
N GLY D 25 13.75 -30.55 0.86
CA GLY D 25 14.26 -31.94 0.98
C GLY D 25 15.80 -32.06 0.94
N ARG D 26 16.49 -30.95 0.65
CA ARG D 26 17.95 -30.85 0.75
C ARG D 26 18.56 -31.21 2.11
N ARG D 27 17.78 -31.13 3.17
CA ARG D 27 18.16 -31.66 4.47
C ARG D 27 18.69 -33.08 4.31
N ALA D 28 18.32 -33.75 3.22
CA ALA D 28 18.85 -35.07 2.89
C ALA D 28 20.39 -35.11 2.63
N GLU D 29 20.95 -34.00 2.15
CA GLU D 29 22.37 -33.94 1.76
C GLU D 29 23.19 -32.91 2.52
N ILE D 30 22.50 -31.94 3.11
CA ILE D 30 23.10 -30.81 3.82
C ILE D 30 22.58 -30.68 5.25
N THR D 31 23.47 -30.33 6.15
CA THR D 31 23.11 -30.08 7.54
C THR D 31 23.63 -28.69 7.88
N VAL D 32 22.77 -27.81 8.37
CA VAL D 32 23.25 -26.54 8.92
C VAL D 32 23.62 -26.84 10.37
N VAL D 33 24.84 -26.45 10.72
CA VAL D 33 25.52 -26.90 11.89
C VAL D 33 25.70 -25.69 12.79
N ALA D 34 25.68 -24.45 12.25
CA ALA D 34 25.85 -23.23 13.06
C ALA D 34 25.35 -22.01 12.33
N ILE D 35 24.95 -21.01 13.12
CA ILE D 35 24.58 -19.75 12.61
C ILE D 35 25.24 -18.72 13.46
N ASN D 36 25.83 -17.74 12.80
CA ASN D 36 26.41 -16.58 13.47
C ASN D 36 25.67 -15.29 13.15
N GLU D 37 25.32 -14.53 14.17
CA GLU D 37 24.51 -13.30 14.00
C GLU D 37 24.67 -12.44 15.25
N LEU D 38 24.78 -11.13 15.07
CA LEU D 38 24.86 -10.21 16.25
C LEU D 38 23.41 -9.80 16.62
N ALA D 39 22.67 -10.74 17.13
CA ALA D 39 21.27 -10.48 17.51
C ALA D 39 20.95 -11.51 18.53
N ASP D 40 19.94 -11.23 19.32
CA ASP D 40 19.57 -12.07 20.41
C ASP D 40 19.05 -13.42 19.82
N ALA D 41 19.32 -14.55 20.42
CA ALA D 41 18.91 -15.84 19.84
C ALA D 41 17.40 -16.12 19.87
N ALA D 42 16.75 -15.66 20.92
CA ALA D 42 15.31 -15.78 21.01
C ALA D 42 14.58 -15.06 19.84
N GLY D 43 15.04 -13.86 19.50
CA GLY D 43 14.64 -13.10 18.38
C GLY D 43 14.90 -13.82 17.08
N MET D 44 16.11 -14.37 16.86
CA MET D 44 16.42 -15.16 15.64
C MET D 44 15.42 -16.31 15.38
N ALA D 45 15.04 -17.02 16.43
CA ALA D 45 14.16 -18.15 16.37
C ALA D 45 12.69 -17.70 16.06
N HIS D 46 12.32 -16.57 16.64
CA HIS D 46 11.05 -15.96 16.35
C HIS D 46 10.93 -15.59 14.85
N LEU D 47 11.96 -14.96 14.30
CA LEU D 47 11.91 -14.52 12.91
C LEU D 47 12.01 -15.70 11.92
N LEU D 48 12.79 -16.73 12.29
CA LEU D 48 12.77 -17.99 11.54
C LEU D 48 11.33 -18.55 11.43
N LYS D 49 10.58 -18.58 12.53
CA LYS D 49 9.21 -19.15 12.60
C LYS D 49 8.13 -18.27 11.91
N TYR D 50 8.17 -16.95 12.12
CA TYR D 50 7.08 -16.08 11.73
C TYR D 50 7.34 -15.31 10.47
N ASP D 51 8.54 -14.84 10.28
CA ASP D 51 8.77 -13.95 9.14
C ASP D 51 8.95 -14.57 7.68
N THR D 52 8.03 -15.45 7.32
CA THR D 52 8.16 -16.40 6.15
C THR D 52 7.56 -16.05 4.73
N SER D 53 6.57 -15.16 4.75
CA SER D 53 5.73 -14.82 3.59
C SER D 53 4.91 -16.01 3.15
N HIS D 54 5.00 -17.11 3.92
CA HIS D 54 4.25 -18.31 3.53
C HIS D 54 3.52 -19.10 4.63
N GLY D 55 3.05 -18.38 5.66
CA GLY D 55 2.49 -19.02 6.87
C GLY D 55 3.62 -19.29 7.87
N ARG D 56 3.28 -19.73 9.04
CA ARG D 56 4.30 -20.05 9.95
C ARG D 56 5.11 -21.23 9.34
N PHE D 57 6.44 -21.13 9.40
CA PHE D 57 7.30 -22.17 8.99
C PHE D 57 6.69 -23.45 9.56
N ALA D 58 6.74 -24.54 8.83
CA ALA D 58 6.04 -25.76 9.28
C ALA D 58 6.80 -26.64 10.26
N TRP D 59 8.12 -26.48 10.37
CA TRP D 59 8.88 -27.27 11.32
C TRP D 59 8.75 -26.59 12.65
N GLU D 60 8.82 -27.39 13.70
CA GLU D 60 8.87 -26.84 15.04
C GLU D 60 10.21 -26.07 15.29
N VAL D 61 10.13 -24.85 15.80
CA VAL D 61 11.30 -24.04 16.03
C VAL D 61 11.36 -23.72 17.55
N ARG D 62 12.46 -24.10 18.19
CA ARG D 62 12.73 -23.75 19.57
C ARG D 62 14.11 -23.11 19.68
N GLN D 63 14.37 -22.47 20.80
CA GLN D 63 15.70 -21.89 21.03
C GLN D 63 15.99 -22.00 22.52
N GLU D 64 17.19 -22.45 22.87
CA GLU D 64 17.63 -22.57 24.27
C GLU D 64 19.16 -22.69 24.39
N ARG D 65 19.74 -22.20 25.49
CA ARG D 65 21.22 -22.12 25.63
C ARG D 65 21.76 -21.40 24.38
N ASP D 66 22.82 -21.94 23.76
CA ASP D 66 23.37 -21.40 22.51
C ASP D 66 22.89 -22.26 21.32
N GLN D 67 21.63 -22.72 21.36
CA GLN D 67 21.13 -23.67 20.34
C GLN D 67 19.83 -23.13 19.75
N LEU D 68 19.64 -23.43 18.46
N LEU D 68 19.63 -23.47 18.48
CA LEU D 68 18.37 -23.19 17.73
CA LEU D 68 18.38 -23.25 17.80
C LEU D 68 17.94 -24.56 17.16
C LEU D 68 17.98 -24.63 17.29
N PHE D 69 16.70 -24.98 17.38
CA PHE D 69 16.27 -26.31 16.97
C PHE D 69 15.27 -26.15 15.87
N VAL D 70 15.45 -26.84 14.77
CA VAL D 70 14.35 -26.97 13.82
C VAL D 70 13.99 -28.45 13.88
N GLY D 71 12.78 -28.78 14.36
CA GLY D 71 12.46 -30.20 14.57
C GLY D 71 13.46 -30.73 15.58
N ASP D 72 14.10 -31.85 15.31
CA ASP D 72 15.15 -32.43 16.21
C ASP D 72 16.57 -31.88 16.01
N ASP D 73 16.81 -31.18 14.92
CA ASP D 73 18.14 -30.68 14.62
C ASP D 73 18.55 -29.58 15.59
N ALA D 74 19.74 -29.68 16.16
CA ALA D 74 20.30 -28.60 16.95
C ALA D 74 21.30 -27.88 16.09
N ILE D 75 21.19 -26.57 16.07
CA ILE D 75 22.06 -25.72 15.31
C ILE D 75 22.76 -24.78 16.28
N ARG D 76 24.07 -24.74 16.29
CA ARG D 76 24.71 -23.87 17.22
C ARG D 76 24.51 -22.42 16.82
N VAL D 77 24.27 -21.57 17.81
CA VAL D 77 24.19 -20.14 17.61
C VAL D 77 25.41 -19.35 18.21
N LEU D 78 26.09 -18.53 17.39
CA LEU D 78 27.19 -17.74 17.81
C LEU D 78 26.87 -16.25 17.65
N HIS D 79 27.60 -15.42 18.38
CA HIS D 79 27.50 -13.97 18.20
C HIS D 79 28.91 -13.35 18.15
N GLU D 80 29.73 -13.79 17.19
CA GLU D 80 31.08 -13.25 16.94
C GLU D 80 31.08 -12.02 16.08
N ARG D 81 31.77 -10.97 16.54
CA ARG D 81 31.82 -9.73 15.78
CA ARG D 81 31.89 -9.69 15.86
C ARG D 81 32.94 -9.69 14.75
N SER D 82 33.84 -10.68 14.72
CA SER D 82 34.86 -10.63 13.66
C SER D 82 35.06 -11.99 13.01
N LEU D 83 35.41 -12.01 11.74
CA LEU D 83 35.59 -13.30 11.08
C LEU D 83 36.62 -14.22 11.77
N GLN D 84 37.73 -13.63 12.25
CA GLN D 84 38.87 -14.34 12.85
C GLN D 84 38.50 -15.36 13.94
N SER D 85 37.44 -15.04 14.68
CA SER D 85 37.21 -15.80 15.88
C SER D 85 36.02 -16.74 15.67
N LEU D 86 35.62 -16.95 14.41
CA LEU D 86 34.54 -17.91 14.15
C LEU D 86 35.03 -19.30 14.38
N PRO D 87 34.27 -20.11 15.14
CA PRO D 87 34.82 -21.44 15.44
C PRO D 87 34.47 -22.50 14.44
N TRP D 88 34.78 -22.24 13.17
CA TRP D 88 34.45 -23.16 12.09
C TRP D 88 35.24 -24.49 12.16
N ARG D 89 36.52 -24.39 12.49
CA ARG D 89 37.38 -25.55 12.48
C ARG D 89 36.85 -26.59 13.46
N GLU D 90 36.58 -26.11 14.67
CA GLU D 90 36.03 -26.93 15.74
C GLU D 90 34.65 -27.51 15.40
N LEU D 91 33.85 -26.80 14.61
CA LEU D 91 32.59 -27.36 14.16
C LEU D 91 32.73 -28.27 12.94
N GLY D 92 33.84 -28.24 12.21
CA GLY D 92 33.90 -29.06 10.98
C GLY D 92 33.09 -28.57 9.75
N VAL D 93 33.02 -27.26 9.51
CA VAL D 93 32.30 -26.64 8.38
C VAL D 93 32.87 -26.89 7.01
N ASP D 94 32.10 -27.54 6.13
CA ASP D 94 32.47 -27.72 4.72
C ASP D 94 32.28 -26.46 3.85
N VAL D 95 31.17 -25.76 4.05
CA VAL D 95 30.90 -24.56 3.30
C VAL D 95 30.23 -23.56 4.28
N VAL D 96 30.80 -22.37 4.39
CA VAL D 96 30.10 -21.29 5.02
C VAL D 96 29.34 -20.45 3.95
N LEU D 97 28.04 -20.24 4.20
CA LEU D 97 27.18 -19.36 3.39
C LEU D 97 27.15 -18.03 4.08
N ASP D 98 27.90 -17.09 3.54
CA ASP D 98 27.98 -15.80 4.22
C ASP D 98 26.80 -14.94 3.65
N CYS D 99 25.84 -14.67 4.50
CA CYS D 99 24.61 -14.06 4.03
C CYS D 99 24.48 -12.68 4.62
N THR D 100 25.60 -12.12 5.13
CA THR D 100 25.53 -10.88 5.84
C THR D 100 25.24 -9.76 4.86
N GLY D 101 25.62 -9.95 3.60
CA GLY D 101 25.46 -8.92 2.59
C GLY D 101 26.50 -7.79 2.71
N VAL D 102 27.34 -7.81 3.75
CA VAL D 102 28.38 -6.82 3.93
C VAL D 102 29.81 -7.41 3.74
N TYR D 103 30.10 -8.60 4.30
CA TYR D 103 31.36 -9.26 3.88
C TYR D 103 31.22 -9.75 2.44
N GLY D 104 32.29 -9.69 1.67
CA GLY D 104 32.20 -10.08 0.26
C GLY D 104 33.49 -9.95 -0.54
N SER D 105 34.62 -9.69 0.10
CA SER D 105 35.85 -9.66 -0.68
C SER D 105 36.59 -11.00 -0.53
N ARG D 106 37.65 -11.13 -1.28
CA ARG D 106 38.48 -12.30 -1.23
C ARG D 106 39.08 -12.47 0.16
N GLU D 107 39.53 -11.35 0.72
CA GLU D 107 40.04 -11.35 2.07
C GLU D 107 39.00 -11.87 3.08
N HIS D 108 37.74 -11.49 2.93
CA HIS D 108 36.74 -12.02 3.87
C HIS D 108 36.58 -13.54 3.74
N GLY D 109 36.48 -13.99 2.48
CA GLY D 109 36.52 -15.38 2.19
C GLY D 109 37.69 -16.13 2.86
N GLU D 110 38.90 -15.54 2.75
CA GLU D 110 40.10 -16.17 3.29
C GLU D 110 40.02 -16.22 4.79
N ALA D 111 39.39 -15.19 5.35
CA ALA D 111 39.31 -15.15 6.79
C ALA D 111 38.38 -16.28 7.27
N HIS D 112 37.28 -16.51 6.57
CA HIS D 112 36.36 -17.60 6.94
C HIS D 112 37.11 -18.96 6.82
N ILE D 113 37.90 -19.12 5.76
CA ILE D 113 38.61 -20.34 5.56
C ILE D 113 39.72 -20.48 6.59
N ALA D 114 40.48 -19.40 6.85
CA ALA D 114 41.46 -19.48 7.95
C ALA D 114 40.79 -19.90 9.27
N ALA D 115 39.55 -19.44 9.53
CA ALA D 115 38.85 -19.79 10.77
C ALA D 115 38.40 -21.25 10.74
N GLY D 116 38.52 -21.92 9.58
CA GLY D 116 38.03 -23.29 9.50
C GLY D 116 37.00 -23.74 8.45
N ALA D 117 36.38 -22.85 7.70
CA ALA D 117 35.40 -23.31 6.70
C ALA D 117 36.22 -23.78 5.50
N LYS D 118 35.97 -24.99 4.99
CA LYS D 118 36.67 -25.40 3.75
C LYS D 118 36.39 -24.49 2.54
N LYS D 119 35.21 -23.90 2.45
CA LYS D 119 34.77 -23.18 1.25
C LYS D 119 33.73 -22.15 1.69
N VAL D 120 33.60 -21.08 0.88
CA VAL D 120 32.78 -19.93 1.18
C VAL D 120 31.90 -19.63 -0.01
N LEU D 121 30.60 -19.40 0.23
CA LEU D 121 29.64 -18.93 -0.78
C LEU D 121 28.95 -17.64 -0.26
N PHE D 122 29.16 -16.53 -0.99
CA PHE D 122 28.57 -15.23 -0.69
C PHE D 122 27.20 -15.08 -1.38
N SER D 123 26.21 -14.60 -0.65
CA SER D 123 24.83 -14.51 -1.16
C SER D 123 24.58 -13.17 -1.89
N HIS D 124 25.62 -12.62 -2.48
CA HIS D 124 25.52 -11.38 -3.27
C HIS D 124 26.74 -11.37 -4.21
N PRO D 125 26.83 -10.42 -5.14
CA PRO D 125 27.94 -10.51 -6.12
C PRO D 125 29.35 -10.27 -5.53
N GLY D 126 29.42 -9.54 -4.42
CA GLY D 126 30.72 -9.28 -3.79
C GLY D 126 31.73 -8.59 -4.69
N SER D 127 33.01 -8.65 -4.27
CA SER D 127 34.17 -8.23 -5.07
C SER D 127 34.33 -8.86 -6.45
N ASN D 128 35.06 -8.16 -7.30
CA ASN D 128 35.43 -8.76 -8.60
C ASN D 128 36.74 -9.55 -8.55
N ASP D 129 37.19 -9.88 -7.34
CA ASP D 129 38.34 -10.74 -7.25
C ASP D 129 38.09 -12.11 -6.57
N LEU D 130 36.87 -12.64 -6.70
CA LEU D 130 36.58 -13.95 -6.14
C LEU D 130 36.97 -15.06 -7.13
N ASP D 131 36.90 -16.32 -6.70
CA ASP D 131 37.27 -17.44 -7.58
C ASP D 131 36.30 -17.76 -8.68
N ALA D 132 35.01 -17.43 -8.49
CA ALA D 132 33.92 -17.78 -9.43
C ALA D 132 32.61 -17.16 -8.97
N THR D 133 31.70 -16.93 -9.93
CA THR D 133 30.35 -16.52 -9.67
C THR D 133 29.51 -17.58 -10.33
N VAL D 134 28.57 -18.17 -9.61
CA VAL D 134 27.77 -19.25 -10.15
C VAL D 134 26.30 -18.92 -10.26
N VAL D 135 25.77 -19.00 -11.48
CA VAL D 135 24.36 -18.92 -11.71
C VAL D 135 23.96 -20.37 -11.96
N TYR D 136 23.31 -20.98 -10.98
CA TYR D 136 23.11 -22.43 -11.04
C TYR D 136 22.12 -22.82 -12.15
N GLY D 137 22.50 -23.80 -12.96
CA GLY D 137 21.72 -24.19 -14.10
C GLY D 137 22.44 -23.70 -15.34
N VAL D 138 23.24 -22.65 -15.19
CA VAL D 138 24.10 -22.18 -16.28
C VAL D 138 25.58 -22.63 -16.15
N ASN D 139 26.33 -22.20 -15.12
CA ASN D 139 27.76 -22.53 -15.10
C ASN D 139 28.33 -23.30 -13.93
N GLN D 140 27.53 -24.13 -13.27
CA GLN D 140 28.04 -24.85 -12.14
C GLN D 140 28.98 -26.02 -12.53
N ASP D 141 28.86 -26.52 -13.76
CA ASP D 141 29.77 -27.56 -14.27
C ASP D 141 31.18 -26.98 -14.46
N GLN D 142 31.30 -25.67 -14.39
CA GLN D 142 32.59 -25.02 -14.41
C GLN D 142 33.32 -24.93 -13.07
N LEU D 143 32.63 -25.13 -11.94
CA LEU D 143 33.29 -25.25 -10.64
C LEU D 143 34.29 -26.42 -10.58
N ARG D 144 35.43 -26.18 -9.94
CA ARG D 144 36.42 -27.22 -9.69
C ARG D 144 36.90 -27.12 -8.23
N ALA D 145 37.68 -28.10 -7.77
CA ALA D 145 38.13 -28.11 -6.34
C ALA D 145 38.82 -26.82 -5.88
N GLU D 146 39.66 -26.22 -6.73
CA GLU D 146 40.28 -24.94 -6.41
C GLU D 146 39.33 -23.74 -6.31
N HIS D 147 38.05 -23.84 -6.68
CA HIS D 147 37.18 -22.66 -6.46
C HIS D 147 36.60 -22.65 -5.04
N ARG D 148 37.31 -22.07 -4.08
CA ARG D 148 36.91 -22.10 -2.67
C ARG D 148 36.13 -20.89 -2.16
N ILE D 149 36.31 -19.74 -2.80
CA ILE D 149 35.60 -18.48 -2.43
C ILE D 149 34.66 -18.10 -3.58
N VAL D 150 33.38 -18.40 -3.42
CA VAL D 150 32.44 -18.29 -4.52
C VAL D 150 31.32 -17.31 -4.21
N SER D 151 30.93 -16.53 -5.24
CA SER D 151 29.69 -15.74 -5.21
C SER D 151 28.57 -16.48 -5.93
N ASN D 152 27.36 -16.37 -5.44
CA ASN D 152 26.19 -17.00 -6.05
C ASN D 152 25.39 -15.98 -6.85
N ALA D 153 26.02 -14.83 -7.13
CA ALA D 153 25.44 -13.74 -7.89
C ALA D 153 24.31 -13.10 -7.05
N SER D 154 23.09 -12.97 -7.57
CA SER D 154 22.00 -12.35 -6.78
C SER D 154 20.68 -12.85 -7.35
N ALA D 155 19.59 -12.49 -6.69
CA ALA D 155 18.29 -13.03 -7.11
C ALA D 155 17.96 -12.65 -8.57
N THR D 156 18.13 -11.38 -8.89
CA THR D 156 17.73 -10.91 -10.20
C THR D 156 18.65 -11.42 -11.27
N THR D 157 19.95 -11.41 -10.99
CA THR D 157 20.97 -11.96 -11.86
C THR D 157 20.73 -13.42 -12.17
N ASN D 158 20.35 -14.19 -11.18
CA ASN D 158 20.02 -15.59 -11.40
C ASN D 158 18.74 -15.70 -12.21
N SER D 159 17.84 -14.71 -12.09
CA SER D 159 16.63 -14.72 -12.90
C SER D 159 16.88 -14.49 -14.39
N ILE D 160 17.59 -13.43 -14.75
CA ILE D 160 17.66 -13.03 -16.14
C ILE D 160 18.80 -13.70 -16.93
N ILE D 161 19.82 -14.22 -16.25
CA ILE D 161 20.98 -14.73 -17.03
C ILE D 161 20.65 -16.03 -17.78
N PRO D 162 19.91 -16.94 -17.18
CA PRO D 162 19.60 -18.12 -17.97
C PRO D 162 18.77 -17.78 -19.24
N VAL D 163 17.99 -16.70 -19.17
CA VAL D 163 17.12 -16.32 -20.28
C VAL D 163 17.97 -15.62 -21.33
N ILE D 164 18.83 -14.70 -20.88
CA ILE D 164 19.86 -14.12 -21.76
C ILE D 164 20.68 -15.20 -22.47
N LYS D 165 21.12 -16.24 -21.74
CA LYS D 165 21.82 -17.36 -22.37
C LYS D 165 21.01 -18.05 -23.42
N LEU D 166 19.76 -18.39 -23.11
CA LEU D 166 18.91 -19.09 -24.08
C LEU D 166 18.68 -18.30 -25.37
N LEU D 167 18.50 -16.99 -25.23
CA LEU D 167 18.19 -16.15 -26.39
C LEU D 167 19.46 -15.88 -27.17
N ASP D 168 20.59 -15.85 -26.46
CA ASP D 168 21.81 -15.61 -27.18
C ASP D 168 22.20 -16.87 -27.98
N ASP D 169 22.18 -18.05 -27.37
CA ASP D 169 22.48 -19.28 -28.09
C ASP D 169 21.67 -19.42 -29.35
N ALA D 170 20.39 -19.07 -29.29
CA ALA D 170 19.45 -19.25 -30.39
C ALA D 170 19.50 -18.17 -31.44
N TYR D 171 19.67 -16.89 -31.06
CA TYR D 171 19.49 -15.80 -32.04
C TYR D 171 20.63 -14.77 -32.16
N GLY D 172 21.63 -14.90 -31.29
CA GLY D 172 22.78 -13.96 -31.25
C GLY D 172 22.43 -12.55 -30.83
N ILE D 173 22.60 -12.28 -29.55
CA ILE D 173 22.31 -10.98 -28.97
C ILE D 173 23.36 -9.97 -29.45
N GLU D 174 22.89 -8.89 -30.07
N GLU D 174 22.92 -8.83 -30.00
CA GLU D 174 23.74 -7.78 -30.45
CA GLU D 174 23.82 -7.75 -30.46
C GLU D 174 23.88 -7.02 -29.16
C GLU D 174 23.91 -6.57 -29.50
N SER D 175 22.82 -6.33 -28.76
CA SER D 175 22.92 -5.58 -27.55
C SER D 175 21.67 -5.77 -26.65
N GLY D 176 21.70 -5.21 -25.43
CA GLY D 176 20.59 -5.44 -24.47
C GLY D 176 20.34 -4.26 -23.55
N THR D 177 19.08 -4.09 -23.13
CA THR D 177 18.74 -3.19 -22.07
C THR D 177 17.69 -3.88 -21.14
N VAL D 178 17.70 -3.58 -19.83
CA VAL D 178 16.90 -4.30 -18.86
C VAL D 178 16.28 -3.28 -17.90
N THR D 179 15.04 -3.54 -17.48
CA THR D 179 14.43 -2.80 -16.37
C THR D 179 13.99 -3.81 -15.34
N THR D 180 14.43 -3.66 -14.08
CA THR D 180 13.93 -4.44 -12.95
C THR D 180 12.82 -3.69 -12.20
N ILE D 181 11.71 -4.36 -11.89
CA ILE D 181 10.63 -3.81 -11.08
C ILE D 181 10.68 -4.61 -9.75
N HIS D 182 11.35 -4.05 -8.72
CA HIS D 182 11.46 -4.64 -7.38
C HIS D 182 10.21 -4.42 -6.58
N SER D 183 9.81 -5.43 -5.80
CA SER D 183 8.79 -5.20 -4.77
C SER D 183 9.46 -4.61 -3.52
N ALA D 184 8.70 -4.43 -2.44
CA ALA D 184 9.21 -3.84 -1.19
C ALA D 184 9.92 -4.90 -0.39
N MET D 185 11.04 -4.50 0.19
CA MET D 185 11.77 -5.33 1.13
C MET D 185 11.16 -5.05 2.49
N HIS D 186 10.78 -3.79 2.67
CA HIS D 186 10.13 -3.29 3.88
C HIS D 186 10.76 -3.81 5.17
N VAL D 190 10.10 4.18 7.36
CA VAL D 190 10.84 5.24 6.64
C VAL D 190 11.79 6.02 7.57
N ILE D 191 13.05 5.56 7.67
CA ILE D 191 13.99 6.20 8.62
C ILE D 191 14.18 7.70 8.27
N ASP D 192 13.93 8.58 9.26
CA ASP D 192 13.94 10.05 9.07
C ASP D 192 15.35 10.55 9.29
N ALA D 193 16.11 10.51 8.21
CA ALA D 193 17.53 10.83 8.19
C ALA D 193 17.96 11.20 6.77
N TYR D 194 19.18 11.72 6.63
CA TYR D 194 19.72 12.10 5.33
C TYR D 194 20.72 11.07 4.79
N HIS D 195 20.62 10.77 3.49
CA HIS D 195 21.53 9.89 2.82
C HIS D 195 22.04 10.59 1.56
N PRO D 196 23.26 10.32 1.12
CA PRO D 196 23.76 10.99 -0.12
C PRO D 196 22.83 10.69 -1.31
N ASP D 197 22.16 9.54 -1.30
CA ASP D 197 21.14 9.25 -2.29
C ASP D 197 19.79 9.78 -1.75
N LEU D 198 19.39 10.95 -2.21
CA LEU D 198 18.23 11.59 -1.72
C LEU D 198 16.94 10.86 -2.08
N ARG D 199 16.98 9.81 -2.87
CA ARG D 199 15.80 8.98 -3.06
C ARG D 199 15.46 8.08 -1.87
N ARG D 200 16.50 7.73 -1.12
CA ARG D 200 16.50 6.73 -0.05
C ARG D 200 15.52 7.06 1.06
N THR D 201 15.39 8.34 1.34
CA THR D 201 14.61 8.87 2.43
C THR D 201 13.09 8.94 2.03
N ARG D 202 12.77 8.62 0.80
CA ARG D 202 11.41 8.92 0.41
C ARG D 202 10.45 7.74 0.72
N ALA D 203 9.19 8.05 1.04
CA ALA D 203 8.28 7.00 1.46
C ALA D 203 8.01 5.95 0.32
N ALA D 204 8.48 4.73 0.55
CA ALA D 204 8.42 3.67 -0.43
C ALA D 204 7.00 3.30 -0.71
N SER D 205 6.14 3.47 0.29
CA SER D 205 4.76 2.97 0.16
C SER D 205 3.94 3.83 -0.79
N GLN D 206 4.47 4.99 -1.21
CA GLN D 206 3.67 5.96 -1.96
C GLN D 206 4.02 6.08 -3.48
N SER D 207 5.20 5.60 -3.86
CA SER D 207 5.77 5.99 -5.13
C SER D 207 6.37 4.85 -5.90
N ILE D 208 6.50 5.06 -7.22
CA ILE D 208 7.49 4.30 -7.99
C ILE D 208 8.84 5.01 -7.76
N ILE D 209 9.83 4.34 -7.19
CA ILE D 209 11.11 4.98 -6.93
C ILE D 209 12.32 4.40 -7.72
N PRO D 210 13.01 5.20 -8.55
CA PRO D 210 14.22 4.70 -9.19
C PRO D 210 15.28 4.22 -8.20
N VAL D 211 15.87 3.06 -8.40
CA VAL D 211 16.92 2.60 -7.54
C VAL D 211 18.12 2.28 -8.35
N ASP D 212 19.25 2.26 -7.66
CA ASP D 212 20.52 2.10 -8.35
C ASP D 212 20.59 0.62 -8.50
N THR D 213 20.85 0.15 -9.70
CA THR D 213 20.74 -1.29 -9.98
C THR D 213 22.12 -1.92 -10.30
N LYS D 214 22.32 -3.13 -9.80
CA LYS D 214 23.53 -3.86 -10.08
C LYS D 214 23.36 -4.85 -11.24
N LEU D 215 22.19 -4.81 -11.94
CA LEU D 215 21.89 -5.86 -12.91
C LEU D 215 22.85 -5.94 -14.13
N ALA D 216 23.16 -4.80 -14.74
CA ALA D 216 23.97 -4.78 -15.95
C ALA D 216 25.42 -5.19 -15.65
N ALA D 217 25.98 -4.58 -14.60
CA ALA D 217 27.32 -4.98 -14.15
C ALA D 217 27.35 -6.47 -13.86
N GLY D 218 26.31 -7.00 -13.21
CA GLY D 218 26.24 -8.46 -13.08
C GLY D 218 26.14 -9.18 -14.42
N ILE D 219 25.32 -8.68 -15.35
CA ILE D 219 25.22 -9.35 -16.64
C ILE D 219 26.58 -9.31 -17.36
N THR D 220 27.31 -8.20 -17.27
CA THR D 220 28.58 -8.03 -18.00
C THR D 220 29.84 -8.58 -17.34
N ARG D 221 29.83 -8.89 -16.05
CA ARG D 221 30.89 -9.75 -15.46
C ARG D 221 30.67 -11.17 -15.97
N PHE D 222 29.40 -11.59 -16.11
CA PHE D 222 29.04 -12.97 -16.51
C PHE D 222 29.21 -13.24 -17.99
N PHE D 223 28.94 -12.21 -18.79
CA PHE D 223 29.21 -12.28 -20.21
C PHE D 223 30.02 -10.98 -20.52
N PRO D 224 31.37 -11.05 -20.43
CA PRO D 224 32.14 -9.82 -20.61
C PRO D 224 32.07 -9.14 -22.00
N GLN D 225 31.73 -9.89 -23.10
CA GLN D 225 31.51 -9.30 -24.45
C GLN D 225 30.45 -8.18 -24.52
N PHE D 226 29.51 -8.20 -23.56
CA PHE D 226 28.42 -7.25 -23.56
C PHE D 226 28.78 -5.91 -22.88
N ASN D 227 30.04 -5.79 -22.48
CA ASN D 227 30.48 -4.65 -21.68
C ASN D 227 30.25 -3.18 -22.16
N ASP D 228 30.21 -2.88 -23.46
CA ASP D 228 29.72 -1.53 -23.87
C ASP D 228 28.35 -1.69 -24.58
N ARG D 229 27.63 -2.78 -24.24
CA ARG D 229 26.51 -3.34 -25.03
C ARG D 229 25.22 -3.72 -24.21
N PHE D 230 25.21 -3.37 -22.92
CA PHE D 230 24.14 -3.75 -22.01
C PHE D 230 24.01 -2.64 -20.99
N GLU D 231 22.78 -2.22 -20.72
CA GLU D 231 22.51 -1.28 -19.61
C GLU D 231 21.32 -1.76 -18.80
N ALA D 232 21.13 -1.18 -17.62
CA ALA D 232 20.00 -1.56 -16.74
C ALA D 232 19.51 -0.34 -15.94
N ILE D 233 18.21 -0.20 -15.74
CA ILE D 233 17.69 0.72 -14.76
C ILE D 233 16.75 -0.09 -13.88
N ALA D 234 16.16 0.52 -12.87
CA ALA D 234 15.36 -0.24 -11.92
C ALA D 234 14.52 0.64 -11.08
N VAL D 235 13.31 0.17 -10.77
CA VAL D 235 12.47 0.94 -9.86
C VAL D 235 12.04 0.00 -8.75
N ARG D 236 11.52 0.60 -7.70
CA ARG D 236 10.96 -0.14 -6.57
C ARG D 236 9.48 0.32 -6.43
N VAL D 237 8.54 -0.61 -6.27
CA VAL D 237 7.12 -0.26 -6.15
C VAL D 237 6.55 -0.93 -4.89
N PRO D 238 5.43 -0.40 -4.33
CA PRO D 238 4.96 -0.92 -3.00
C PRO D 238 4.09 -2.18 -3.15
N THR D 239 4.70 -3.25 -3.63
CA THR D 239 4.05 -4.53 -3.74
C THR D 239 4.87 -5.51 -2.91
N ILE D 240 4.50 -6.78 -2.89
CA ILE D 240 5.23 -7.72 -2.00
C ILE D 240 5.74 -8.97 -2.66
N ASN D 241 6.90 -9.44 -2.14
CA ASN D 241 7.33 -10.83 -2.33
C ASN D 241 8.02 -11.06 -3.67
N VAL D 242 7.52 -10.43 -4.78
CA VAL D 242 7.95 -10.84 -6.17
C VAL D 242 8.44 -9.69 -7.04
N THR D 243 9.44 -9.98 -7.84
CA THR D 243 10.05 -8.99 -8.71
C THR D 243 9.83 -9.37 -10.20
N ALA D 244 9.76 -8.34 -11.04
CA ALA D 244 9.64 -8.48 -12.49
C ALA D 244 10.87 -7.93 -13.18
N ILE D 245 11.30 -8.60 -14.24
CA ILE D 245 12.44 -8.14 -14.99
C ILE D 245 12.03 -8.03 -16.42
N ASP D 246 12.27 -6.87 -17.01
CA ASP D 246 11.76 -6.55 -18.32
C ASP D 246 12.98 -6.42 -19.24
N LEU D 247 13.23 -7.49 -20.01
CA LEU D 247 14.42 -7.59 -20.88
C LEU D 247 14.20 -7.26 -22.35
N SER D 248 15.02 -6.39 -22.93
CA SER D 248 14.83 -6.05 -24.33
C SER D 248 16.15 -6.30 -25.00
N VAL D 249 16.21 -7.18 -26.01
CA VAL D 249 17.45 -7.45 -26.72
C VAL D 249 17.28 -7.39 -28.25
N THR D 250 18.28 -6.82 -28.94
CA THR D 250 18.33 -6.86 -30.38
C THR D 250 19.17 -8.10 -30.71
N VAL D 251 18.62 -8.91 -31.62
CA VAL D 251 19.25 -10.17 -32.00
C VAL D 251 19.57 -10.17 -33.47
N LYS D 252 20.45 -11.10 -33.86
CA LYS D 252 20.90 -11.14 -35.23
C LYS D 252 19.93 -11.94 -36.09
N LYS D 253 19.45 -13.08 -35.61
CA LYS D 253 18.49 -13.90 -36.36
C LYS D 253 17.08 -13.28 -36.40
N PRO D 254 16.46 -13.17 -37.61
CA PRO D 254 15.02 -12.76 -37.65
C PRO D 254 14.16 -13.71 -36.82
N VAL D 255 13.20 -13.17 -36.08
CA VAL D 255 12.44 -14.00 -35.18
C VAL D 255 11.00 -13.48 -34.89
N LYS D 256 10.11 -14.44 -34.60
CA LYS D 256 8.69 -14.17 -34.22
C LYS D 256 8.46 -14.49 -32.75
N ALA D 257 7.47 -13.82 -32.18
CA ALA D 257 7.20 -13.99 -30.75
C ALA D 257 6.87 -15.43 -30.38
N ASN D 258 6.05 -16.11 -31.19
CA ASN D 258 5.63 -17.46 -30.84
C ASN D 258 6.79 -18.45 -30.84
N GLU D 259 7.84 -18.13 -31.60
CA GLU D 259 9.08 -18.93 -31.64
C GLU D 259 9.94 -18.68 -30.43
N VAL D 260 10.04 -17.42 -30.01
CA VAL D 260 10.77 -17.09 -28.79
C VAL D 260 10.08 -17.87 -27.67
N ASN D 261 8.76 -17.92 -27.71
CA ASN D 261 8.05 -18.49 -26.61
C ASN D 261 8.29 -19.98 -26.59
N LEU D 262 8.30 -20.62 -27.75
CA LEU D 262 8.46 -22.07 -27.85
C LEU D 262 9.84 -22.48 -27.38
N LEU D 263 10.83 -21.69 -27.73
CA LEU D 263 12.18 -21.92 -27.32
C LEU D 263 12.28 -21.91 -25.76
N LEU D 264 11.79 -20.83 -25.13
CA LEU D 264 11.85 -20.65 -23.68
C LEU D 264 11.02 -21.72 -22.97
N GLN D 265 9.91 -22.11 -23.56
CA GLN D 265 9.04 -23.15 -23.01
C GLN D 265 9.68 -24.55 -22.99
N LYS D 266 10.38 -24.87 -24.08
CA LYS D 266 11.10 -26.12 -24.16
C LYS D 266 12.30 -26.16 -23.21
N ALA D 267 13.02 -25.05 -23.10
CA ALA D 267 14.07 -24.88 -22.11
C ALA D 267 13.54 -25.14 -20.68
N ALA D 268 12.32 -24.66 -20.38
CA ALA D 268 11.68 -24.95 -19.11
C ALA D 268 11.33 -26.41 -18.91
N GLN D 269 11.01 -27.10 -19.98
CA GLN D 269 10.75 -28.54 -19.93
C GLN D 269 11.97 -29.44 -19.94
N GLY D 270 13.12 -28.91 -20.36
CA GLY D 270 14.32 -29.70 -20.64
C GLY D 270 15.54 -29.21 -19.86
N ALA D 271 16.53 -28.63 -20.55
CA ALA D 271 17.83 -28.32 -19.93
C ALA D 271 17.70 -27.44 -18.67
N PHE D 272 16.65 -26.61 -18.60
CA PHE D 272 16.49 -25.74 -17.43
C PHE D 272 15.32 -26.11 -16.55
N HIS D 273 14.86 -27.36 -16.64
CA HIS D 273 13.81 -27.86 -15.74
C HIS D 273 14.21 -27.58 -14.31
N GLY D 274 13.33 -26.90 -13.57
CA GLY D 274 13.59 -26.58 -12.14
C GLY D 274 14.32 -25.28 -11.87
N ILE D 275 14.82 -24.65 -12.93
CA ILE D 275 15.58 -23.43 -12.80
C ILE D 275 14.78 -22.27 -13.49
N VAL D 276 14.52 -22.43 -14.80
CA VAL D 276 13.61 -21.54 -15.54
C VAL D 276 12.28 -22.27 -15.73
N ASP D 277 11.17 -21.60 -15.41
CA ASP D 277 9.85 -22.12 -15.72
C ASP D 277 9.15 -21.22 -16.76
N TYR D 278 8.02 -21.68 -17.29
CA TYR D 278 7.35 -20.96 -18.32
C TYR D 278 5.81 -21.00 -18.17
N THR D 279 5.12 -19.89 -18.32
CA THR D 279 3.67 -19.93 -18.17
C THR D 279 2.99 -19.03 -19.20
N GLU D 280 1.73 -19.36 -19.57
CA GLU D 280 0.79 -18.52 -20.30
C GLU D 280 -0.53 -18.32 -19.55
N LEU D 281 -0.57 -18.72 -18.30
CA LEU D 281 -1.74 -18.49 -17.52
C LEU D 281 -1.88 -16.99 -17.20
N PRO D 282 -3.07 -16.55 -16.97
CA PRO D 282 -3.32 -15.16 -16.52
C PRO D 282 -3.02 -15.00 -15.01
N LEU D 283 -1.73 -14.78 -14.70
CA LEU D 283 -1.24 -14.75 -13.32
C LEU D 283 -0.80 -13.31 -12.93
N VAL D 284 -0.59 -13.08 -11.64
CA VAL D 284 -0.14 -11.75 -11.18
C VAL D 284 1.11 -12.01 -10.32
N SER D 285 1.85 -10.95 -9.94
CA SER D 285 3.19 -11.15 -9.26
C SER D 285 3.07 -12.10 -8.05
N VAL D 286 2.00 -11.98 -7.26
CA VAL D 286 1.92 -12.81 -6.04
C VAL D 286 1.74 -14.35 -6.26
N ASP D 287 1.35 -14.71 -7.51
CA ASP D 287 1.25 -16.11 -7.91
C ASP D 287 2.60 -16.84 -7.94
N PHE D 288 3.71 -16.09 -7.93
CA PHE D 288 5.09 -16.66 -7.97
C PHE D 288 5.74 -16.52 -6.58
N ASN D 289 4.95 -16.06 -5.59
CA ASN D 289 5.45 -16.02 -4.21
C ASN D 289 5.81 -17.43 -3.75
N HIS D 290 7.03 -17.60 -3.19
CA HIS D 290 7.47 -18.91 -2.73
C HIS D 290 7.64 -19.96 -3.86
N ASP D 291 7.77 -19.46 -5.06
CA ASP D 291 8.10 -20.33 -6.18
C ASP D 291 9.62 -20.50 -6.22
N PRO D 292 10.14 -21.74 -6.23
CA PRO D 292 11.58 -21.92 -6.12
C PRO D 292 12.38 -21.89 -7.44
N HIS D 293 11.76 -21.63 -8.59
CA HIS D 293 12.53 -21.38 -9.83
C HIS D 293 13.39 -20.16 -9.72
N SER D 294 14.52 -20.11 -10.42
CA SER D 294 15.23 -18.82 -10.52
C SER D 294 14.44 -17.82 -11.39
N ALA D 295 13.64 -18.32 -12.34
CA ALA D 295 12.94 -17.47 -13.34
C ALA D 295 11.62 -18.11 -13.79
N ILE D 296 10.56 -17.31 -13.89
CA ILE D 296 9.42 -17.78 -14.61
C ILE D 296 9.14 -16.81 -15.78
N VAL D 297 9.29 -17.29 -17.01
CA VAL D 297 9.00 -16.49 -18.19
C VAL D 297 7.45 -16.34 -18.31
N ASP D 298 6.97 -15.10 -18.40
CA ASP D 298 5.56 -14.89 -18.64
C ASP D 298 5.36 -14.82 -20.18
N GLY D 299 4.89 -15.94 -20.77
CA GLY D 299 4.74 -16.05 -22.22
C GLY D 299 3.76 -15.08 -22.84
N THR D 300 2.73 -14.72 -22.09
CA THR D 300 1.73 -13.77 -22.58
C THR D 300 2.35 -12.37 -22.85
N GLN D 301 3.50 -12.06 -22.28
CA GLN D 301 4.07 -10.74 -22.40
C GLN D 301 5.20 -10.68 -23.43
N THR D 302 5.57 -11.80 -24.03
CA THR D 302 6.60 -11.81 -25.06
C THR D 302 6.23 -10.98 -26.30
N ARG D 303 7.21 -10.25 -26.89
CA ARG D 303 6.97 -9.37 -28.07
C ARG D 303 8.24 -9.38 -28.86
N VAL D 304 8.11 -9.21 -30.16
CA VAL D 304 9.28 -9.02 -31.04
C VAL D 304 8.95 -7.82 -31.93
N SER D 305 9.79 -6.79 -31.88
CA SER D 305 9.55 -5.63 -32.74
C SER D 305 10.41 -5.70 -33.97
N GLY D 306 9.73 -5.63 -35.12
CA GLY D 306 10.36 -5.63 -36.42
C GLY D 306 11.33 -6.78 -36.55
N ALA D 307 10.99 -7.90 -35.92
CA ALA D 307 11.73 -9.17 -36.12
C ALA D 307 13.10 -9.24 -35.45
N HIS D 308 13.62 -8.13 -34.97
CA HIS D 308 14.91 -8.19 -34.26
C HIS D 308 14.95 -7.77 -32.78
N LEU D 309 13.89 -7.16 -32.27
CA LEU D 309 13.91 -6.58 -30.92
C LEU D 309 12.96 -7.33 -29.97
N ILE D 310 13.50 -8.23 -29.16
CA ILE D 310 12.70 -9.12 -28.33
C ILE D 310 12.51 -8.49 -26.99
N LYS D 311 11.26 -8.43 -26.52
CA LYS D 311 11.00 -8.07 -25.14
C LYS D 311 10.47 -9.32 -24.45
N THR D 312 11.00 -9.58 -23.26
CA THR D 312 10.45 -10.63 -22.46
C THR D 312 10.31 -10.14 -21.00
N LEU D 313 9.24 -10.56 -20.33
CA LEU D 313 9.01 -10.23 -18.93
C LEU D 313 9.25 -11.50 -18.12
N VAL D 314 10.03 -11.39 -17.03
CA VAL D 314 10.40 -12.57 -16.24
C VAL D 314 10.13 -12.32 -14.76
N TRP D 315 9.56 -13.32 -14.08
CA TRP D 315 9.24 -13.16 -12.70
C TRP D 315 10.16 -14.00 -11.83
N CYS D 316 10.43 -13.52 -10.60
CA CYS D 316 11.00 -14.36 -9.53
C CYS D 316 10.52 -13.91 -8.17
N ASP D 317 10.44 -14.89 -7.28
CA ASP D 317 10.32 -14.55 -5.89
C ASP D 317 11.63 -13.84 -5.53
N ASN D 318 11.49 -12.75 -4.77
CA ASN D 318 12.61 -11.90 -4.31
C ASN D 318 13.78 -12.67 -3.71
N GLU D 319 13.43 -13.77 -3.02
CA GLU D 319 14.43 -14.51 -2.32
C GLU D 319 14.37 -15.99 -2.35
N TRP D 320 13.20 -16.53 -2.62
CA TRP D 320 13.01 -17.98 -2.43
C TRP D 320 13.72 -18.81 -3.51
N GLY D 321 13.69 -18.38 -4.78
CA GLY D 321 14.47 -19.13 -5.81
C GLY D 321 15.97 -19.05 -5.43
N PHE D 322 16.42 -17.83 -5.12
CA PHE D 322 17.82 -17.56 -4.81
C PHE D 322 18.30 -18.39 -3.61
N ALA D 323 17.49 -18.49 -2.55
CA ALA D 323 17.82 -19.33 -1.38
C ALA D 323 17.94 -20.80 -1.75
N ASN D 324 17.15 -21.24 -2.70
CA ASN D 324 17.21 -22.61 -3.07
C ASN D 324 18.47 -22.81 -3.89
N ARG D 325 18.83 -21.78 -4.66
CA ARG D 325 20.04 -21.90 -5.50
C ARG D 325 21.28 -21.87 -4.62
N MET D 326 21.27 -21.09 -3.52
CA MET D 326 22.39 -21.08 -2.56
C MET D 326 22.72 -22.50 -2.21
N LEU D 327 21.72 -23.34 -2.02
CA LEU D 327 21.92 -24.76 -1.65
C LEU D 327 22.36 -25.62 -2.81
N ASP D 328 21.82 -25.36 -4.02
CA ASP D 328 22.26 -26.13 -5.16
C ASP D 328 23.75 -25.89 -5.40
N THR D 329 24.15 -24.62 -5.42
CA THR D 329 25.55 -24.24 -5.58
C THR D 329 26.43 -24.78 -4.45
N THR D 330 25.90 -24.74 -3.22
CA THR D 330 26.64 -25.23 -2.06
C THR D 330 26.94 -26.68 -2.27
N LEU D 331 25.91 -27.42 -2.66
CA LEU D 331 26.03 -28.85 -2.89
C LEU D 331 27.02 -29.10 -4.01
N ALA D 332 26.99 -28.27 -5.05
CA ALA D 332 27.86 -28.56 -6.15
C ALA D 332 29.32 -28.27 -5.69
N MET D 333 29.53 -27.20 -4.94
CA MET D 333 30.88 -26.91 -4.45
C MET D 333 31.47 -27.99 -3.56
N ALA D 334 30.62 -28.58 -2.72
CA ALA D 334 31.08 -29.62 -1.80
C ALA D 334 31.29 -30.93 -2.51
N THR D 335 30.87 -31.00 -3.77
CA THR D 335 30.84 -32.24 -4.50
C THR D 335 32.09 -32.41 -5.32
N VAL D 336 32.55 -31.33 -5.94
CA VAL D 336 33.85 -31.33 -6.66
C VAL D 336 35.09 -31.26 -5.78
N ALA D 337 34.91 -31.03 -4.47
CA ALA D 337 36.01 -31.17 -3.48
C ALA D 337 36.49 -32.65 -3.35
N PHE D 338 35.58 -33.61 -3.62
CA PHE D 338 35.88 -35.06 -3.83
C PHE D 338 35.88 -35.44 -5.34
C1 GOL E . 4.11 34.14 -2.47
O1 GOL E . 5.33 34.47 -3.10
C2 GOL E . 3.91 32.60 -2.47
O2 GOL E . 4.74 31.85 -3.36
C3 GOL E . 2.39 32.24 -2.46
O3 GOL E . 2.18 30.86 -2.69
C1 GOL F . -19.37 17.75 35.61
O1 GOL F . -20.01 18.99 35.37
C2 GOL F . -19.90 17.03 36.84
O2 GOL F . -18.96 16.05 37.27
C3 GOL F . -21.24 16.34 36.57
O3 GOL F . -21.60 15.54 37.68
C1 EDO G . 22.43 12.08 23.34
O1 EDO G . 21.17 11.94 23.99
C2 EDO G . 22.43 13.39 22.56
O2 EDO G . 22.94 13.21 21.22
O1 PG4 H . 25.02 15.93 -10.13
C1 PG4 H . 25.96 16.74 -9.37
C2 PG4 H . 26.35 16.13 -8.00
O2 PG4 H . 25.30 16.32 -7.01
C3 PG4 H . 25.70 16.31 -5.62
C4 PG4 H . 24.80 17.13 -4.69
O3 PG4 H . 23.44 16.63 -4.71
C5 PG4 H . 22.51 17.48 -4.01
C6 PG4 H . 21.04 17.49 -4.51
O4 PG4 H . 20.85 18.14 -5.76
C7 PG4 H . 19.73 19.01 -5.85
C8 PG4 H . 20.10 20.50 -5.79
O5 PG4 H . 19.58 21.14 -4.59
CL CL I . 8.93 11.45 1.59
C1 PGE J . -20.15 30.52 13.43
O1 PGE J . -20.50 30.14 14.77
C2 PGE J . -18.70 30.07 13.12
O2 PGE J . -17.78 30.59 14.10
C3 PGE J . -16.41 30.53 13.67
C4 PGE J . -15.58 31.39 14.61
O4 PGE J . -14.26 35.47 12.61
C6 PGE J . -13.76 34.14 12.80
C5 PGE J . -14.80 33.43 13.65
O3 PGE J . -14.53 32.05 13.89
C1 GOL K . -10.83 -28.30 16.85
O1 GOL K . -9.50 -28.02 16.41
C2 GOL K . -11.89 -27.63 15.95
O2 GOL K . -11.31 -26.88 14.88
C3 GOL K . -12.97 -26.79 16.67
O3 GOL K . -13.91 -26.35 15.69
C1 GOL L . -28.29 -40.04 -2.04
O1 GOL L . -27.09 -40.77 -2.25
C2 GOL L . -28.74 -39.25 -3.29
O2 GOL L . -27.87 -39.31 -4.41
C3 GOL L . -30.18 -39.55 -3.70
O3 GOL L . -30.49 -38.75 -4.81
C1 EDO M . -2.61 -32.64 -0.48
O1 EDO M . -2.69 -33.94 -1.10
C2 EDO M . -1.18 -32.21 -0.17
O2 EDO M . -1.16 -31.67 1.17
CL CL N . -6.81 -12.33 -5.18
C1 PEG O . -10.14 -37.36 -13.78
O1 PEG O . -10.66 -37.94 -15.00
C2 PEG O . -9.55 -35.96 -14.03
O2 PEG O . -9.76 -35.43 -15.36
C3 PEG O . -8.76 -35.69 -16.36
C4 PEG O . -8.79 -34.70 -17.53
O4 PEG O . -8.42 -33.33 -17.19
C1 PEG P . -9.02 -19.33 -17.79
O1 PEG P . -10.23 -19.09 -18.54
C2 PEG P . -8.40 -20.73 -17.82
O2 PEG P . -6.99 -20.61 -18.00
C3 PEG P . -6.71 -19.76 -19.16
C4 PEG P . -5.40 -19.99 -19.96
O4 PEG P . -5.31 -21.32 -20.49
C1 PGE Q . -45.66 -21.35 -3.43
O1 PGE Q . -46.95 -21.43 -2.79
C2 PGE Q . -45.48 -22.50 -4.44
O2 PGE Q . -44.31 -23.28 -4.14
C3 PGE Q . -43.15 -22.97 -4.95
C4 PGE Q . -41.81 -23.08 -4.20
O4 PGE Q . -39.76 -19.14 -2.22
C6 PGE Q . -40.56 -20.31 -2.00
C5 PGE Q . -40.42 -21.42 -3.07
O3 PGE Q . -41.66 -22.13 -3.12
C1 PGE R . -29.75 -12.38 -9.26
O1 PGE R . -28.33 -12.47 -9.39
C2 PGE R . -30.02 -12.46 -7.74
O2 PGE R . -31.36 -12.10 -7.41
C3 PGE R . -31.55 -11.83 -6.01
C4 PGE R . -31.88 -10.35 -5.76
O4 PGE R . -35.42 -12.22 -4.72
C6 PGE R . -35.13 -10.88 -4.29
C5 PGE R . -34.25 -10.09 -5.27
O3 PGE R . -32.91 -10.14 -4.76
C1 EDO S . -26.95 30.83 -26.54
O1 EDO S . -25.69 31.41 -26.14
C2 EDO S . -26.94 30.75 -28.05
O2 EDO S . -28.10 30.05 -28.50
C1 EDO T . -7.26 30.27 -5.77
O1 EDO T . -5.88 30.71 -5.74
C2 EDO T . -8.20 31.37 -6.25
O2 EDO T . -9.41 31.16 -5.53
C1 PGE U . -13.30 1.94 -25.35
O1 PGE U . -12.47 1.64 -24.23
C2 PGE U . -14.04 3.25 -25.09
O2 PGE U . -15.14 3.42 -25.98
C3 PGE U . -14.81 3.61 -27.38
C4 PGE U . -16.06 3.72 -28.29
O4 PGE U . -13.41 1.28 -31.20
C6 PGE U . -13.98 1.71 -29.97
C5 PGE U . -14.52 3.14 -30.15
O3 PGE U . -15.87 3.30 -29.67
CL CL V . -10.36 9.31 -4.37
C1 GOL W . 7.66 -32.63 9.37
O1 GOL W . 7.07 -32.26 10.60
C2 GOL W . 7.40 -31.53 8.35
O2 GOL W . 6.75 -30.43 8.94
C3 GOL W . 6.63 -32.02 7.11
O3 GOL W . 5.91 -30.95 6.54
C1 GOL X . 23.42 -11.16 22.19
O1 GOL X . 24.71 -11.69 22.35
C2 GOL X . 23.68 -9.86 21.47
O2 GOL X . 22.49 -9.15 21.14
C3 GOL X . 24.71 -10.05 20.34
O3 GOL X . 24.68 -8.95 19.45
C1 EDO Y . 10.94 -13.25 -39.42
O1 EDO Y . 10.55 -14.63 -39.31
C2 EDO Y . 9.81 -12.40 -39.98
O2 EDO Y . 8.87 -12.12 -38.95
#